data_7E9G
#
_entry.id   7E9G
#
_cell.length_a   1.00
_cell.length_b   1.00
_cell.length_c   1.00
_cell.angle_alpha   90.00
_cell.angle_beta   90.00
_cell.angle_gamma   90.00
#
_symmetry.space_group_name_H-M   'P 1'
#
loop_
_entity.id
_entity.type
_entity.pdbx_description
1 polymer 'Metabotropic glutamate receptor 2'
2 polymer 'Guanine nucleotide-binding protein G(i) subunit alpha-1'
3 polymer 'Guanine nucleotide-binding protein G(I)/G(S)/G(T) subunit beta-1'
4 polymer 'Guanine nucleotide-binding protein G(I)/G(S)/G(O) subunit gamma-2'
5 polymer scFv16
6 polymer DN13
7 non-polymer '(1S,2S,5R,6S)-2-aminobicyclo[3.1.0]hexane-2,6-dicarboxylic acid'
8 non-polymer 1-butyl-3-chloranyl-4-(4-phenylpiperidin-1-yl)pyridin-2-one
#
loop_
_entity_poly.entity_id
_entity_poly.type
_entity_poly.pdbx_seq_one_letter_code
_entity_poly.pdbx_strand_id
1 'polypeptide(L)'
;DYKDDDDGAPEGPAKKVLTLEGDLVLGGLFPVHQKGGPAEDCGPVNEHRGIQRLEAMLFALDRINRDPHLLPGVRLGAHI
LDSCSKDTHALEQALDFVRASLSRGADGSRHICPDGSYATHGDAPTAITGVIGGSYSDVSIQVANLLRLFQIPQISYAST
SAKLSDKSRYDYFARTVPPDFFQAKAMAEILRFFNWTYVSTVASEGDYGETGIEAFELEARARNICVATSEKVGRAMSRA
AFEGVVRALLQKPSARVAVLFTRSEDARELLAASQRLNASFTWVASDGWGALESVVAGSEGAAEGAITIELASYPISDFA
SYFQSLDPWNNSRNPWFREFWEQRFRCSFRQRDCAAHSLRAVPFEQESKIMFVVNAVYAMAHALHNMHRALCPNTTRLCD
AMRPVNGRRLYKDFVLNVKFDAPFRPADTHNEVRFDRFGDGIGRYNIFTYLRAGSGRYRYQKVGYWAEGLTLDTSLIPWA
SPSAGPLPASRCSEPCLQNEVKSVQPGEVCCWLCIPCQPYEYRLDEFTCADCGLGYWPNASLTGCFELPQEYIRWGDAWA
VGPVTIACLGALATLFVLGVFVRHNATPVVKAAGRELCYILLGGVFLCYCMTFIFIAKPSTAVCTLRRLGLGTAFSVCYS
ALLTKTNRIARIFGGAREGAQRPRFISPASQVAICLALISGQLLIVVAWLVVEAPGTGKETAPERREVVTLRCNHRDASM
LGSLAYNVLLIALCTLYAFKTRKCPENFNEAKFIGFTMYTTCIIWLAFLPIFYVTSSDYRVQTTTMCVSVSLSGSVVLGC
LFAPKLHIILFQPQKNV
;
R,S
2 'polypeptide(L)'
;MGCTLSAEDKAAVERSKMIDRNLREDGEKAAREVKLLLLGAGESGKNTIVKQMKIIHEAGYSEEECKQYKAVVYSNTIQS
IIAIIRAMGRLKIDFGDSARADDARQLFVLAGAAEEGFMTAELAGVIKRLWKDSGVQACFNRSREYQLNDSAAYYLNDLD
RIAQPNYIPTQQDVLRTRVKTTGIVETHFTFKDLHFKMFDVGAQRSERKKWIHCFEGVTAIIFCVALSDYDLVLAEDEEM
NRMHASMKLFDSICNNKWFTDTSIILFLNKKDLFEEKIKKSPLTICYPEYAGSNTYEEAAAYIQCQFEDLNKRKDTKEIY
THFTCSTDTKNVQFVFDAVTDVIIKNNLKDCGLF
;
A
3 'polypeptide(L)'
;MHHHHHHGSLLQSELDQLRQEAEQLKNQIRDARKACADATLSQITNNIDPVGRIQMRTRRTLRGHLAKIYAMHWGTDSRL
LVSASQDGKLIIWDSYTTNKVHAIPLRSSWVMTCAYAPSGNYVACGGLDNICSIYNLKTREGNVRVSRELAGHTGYLSCC
RFLDDNQIVTSSGDTTCALWDIETGQQTTTFTGHTGDVMSLSLAPDTRLFVSGACDASAKLWDVREGMCRQTFTGHESDI
NAICFFPNGNAFATGSDDATCRLFDLRADQELMTYSHDNIICGITSVSFSKSGRLLLAGYDDFNCNVWDALKADRAGVLA
GHDNRVSCLGVTDDGMAVATGSWDSFLKIWN
;
B
4 'polypeptide(L)' MASNNTASIAQARKLVEQLKMEANIDRIKVSKAAADLMAYCEAHAKEDPLLTPVPASENPFREKKFFCAIL C
5 'polypeptide(L)'
;DVQLVESGGGLVQPGGSRKLSCSASGFAFSSFGMHWVRQAPEKGLEWVAYISSGSGTIYYADTVKGRFTISRDDPKNTLF
LQMTSLRSEDTAMYYCVRSIYYYGSSPFDFWGQGTTLTVSSGGGGSGGGGSGGGGSDIVMTQATSSVPVTPGESVSISCR
SSKSLLHSNGNTYLYWFLQRPGQSPQLLIYRMSNLASGVPDRFSGSGSGTAFTLTISRLEAEDVGVYYCMQHLEYPLTFG
AGTKLELKAAALEVLFQ
;
D
6 'polypeptide(L)'
;QVQLVQSGGGLVQAGGSLRLSCAASVRFFSINTMGWYRQAPGKQRELVADITSSGSTNYADSGKGRFTISRDNAKNTVYL
QMNRLKPEDTAVYYCHADYKYTTHNTAWGQGTQVTVSSLEVLFQ
;
E,F
#
# COMPACT_ATOMS: atom_id res chain seq x y z
N LYS A 15 41.81 -60.11 53.70
CA LYS A 15 41.08 -60.72 52.58
C LYS A 15 40.87 -62.21 52.82
N LYS A 16 39.62 -62.58 53.07
CA LYS A 16 39.25 -63.95 53.32
C LYS A 16 38.74 -64.63 52.05
N VAL A 17 38.95 -65.94 51.97
CA VAL A 17 38.60 -66.73 50.80
C VAL A 17 37.49 -67.69 51.17
N LEU A 18 36.45 -67.76 50.34
CA LEU A 18 35.36 -68.70 50.52
C LEU A 18 35.46 -69.75 49.42
N THR A 19 35.62 -71.01 49.83
CA THR A 19 35.83 -72.10 48.88
C THR A 19 34.95 -73.28 49.25
N LEU A 20 34.34 -73.89 48.25
CA LEU A 20 33.56 -75.11 48.41
C LEU A 20 34.30 -76.27 47.75
N GLU A 21 33.89 -77.48 48.11
CA GLU A 21 34.49 -78.71 47.58
C GLU A 21 33.57 -79.32 46.53
N GLY A 22 34.15 -79.69 45.40
CA GLY A 22 33.37 -80.31 44.34
C GLY A 22 34.29 -80.89 43.29
N ASP A 23 33.68 -81.62 42.35
CA ASP A 23 34.43 -82.21 41.25
C ASP A 23 35.09 -81.12 40.41
N LEU A 24 34.30 -80.17 39.93
CA LEU A 24 34.80 -78.99 39.24
C LEU A 24 34.31 -77.75 39.97
N VAL A 25 35.19 -76.78 40.16
CA VAL A 25 34.87 -75.57 40.91
C VAL A 25 34.67 -74.43 39.91
N LEU A 26 33.70 -73.57 40.21
CA LEU A 26 33.45 -72.38 39.42
C LEU A 26 33.62 -71.15 40.31
N GLY A 27 34.15 -70.08 39.73
CA GLY A 27 34.38 -68.87 40.49
C GLY A 27 33.14 -68.01 40.62
N GLY A 28 33.29 -66.95 41.41
CA GLY A 28 32.24 -65.97 41.58
C GLY A 28 32.82 -64.72 42.21
N LEU A 29 32.31 -63.55 41.84
CA LEU A 29 32.79 -62.28 42.38
C LEU A 29 31.58 -61.45 42.77
N PHE A 30 31.36 -61.28 44.07
CA PHE A 30 30.17 -60.58 44.54
C PHE A 30 30.57 -59.37 45.38
N PRO A 31 29.88 -58.25 45.22
CA PRO A 31 30.22 -57.04 46.00
C PRO A 31 29.72 -57.13 47.44
N VAL A 32 30.34 -58.03 48.21
CA VAL A 32 29.92 -58.23 49.60
C VAL A 32 30.16 -56.97 50.41
N HIS A 33 31.31 -56.34 50.22
CA HIS A 33 31.61 -55.09 50.91
C HIS A 33 31.27 -53.91 50.00
N GLN A 34 31.01 -52.77 50.65
CA GLN A 34 30.63 -51.56 49.92
C GLN A 34 31.88 -50.91 49.35
N LYS A 35 31.73 -49.67 48.85
CA LYS A 35 32.84 -48.96 48.24
C LYS A 35 33.98 -48.77 49.24
N GLY A 36 35.20 -48.89 48.75
CA GLY A 36 36.36 -48.78 49.63
C GLY A 36 36.54 -47.36 50.13
N GLY A 37 36.77 -47.21 51.42
CA GLY A 37 37.04 -45.92 52.00
C GLY A 37 38.50 -45.54 51.88
N PRO A 38 38.87 -44.39 52.41
CA PRO A 38 40.28 -43.96 52.33
C PRO A 38 41.21 -44.81 53.18
N ALA A 39 40.71 -45.48 54.22
CA ALA A 39 41.57 -46.24 55.11
C ALA A 39 41.89 -47.63 54.55
N GLU A 40 40.86 -48.44 54.34
CA GLU A 40 41.02 -49.82 53.90
C GLU A 40 40.62 -49.95 52.43
N ASP A 41 40.73 -51.18 51.91
CA ASP A 41 40.36 -51.43 50.52
C ASP A 41 38.85 -51.51 50.34
N CYS A 42 38.11 -51.91 51.37
CA CYS A 42 36.67 -51.91 51.33
C CYS A 42 36.13 -51.87 52.76
N GLY A 43 35.05 -51.13 52.96
CA GLY A 43 34.54 -50.86 54.28
C GLY A 43 33.36 -51.72 54.67
N PRO A 44 32.17 -51.10 54.76
CA PRO A 44 31.01 -51.81 55.27
C PRO A 44 30.56 -52.91 54.31
N VAL A 45 29.67 -53.75 54.81
CA VAL A 45 29.19 -54.92 54.08
C VAL A 45 27.88 -54.57 53.38
N ASN A 46 27.75 -54.99 52.13
CA ASN A 46 26.49 -54.82 51.39
C ASN A 46 25.47 -55.79 51.98
N GLU A 47 24.62 -55.27 52.86
CA GLU A 47 23.66 -56.10 53.56
C GLU A 47 22.52 -56.57 52.67
N HIS A 48 22.39 -56.04 51.46
CA HIS A 48 21.20 -56.31 50.66
C HIS A 48 21.58 -56.82 49.27
N ARG A 49 22.69 -56.33 48.73
CA ARG A 49 23.14 -56.74 47.39
C ARG A 49 24.20 -57.83 47.44
N GLY A 50 25.30 -57.59 48.14
CA GLY A 50 26.38 -58.58 48.16
C GLY A 50 26.00 -59.85 48.88
N ILE A 51 25.54 -59.72 50.14
CA ILE A 51 25.26 -60.91 50.95
C ILE A 51 24.09 -61.69 50.37
N GLN A 52 23.03 -61.01 49.96
CA GLN A 52 21.86 -61.72 49.45
C GLN A 52 22.16 -62.45 48.16
N ARG A 53 22.89 -61.80 47.24
CA ARG A 53 23.24 -62.48 45.99
C ARG A 53 24.21 -63.63 46.24
N LEU A 54 25.15 -63.46 47.17
CA LEU A 54 26.06 -64.55 47.52
C LEU A 54 25.29 -65.75 48.06
N GLU A 55 24.38 -65.50 49.00
CA GLU A 55 23.60 -66.59 49.56
C GLU A 55 22.66 -67.20 48.54
N ALA A 56 22.19 -66.40 47.57
CA ALA A 56 21.35 -66.96 46.51
C ALA A 56 22.15 -67.88 45.60
N MET A 57 23.39 -67.48 45.28
CA MET A 57 24.26 -68.37 44.51
C MET A 57 24.54 -69.66 45.28
N LEU A 58 24.81 -69.54 46.58
CA LEU A 58 25.05 -70.74 47.38
C LEU A 58 23.81 -71.64 47.44
N PHE A 59 22.63 -71.02 47.58
CA PHE A 59 21.38 -71.78 47.62
C PHE A 59 21.12 -72.49 46.30
N ALA A 60 21.37 -71.81 45.18
CA ALA A 60 21.16 -72.44 43.88
C ALA A 60 22.18 -73.54 43.63
N LEU A 61 23.41 -73.37 44.12
CA LEU A 61 24.40 -74.45 44.00
C LEU A 61 23.98 -75.65 44.84
N ASP A 62 23.46 -75.42 46.03
CA ASP A 62 22.96 -76.52 46.85
C ASP A 62 21.77 -77.20 46.19
N ARG A 63 20.94 -76.43 45.48
CA ARG A 63 19.81 -77.02 44.78
C ARG A 63 20.27 -77.86 43.59
N ILE A 64 21.30 -77.39 42.87
CA ILE A 64 21.82 -78.14 41.73
C ILE A 64 22.50 -79.41 42.20
N ASN A 65 23.22 -79.34 43.31
CA ASN A 65 23.89 -80.53 43.86
C ASN A 65 22.89 -81.59 44.30
N ARG A 66 21.66 -81.21 44.59
CA ARG A 66 20.60 -82.14 44.94
C ARG A 66 19.63 -82.39 43.79
N ASP A 67 19.95 -81.90 42.59
CA ASP A 67 19.07 -82.05 41.45
C ASP A 67 19.50 -83.27 40.64
N PRO A 68 18.66 -84.30 40.50
CA PRO A 68 19.07 -85.49 39.74
C PRO A 68 19.13 -85.27 38.23
N HIS A 69 18.44 -84.26 37.71
CA HIS A 69 18.44 -84.01 36.27
C HIS A 69 19.55 -83.07 35.82
N LEU A 70 20.14 -82.31 36.75
CA LEU A 70 21.19 -81.34 36.43
C LEU A 70 22.45 -81.75 37.20
N LEU A 71 23.42 -82.32 36.48
CA LEU A 71 24.67 -82.81 37.05
C LEU A 71 24.39 -83.77 38.21
N PRO A 72 23.87 -84.98 37.92
CA PRO A 72 23.52 -85.90 39.00
C PRO A 72 24.73 -86.41 39.77
N GLY A 73 25.75 -86.89 39.06
CA GLY A 73 26.92 -87.45 39.70
C GLY A 73 28.05 -86.46 39.86
N VAL A 74 27.98 -85.35 39.14
CA VAL A 74 29.03 -84.33 39.18
C VAL A 74 28.61 -83.26 40.17
N ARG A 75 29.36 -83.14 41.26
CA ARG A 75 29.11 -82.13 42.28
C ARG A 75 29.98 -80.92 41.98
N LEU A 76 29.34 -79.80 41.63
CA LEU A 76 30.06 -78.58 41.28
C LEU A 76 30.24 -77.71 42.52
N GLY A 77 31.46 -77.21 42.69
CA GLY A 77 31.83 -76.44 43.86
C GLY A 77 31.67 -74.94 43.65
N ALA A 78 32.42 -74.18 44.44
CA ALA A 78 32.34 -72.72 44.38
C ALA A 78 33.62 -72.13 44.92
N HIS A 79 34.05 -71.02 44.31
CA HIS A 79 35.18 -70.23 44.79
C HIS A 79 34.78 -68.76 44.88
N ILE A 80 33.60 -68.51 45.45
CA ILE A 80 33.04 -67.16 45.46
C ILE A 80 33.89 -66.25 46.33
N LEU A 81 34.16 -65.04 45.83
CA LEU A 81 34.97 -64.05 46.52
C LEU A 81 34.29 -62.69 46.55
N ASP A 82 34.92 -61.72 47.20
CA ASP A 82 34.38 -60.39 47.36
C ASP A 82 35.14 -59.41 46.47
N SER A 83 34.42 -58.60 45.71
CA SER A 83 35.03 -57.59 44.88
C SER A 83 35.27 -56.28 45.64
N CYS A 84 34.67 -56.12 46.81
CA CYS A 84 34.80 -54.92 47.64
C CYS A 84 34.35 -53.66 46.90
N SER A 85 33.50 -53.82 45.88
CA SER A 85 32.95 -52.70 45.10
C SER A 85 34.04 -51.84 44.49
N LYS A 86 35.19 -52.43 44.19
CA LYS A 86 36.33 -51.70 43.66
C LYS A 86 37.00 -52.53 42.58
N ASP A 87 37.53 -51.85 41.56
CA ASP A 87 38.18 -52.55 40.45
C ASP A 87 39.49 -53.19 40.87
N THR A 88 40.24 -52.56 41.77
CA THR A 88 41.51 -53.10 42.22
C THR A 88 41.32 -54.44 42.94
N HIS A 89 40.43 -54.45 43.95
CA HIS A 89 40.19 -55.68 44.70
C HIS A 89 39.56 -56.75 43.81
N ALA A 90 38.65 -56.35 42.93
CA ALA A 90 38.02 -57.31 42.03
C ALA A 90 39.05 -57.95 41.10
N LEU A 91 39.98 -57.14 40.60
CA LEU A 91 41.01 -57.68 39.71
C LEU A 91 42.01 -58.55 40.48
N GLU A 92 42.28 -58.21 41.74
CA GLU A 92 43.13 -59.09 42.54
C GLU A 92 42.46 -60.43 42.80
N GLN A 93 41.16 -60.42 43.06
CA GLN A 93 40.44 -61.69 43.24
C GLN A 93 40.37 -62.48 41.93
N ALA A 94 40.21 -61.79 40.79
CA ALA A 94 40.27 -62.48 39.51
C ALA A 94 41.64 -63.06 39.24
N LEU A 95 42.69 -62.38 39.70
CA LEU A 95 44.04 -62.95 39.61
C LEU A 95 44.17 -64.20 40.46
N ASP A 96 43.63 -64.16 41.69
CA ASP A 96 43.59 -65.37 42.51
C ASP A 96 42.81 -66.48 41.81
N PHE A 97 41.78 -66.12 41.05
CA PHE A 97 41.07 -67.10 40.23
C PHE A 97 42.00 -67.73 39.19
N VAL A 98 42.65 -66.90 38.38
CA VAL A 98 43.45 -67.40 37.27
C VAL A 98 44.80 -67.95 37.68
N ARG A 99 45.10 -67.98 38.99
CA ARG A 99 46.39 -68.53 39.43
C ARG A 99 46.52 -70.01 39.10
N ALA A 100 45.39 -70.72 38.98
CA ALA A 100 45.45 -72.14 38.65
C ALA A 100 45.96 -72.35 37.22
N SER A 101 45.41 -71.62 36.27
CA SER A 101 45.85 -71.74 34.87
C SER A 101 47.11 -70.95 34.58
N LEU A 102 47.55 -70.10 35.50
CA LEU A 102 48.76 -69.30 35.29
C LEU A 102 50.01 -70.15 35.40
N ILE A 128 39.70 -73.22 38.26
CA ILE A 128 38.25 -73.10 38.15
C ILE A 128 37.82 -73.21 36.69
N THR A 129 36.52 -73.41 36.47
CA THR A 129 35.98 -73.58 35.13
C THR A 129 35.26 -72.32 34.65
N GLY A 130 34.28 -71.85 35.41
CA GLY A 130 33.56 -70.63 35.09
C GLY A 130 33.58 -69.66 36.26
N VAL A 131 33.04 -68.47 36.01
CA VAL A 131 32.95 -67.43 37.02
C VAL A 131 31.57 -66.79 36.91
N ILE A 132 30.73 -67.02 37.92
CA ILE A 132 29.44 -66.34 38.03
C ILE A 132 29.71 -65.14 38.94
N GLY A 133 30.15 -64.04 38.34
CA GLY A 133 30.56 -62.90 39.14
C GLY A 133 30.56 -61.62 38.34
N GLY A 134 30.58 -60.51 39.06
CA GLY A 134 30.59 -59.20 38.46
C GLY A 134 29.24 -58.51 38.55
N SER A 135 29.09 -57.61 39.53
CA SER A 135 27.89 -56.81 39.68
C SER A 135 28.01 -55.47 38.95
N TYR A 136 29.04 -54.69 39.27
CA TYR A 136 29.25 -53.41 38.63
C TYR A 136 29.82 -53.60 37.22
N SER A 137 29.76 -52.54 36.43
CA SER A 137 30.18 -52.63 35.04
C SER A 137 31.69 -52.78 34.92
N ASP A 138 32.44 -51.89 35.56
CA ASP A 138 33.90 -51.93 35.46
C ASP A 138 34.48 -53.20 36.08
N VAL A 139 33.86 -53.71 37.14
CA VAL A 139 34.30 -54.97 37.73
C VAL A 139 34.21 -56.09 36.71
N SER A 140 33.04 -56.23 36.08
CA SER A 140 32.89 -57.25 35.05
C SER A 140 33.81 -57.01 33.86
N ILE A 141 34.07 -55.75 33.53
CA ILE A 141 34.97 -55.42 32.42
C ILE A 141 36.36 -55.97 32.71
N GLN A 142 36.91 -55.63 33.88
CA GLN A 142 38.26 -56.07 34.21
C GLN A 142 38.32 -57.58 34.40
N VAL A 143 37.27 -58.18 34.97
CA VAL A 143 37.26 -59.63 35.15
C VAL A 143 37.22 -60.34 33.81
N ALA A 144 36.46 -59.81 32.84
CA ALA A 144 36.45 -60.40 31.52
C ALA A 144 37.80 -60.22 30.83
N ASN A 145 38.41 -59.06 31.00
CA ASN A 145 39.73 -58.82 30.42
C ASN A 145 40.76 -59.80 30.97
N LEU A 146 40.64 -60.16 32.24
CA LEU A 146 41.60 -61.09 32.84
C LEU A 146 41.25 -62.54 32.55
N LEU A 147 39.97 -62.87 32.38
CA LEU A 147 39.56 -64.25 32.18
C LEU A 147 39.67 -64.69 30.73
N ARG A 148 39.30 -63.83 29.78
CA ARG A 148 39.52 -64.16 28.37
C ARG A 148 40.99 -64.41 28.09
N LEU A 149 41.88 -63.78 28.87
CA LEU A 149 43.30 -64.03 28.74
C LEU A 149 43.65 -65.48 29.06
N PHE A 150 42.83 -66.15 29.86
CA PHE A 150 43.05 -67.55 30.22
C PHE A 150 41.99 -68.47 29.66
N GLN A 151 41.07 -67.95 28.85
CA GLN A 151 40.05 -68.73 28.16
C GLN A 151 39.19 -69.53 29.15
N ILE A 152 38.48 -68.79 30.00
CA ILE A 152 37.47 -69.36 30.88
C ILE A 152 36.23 -68.47 30.86
N PRO A 153 35.04 -69.04 30.76
CA PRO A 153 33.83 -68.22 30.56
C PRO A 153 33.48 -67.43 31.80
N GLN A 154 32.45 -66.58 31.63
CA GLN A 154 31.96 -65.74 32.72
C GLN A 154 30.52 -65.35 32.41
N ILE A 155 29.62 -65.62 33.36
CA ILE A 155 28.21 -65.27 33.23
C ILE A 155 27.90 -64.27 34.33
N SER A 156 27.82 -62.99 33.97
CA SER A 156 27.48 -61.97 34.94
C SER A 156 26.00 -62.04 35.30
N TYR A 157 25.63 -61.29 36.34
CA TYR A 157 24.27 -61.29 36.84
C TYR A 157 23.72 -59.90 37.13
N ALA A 158 24.55 -58.87 37.15
CA ALA A 158 24.09 -57.51 37.40
C ALA A 158 24.67 -56.46 36.46
N SER A 159 25.81 -56.70 35.84
CA SER A 159 26.42 -55.71 34.97
C SER A 159 25.66 -55.64 33.66
N THR A 160 25.07 -54.47 33.37
CA THR A 160 24.26 -54.26 32.19
C THR A 160 24.92 -53.34 31.18
N SER A 161 26.23 -53.11 31.31
CA SER A 161 26.92 -52.17 30.43
C SER A 161 26.86 -52.64 28.98
N ALA A 162 26.67 -51.68 28.06
CA ALA A 162 26.54 -52.04 26.65
C ALA A 162 27.85 -52.52 26.06
N LYS A 163 28.98 -51.95 26.48
CA LYS A 163 30.27 -52.35 25.93
C LYS A 163 30.64 -53.78 26.29
N LEU A 164 29.95 -54.39 27.26
CA LEU A 164 30.16 -55.80 27.55
C LEU A 164 29.59 -56.69 26.45
N SER A 165 28.66 -56.18 25.65
CA SER A 165 28.10 -56.95 24.54
C SER A 165 29.05 -57.03 23.35
N ASP A 166 30.15 -56.29 23.37
CA ASP A 166 31.14 -56.33 22.29
C ASP A 166 31.90 -57.65 22.37
N LYS A 167 31.52 -58.61 21.52
CA LYS A 167 32.15 -59.92 21.56
C LYS A 167 33.56 -59.90 20.97
N SER A 168 33.92 -58.84 20.23
CA SER A 168 35.28 -58.73 19.73
C SER A 168 36.26 -58.39 20.84
N ARG A 169 35.80 -57.79 21.93
CA ARG A 169 36.65 -57.45 23.06
C ARG A 169 36.43 -58.34 24.27
N TYR A 170 35.19 -58.77 24.51
CA TYR A 170 34.85 -59.68 25.61
C TYR A 170 34.07 -60.83 25.01
N ASP A 171 34.78 -61.84 24.50
CA ASP A 171 34.15 -62.99 23.87
C ASP A 171 33.81 -64.09 24.87
N TYR A 172 34.64 -64.29 25.88
CA TYR A 172 34.38 -65.29 26.92
C TYR A 172 33.65 -64.63 28.09
N PHE A 173 32.48 -64.06 27.78
CA PHE A 173 31.68 -63.36 28.76
C PHE A 173 30.21 -63.42 28.35
N ALA A 174 29.34 -63.53 29.35
CA ALA A 174 27.90 -63.51 29.13
C ALA A 174 27.24 -62.95 30.37
N ARG A 175 25.92 -62.82 30.33
CA ARG A 175 25.18 -62.24 31.45
C ARG A 175 23.70 -62.57 31.28
N THR A 176 23.03 -62.72 32.42
CA THR A 176 21.58 -62.95 32.40
C THR A 176 20.81 -61.65 32.32
N VAL A 177 21.41 -60.54 32.73
CA VAL A 177 20.80 -59.22 32.59
C VAL A 177 21.02 -58.68 31.19
N PRO A 178 20.04 -58.02 30.59
CA PRO A 178 20.22 -57.45 29.27
C PRO A 178 21.03 -56.17 29.34
N PRO A 179 21.59 -55.70 28.21
CA PRO A 179 22.39 -54.46 28.23
C PRO A 179 21.55 -53.24 28.56
N ASP A 180 22.20 -52.08 28.67
CA ASP A 180 21.56 -50.88 29.18
C ASP A 180 21.52 -49.76 28.14
N PHE A 181 21.38 -50.11 26.86
CA PHE A 181 21.13 -49.06 25.88
C PHE A 181 19.66 -48.91 25.54
N PHE A 182 18.88 -49.99 25.62
CA PHE A 182 17.43 -49.85 25.53
C PHE A 182 16.80 -49.61 26.90
N GLN A 183 17.56 -49.76 27.98
CA GLN A 183 17.09 -49.23 29.27
C GLN A 183 17.02 -47.71 29.22
N ALA A 184 18.03 -47.08 28.60
CA ALA A 184 17.93 -45.65 28.32
C ALA A 184 16.77 -45.35 27.38
N LYS A 185 16.44 -46.28 26.47
CA LYS A 185 15.26 -46.11 25.64
C LYS A 185 13.99 -46.10 26.48
N ALA A 186 13.90 -47.00 27.46
CA ALA A 186 12.75 -47.01 28.35
C ALA A 186 12.67 -45.72 29.17
N MET A 187 13.82 -45.22 29.62
CA MET A 187 13.84 -43.96 30.36
C MET A 187 13.37 -42.80 29.47
N ALA A 188 13.84 -42.76 28.23
CA ALA A 188 13.42 -41.70 27.31
C ALA A 188 11.93 -41.80 26.99
N GLU A 189 11.42 -43.03 26.87
CA GLU A 189 9.99 -43.20 26.62
C GLU A 189 9.16 -42.76 27.82
N ILE A 190 9.66 -43.02 29.03
CA ILE A 190 8.97 -42.52 30.23
C ILE A 190 8.98 -41.00 30.26
N LEU A 191 10.13 -40.40 29.92
CA LEU A 191 10.21 -38.94 29.91
C LEU A 191 9.29 -38.33 28.88
N ARG A 192 9.17 -38.97 27.71
CA ARG A 192 8.26 -38.49 26.68
C ARG A 192 6.81 -38.72 27.08
N PHE A 193 6.55 -39.75 27.88
CA PHE A 193 5.19 -40.01 28.34
C PHE A 193 4.68 -38.89 29.23
N PHE A 194 5.56 -38.29 30.04
CA PHE A 194 5.21 -37.18 30.90
C PHE A 194 5.63 -35.84 30.33
N ASN A 195 6.06 -35.80 29.06
CA ASN A 195 6.43 -34.57 28.38
C ASN A 195 7.54 -33.82 29.12
N TRP A 196 8.62 -34.55 29.45
CA TRP A 196 9.79 -33.99 30.12
C TRP A 196 10.85 -33.77 29.05
N THR A 197 10.89 -32.55 28.51
CA THR A 197 11.82 -32.22 27.44
C THR A 197 13.17 -31.74 27.97
N TYR A 198 13.16 -30.69 28.78
CA TYR A 198 14.40 -30.09 29.31
C TYR A 198 14.73 -30.79 30.62
N VAL A 199 15.53 -31.86 30.54
CA VAL A 199 15.86 -32.68 31.69
C VAL A 199 17.36 -32.59 31.95
N SER A 200 17.75 -33.00 33.15
CA SER A 200 19.15 -33.03 33.55
C SER A 200 19.64 -34.47 33.60
N THR A 201 20.95 -34.64 33.65
CA THR A 201 21.58 -35.95 33.65
C THR A 201 22.63 -36.03 34.76
N VAL A 202 22.75 -37.20 35.36
CA VAL A 202 23.83 -37.45 36.32
C VAL A 202 24.19 -38.93 36.25
N ALA A 203 25.48 -39.23 36.29
CA ALA A 203 25.97 -40.59 36.19
C ALA A 203 27.33 -40.69 36.87
N SER A 204 27.85 -41.91 36.96
CA SER A 204 29.14 -42.18 37.55
C SER A 204 30.17 -42.46 36.46
N GLU A 205 31.42 -42.13 36.76
CA GLU A 205 32.50 -42.39 35.81
C GLU A 205 32.78 -43.89 35.72
N GLY A 206 33.26 -44.31 34.56
CA GLY A 206 33.58 -45.71 34.35
C GLY A 206 33.01 -46.26 33.06
N ASP A 207 32.26 -47.36 33.15
CA ASP A 207 31.71 -48.02 31.98
C ASP A 207 30.19 -48.17 32.04
N TYR A 208 29.56 -47.80 33.15
CA TYR A 208 28.11 -47.87 33.28
C TYR A 208 27.46 -46.51 33.04
N GLY A 209 27.95 -45.47 33.70
CA GLY A 209 27.35 -44.16 33.55
C GLY A 209 27.58 -43.55 32.19
N GLU A 210 28.79 -43.72 31.64
CA GLU A 210 29.11 -43.10 30.35
C GLU A 210 28.23 -43.67 29.24
N THR A 211 28.21 -45.00 29.09
CA THR A 211 27.42 -45.60 28.03
C THR A 211 25.93 -45.37 28.25
N GLY A 212 25.48 -45.40 29.50
CA GLY A 212 24.08 -45.13 29.78
C GLY A 212 23.66 -43.73 29.38
N ILE A 213 24.49 -42.74 29.73
CA ILE A 213 24.18 -41.36 29.37
C ILE A 213 24.26 -41.17 27.86
N GLU A 214 25.21 -41.83 27.20
CA GLU A 214 25.31 -41.72 25.75
C GLU A 214 24.05 -42.27 25.08
N ALA A 215 23.61 -43.45 25.50
CA ALA A 215 22.40 -44.03 24.94
C ALA A 215 21.18 -43.17 25.24
N PHE A 216 21.10 -42.64 26.46
CA PHE A 216 19.97 -41.79 26.84
C PHE A 216 19.93 -40.52 26.00
N GLU A 217 21.08 -39.91 25.74
CA GLU A 217 21.12 -38.71 24.92
C GLU A 217 20.77 -39.02 23.47
N LEU A 218 21.28 -40.14 22.96
CA LEU A 218 20.99 -40.50 21.57
C LEU A 218 19.50 -40.81 21.39
N GLU A 219 18.86 -41.40 22.39
CA GLU A 219 17.44 -41.73 22.30
C GLU A 219 16.54 -40.58 22.74
N ALA A 220 17.09 -39.55 23.38
CA ALA A 220 16.33 -38.36 23.72
C ALA A 220 16.38 -37.30 22.62
N ARG A 221 17.49 -37.23 21.89
CA ARG A 221 17.55 -36.32 20.74
C ARG A 221 16.58 -36.76 19.65
N ALA A 222 16.25 -38.04 19.59
CA ALA A 222 15.27 -38.54 18.63
C ALA A 222 13.84 -38.45 19.15
N ARG A 223 13.65 -38.22 20.44
CA ARG A 223 12.33 -38.09 21.03
C ARG A 223 12.05 -36.66 21.50
N ASN A 224 12.82 -35.68 21.02
CA ASN A 224 12.65 -34.28 21.36
C ASN A 224 12.74 -34.06 22.87
N ILE A 225 13.78 -34.62 23.47
CA ILE A 225 14.06 -34.48 24.90
C ILE A 225 15.49 -33.96 25.03
N CYS A 226 15.65 -32.83 25.72
CA CYS A 226 16.92 -32.13 25.77
C CYS A 226 17.64 -32.41 27.09
N VAL A 227 18.96 -32.21 27.06
CA VAL A 227 19.82 -32.42 28.23
C VAL A 227 20.23 -31.06 28.75
N ALA A 228 19.91 -30.80 30.02
CA ALA A 228 20.25 -29.52 30.63
C ALA A 228 21.71 -29.49 31.07
N THR A 229 22.10 -30.43 31.94
CA THR A 229 23.46 -30.50 32.46
C THR A 229 23.96 -31.92 32.32
N SER A 230 25.05 -32.09 31.57
CA SER A 230 25.70 -33.39 31.40
C SER A 230 26.90 -33.44 32.32
N GLU A 231 26.79 -34.21 33.40
CA GLU A 231 27.81 -34.28 34.43
C GLU A 231 28.13 -35.72 34.76
N LYS A 232 29.22 -35.91 35.51
CA LYS A 232 29.65 -37.21 35.97
C LYS A 232 30.12 -37.10 37.42
N VAL A 233 29.95 -38.20 38.16
CA VAL A 233 30.44 -38.27 39.54
C VAL A 233 31.53 -39.33 39.60
N GLY A 234 32.43 -39.15 40.56
CA GLY A 234 33.56 -40.06 40.73
C GLY A 234 33.21 -41.24 41.62
N ARG A 235 34.25 -42.00 41.95
CA ARG A 235 34.11 -43.17 42.81
C ARG A 235 34.39 -42.81 44.27
N ALA A 236 35.60 -42.32 44.55
CA ALA A 236 35.96 -41.85 45.88
C ALA A 236 35.41 -40.44 46.04
N MET A 237 34.20 -40.35 46.59
CA MET A 237 33.48 -39.09 46.72
C MET A 237 33.24 -38.79 48.21
N SER A 238 32.60 -37.65 48.45
CA SER A 238 32.25 -37.22 49.79
C SER A 238 30.89 -36.53 49.74
N ARG A 239 30.40 -36.10 50.91
CA ARG A 239 29.13 -35.39 50.96
C ARG A 239 29.22 -34.02 50.31
N ALA A 240 30.38 -33.35 50.41
CA ALA A 240 30.53 -32.02 49.87
C ALA A 240 30.50 -32.04 48.34
N ALA A 241 31.08 -33.07 47.73
CA ALA A 241 31.05 -33.18 46.27
C ALA A 241 29.62 -33.33 45.77
N PHE A 242 28.82 -34.15 46.43
CA PHE A 242 27.43 -34.31 46.01
C PHE A 242 26.60 -33.07 46.32
N GLU A 243 26.93 -32.35 47.40
CA GLU A 243 26.28 -31.07 47.65
C GLU A 243 26.58 -30.08 46.53
N GLY A 244 27.84 -30.03 46.09
CA GLY A 244 28.19 -29.17 44.96
C GLY A 244 27.50 -29.61 43.67
N VAL A 245 27.34 -30.91 43.49
CA VAL A 245 26.60 -31.41 42.33
C VAL A 245 25.16 -30.95 42.37
N VAL A 246 24.52 -31.06 43.53
CA VAL A 246 23.13 -30.60 43.67
C VAL A 246 23.04 -29.10 43.43
N ARG A 247 24.03 -28.35 43.92
CA ARG A 247 24.04 -26.90 43.69
C ARG A 247 24.20 -26.58 42.20
N ALA A 248 25.04 -27.35 41.49
CA ALA A 248 25.20 -27.14 40.06
C ALA A 248 23.96 -27.53 39.29
N LEU A 249 23.16 -28.46 39.83
CA LEU A 249 21.90 -28.81 39.18
C LEU A 249 20.76 -27.88 39.56
N LEU A 250 20.89 -27.13 40.65
CA LEU A 250 19.84 -26.22 41.10
C LEU A 250 19.88 -24.87 40.41
N GLN A 251 20.99 -24.51 39.77
CA GLN A 251 21.08 -23.23 39.08
C GLN A 251 20.25 -23.19 37.80
N LYS A 252 19.70 -24.32 37.37
CA LYS A 252 18.74 -24.38 36.27
C LYS A 252 17.39 -24.83 36.82
N PRO A 253 16.53 -23.91 37.27
CA PRO A 253 15.21 -24.32 37.77
C PRO A 253 14.31 -24.92 36.70
N SER A 254 14.64 -24.76 35.42
CA SER A 254 13.81 -25.35 34.36
C SER A 254 13.92 -26.87 34.34
N ALA A 255 15.09 -27.41 34.69
CA ALA A 255 15.29 -28.85 34.74
C ALA A 255 14.72 -29.39 36.05
N ARG A 256 13.42 -29.66 36.03
CA ARG A 256 12.72 -30.14 37.21
C ARG A 256 12.86 -31.65 37.40
N VAL A 257 13.61 -32.33 36.54
CA VAL A 257 13.83 -33.76 36.66
C VAL A 257 15.22 -34.09 36.15
N ALA A 258 15.89 -35.00 36.85
CA ALA A 258 17.25 -35.42 36.50
C ALA A 258 17.30 -36.93 36.43
N VAL A 259 17.74 -37.46 35.29
CA VAL A 259 17.90 -38.90 35.14
C VAL A 259 19.21 -39.34 35.77
N LEU A 260 19.22 -40.56 36.29
CA LEU A 260 20.35 -41.10 37.03
C LEU A 260 20.86 -42.37 36.35
N PHE A 261 22.18 -42.46 36.22
CA PHE A 261 22.85 -43.67 35.80
C PHE A 261 23.98 -44.00 36.76
N THR A 262 23.81 -43.64 38.03
CA THR A 262 24.83 -43.81 39.05
C THR A 262 24.74 -45.22 39.66
N ARG A 263 25.62 -45.47 40.62
CA ARG A 263 25.58 -46.70 41.39
C ARG A 263 24.67 -46.51 42.59
N SER A 264 24.68 -47.46 43.52
CA SER A 264 23.82 -47.36 44.70
C SER A 264 24.34 -46.30 45.67
N GLU A 265 25.64 -46.33 45.97
CA GLU A 265 26.20 -45.37 46.92
C GLU A 265 26.15 -43.95 46.37
N ASP A 266 26.41 -43.78 45.08
CA ASP A 266 26.34 -42.46 44.48
C ASP A 266 24.93 -41.90 44.52
N ALA A 267 23.93 -42.74 44.20
CA ALA A 267 22.54 -42.29 44.27
C ALA A 267 22.14 -41.95 45.69
N ARG A 268 22.58 -42.76 46.66
CA ARG A 268 22.27 -42.47 48.05
C ARG A 268 22.88 -41.15 48.50
N GLU A 269 24.14 -40.90 48.15
CA GLU A 269 24.79 -39.65 48.53
C GLU A 269 24.16 -38.46 47.83
N LEU A 270 23.75 -38.63 46.57
CA LEU A 270 23.07 -37.55 45.85
C LEU A 270 21.72 -37.24 46.49
N LEU A 271 20.97 -38.27 46.88
CA LEU A 271 19.70 -38.04 47.57
C LEU A 271 19.92 -37.35 48.91
N ALA A 272 20.95 -37.75 49.65
CA ALA A 272 21.25 -37.12 50.92
C ALA A 272 21.63 -35.65 50.74
N ALA A 273 22.43 -35.36 49.72
CA ALA A 273 22.82 -33.98 49.46
C ALA A 273 21.64 -33.13 49.03
N SER A 274 20.73 -33.69 48.23
CA SER A 274 19.54 -32.96 47.84
C SER A 274 18.59 -32.74 49.02
N GLN A 275 18.56 -33.70 49.96
CA GLN A 275 17.73 -33.53 51.15
C GLN A 275 18.33 -32.47 52.07
N ARG A 276 19.66 -32.42 52.18
CA ARG A 276 20.28 -31.42 53.04
C ARG A 276 20.15 -30.01 52.47
N LEU A 277 20.18 -29.89 51.14
CA LEU A 277 20.06 -28.60 50.48
C LEU A 277 18.62 -28.23 50.17
N ASN A 278 17.65 -28.97 50.70
CA ASN A 278 16.22 -28.71 50.51
C ASN A 278 15.83 -28.69 49.03
N ALA A 279 16.50 -29.51 48.23
CA ALA A 279 16.20 -29.63 46.81
C ALA A 279 15.28 -30.84 46.61
N SER A 280 14.06 -30.59 46.17
CA SER A 280 13.04 -31.63 46.02
C SER A 280 12.57 -31.64 44.57
N PHE A 281 13.04 -32.62 43.80
CA PHE A 281 12.61 -32.80 42.42
C PHE A 281 12.70 -34.27 42.07
N THR A 282 11.80 -34.72 41.20
CA THR A 282 11.72 -36.13 40.84
C THR A 282 12.97 -36.57 40.10
N TRP A 283 13.32 -37.84 40.28
CA TRP A 283 14.50 -38.43 39.66
C TRP A 283 14.06 -39.55 38.71
N VAL A 284 14.98 -39.92 37.82
CA VAL A 284 14.80 -41.05 36.91
C VAL A 284 16.03 -41.93 37.07
N ALA A 285 15.91 -43.00 37.85
CA ALA A 285 17.05 -43.79 38.27
C ALA A 285 17.26 -45.00 37.36
N SER A 286 18.51 -45.45 37.30
CA SER A 286 18.89 -46.64 36.57
C SER A 286 18.89 -47.84 37.52
N ASP A 287 19.46 -48.96 37.07
CA ASP A 287 19.57 -50.15 37.92
C ASP A 287 20.42 -49.92 39.16
N GLY A 288 21.23 -48.87 39.19
CA GLY A 288 22.02 -48.59 40.38
C GLY A 288 21.14 -48.35 41.60
N TRP A 289 20.14 -47.48 41.46
CA TRP A 289 19.16 -47.29 42.52
C TRP A 289 18.10 -48.39 42.45
N GLY A 290 17.34 -48.44 41.36
CA GLY A 290 16.32 -49.46 41.21
C GLY A 290 15.30 -49.41 42.34
N ALA A 291 14.94 -50.59 42.84
CA ALA A 291 14.02 -50.73 43.96
C ALA A 291 14.75 -50.93 45.28
N LEU A 292 15.95 -50.39 45.41
CA LEU A 292 16.74 -50.57 46.61
C LEU A 292 16.26 -49.63 47.72
N GLU A 293 16.08 -50.18 48.92
CA GLU A 293 15.63 -49.39 50.06
C GLU A 293 16.77 -48.72 50.80
N SER A 294 18.02 -49.14 50.57
CA SER A 294 19.16 -48.52 51.22
C SER A 294 19.51 -47.16 50.62
N VAL A 295 18.97 -46.84 49.45
CA VAL A 295 19.23 -45.54 48.85
C VAL A 295 18.36 -44.45 49.48
N VAL A 296 17.16 -44.82 49.93
CA VAL A 296 16.22 -43.87 50.51
C VAL A 296 16.36 -43.89 52.03
N ALA A 297 17.42 -44.51 52.53
CA ALA A 297 17.66 -44.60 53.97
C ALA A 297 18.00 -43.22 54.51
N GLY A 298 17.04 -42.59 55.18
CA GLY A 298 17.21 -41.27 55.73
C GLY A 298 16.76 -40.14 54.81
N SER A 299 16.91 -40.33 53.50
CA SER A 299 16.52 -39.32 52.51
C SER A 299 15.23 -39.70 51.79
N GLU A 300 14.28 -40.30 52.51
CA GLU A 300 13.02 -40.70 51.90
C GLU A 300 12.14 -39.52 51.51
N GLY A 301 12.45 -38.32 51.99
CA GLY A 301 11.68 -37.15 51.64
C GLY A 301 12.01 -36.61 50.26
N ALA A 302 13.29 -36.47 49.97
CA ALA A 302 13.74 -35.97 48.67
C ALA A 302 13.65 -37.03 47.57
N ALA A 303 13.31 -38.27 47.91
CA ALA A 303 13.17 -39.33 46.93
C ALA A 303 11.72 -39.67 46.61
N GLU A 304 10.76 -39.01 47.26
CA GLU A 304 9.36 -39.31 47.03
C GLU A 304 8.96 -38.91 45.61
N GLY A 305 8.22 -39.79 44.95
CA GLY A 305 7.79 -39.53 43.59
C GLY A 305 8.88 -39.63 42.56
N ALA A 306 9.88 -40.48 42.78
CA ALA A 306 10.98 -40.67 41.84
C ALA A 306 10.72 -41.93 41.04
N ILE A 307 10.60 -41.78 39.73
CA ILE A 307 10.36 -42.91 38.84
C ILE A 307 11.69 -43.60 38.55
N THR A 308 11.83 -44.84 39.01
CA THR A 308 13.04 -45.62 38.82
C THR A 308 12.72 -46.83 37.94
N ILE A 309 13.77 -47.35 37.30
CA ILE A 309 13.64 -48.48 36.39
C ILE A 309 14.54 -49.60 36.92
N GLU A 310 13.95 -50.76 37.18
CA GLU A 310 14.67 -51.95 37.61
C GLU A 310 14.45 -53.06 36.58
N LEU A 311 15.18 -54.15 36.77
CA LEU A 311 15.05 -55.29 35.87
C LEU A 311 13.78 -56.08 36.21
N ALA A 312 13.12 -56.58 35.17
CA ALA A 312 11.88 -57.33 35.33
C ALA A 312 12.21 -58.73 35.83
N SER A 313 11.87 -59.00 37.08
CA SER A 313 12.14 -60.29 37.70
C SER A 313 10.95 -60.66 38.58
N TYR A 314 11.14 -61.66 39.44
CA TYR A 314 10.11 -62.12 40.35
C TYR A 314 10.78 -62.57 41.65
N PRO A 315 10.09 -62.43 42.78
CA PRO A 315 10.64 -62.92 44.04
C PRO A 315 10.62 -64.45 44.08
N ILE A 316 11.77 -65.03 44.44
CA ILE A 316 11.89 -66.48 44.52
C ILE A 316 11.26 -66.95 45.82
N SER A 317 10.30 -67.87 45.71
CA SER A 317 9.58 -68.37 46.87
C SER A 317 10.42 -69.34 47.71
N ASP A 318 11.56 -69.80 47.21
CA ASP A 318 12.41 -70.73 47.94
C ASP A 318 13.68 -70.09 48.48
N PHE A 319 14.15 -69.00 47.87
CA PHE A 319 15.33 -68.32 48.39
C PHE A 319 15.03 -67.58 49.67
N ALA A 320 13.79 -67.12 49.85
CA ALA A 320 13.41 -66.47 51.09
C ALA A 320 13.46 -67.44 52.26
N SER A 321 12.94 -68.65 52.08
CA SER A 321 13.00 -69.66 53.13
C SER A 321 14.44 -70.06 53.44
N TYR A 322 15.32 -69.95 52.45
CA TYR A 322 16.73 -70.27 52.68
C TYR A 322 17.44 -69.16 53.45
N PHE A 323 17.19 -67.90 53.08
CA PHE A 323 17.88 -66.79 53.71
C PHE A 323 17.36 -66.52 55.12
N GLN A 324 16.05 -66.73 55.34
CA GLN A 324 15.49 -66.52 56.67
C GLN A 324 16.00 -67.56 57.67
N SER A 325 16.33 -68.76 57.20
CA SER A 325 16.80 -69.84 58.05
C SER A 325 18.31 -69.81 58.27
N LEU A 326 18.96 -68.68 57.99
CA LEU A 326 20.40 -68.56 58.16
C LEU A 326 20.74 -68.04 59.54
N ASP A 327 21.82 -68.55 60.11
CA ASP A 327 22.31 -68.16 61.43
C ASP A 327 23.82 -67.97 61.37
N PRO A 328 24.37 -67.06 62.17
CA PRO A 328 25.82 -66.82 62.09
C PRO A 328 26.65 -67.98 62.60
N TRP A 329 26.07 -68.91 63.36
CA TRP A 329 26.79 -70.07 63.86
C TRP A 329 26.60 -71.32 63.01
N ASN A 330 25.40 -71.51 62.44
CA ASN A 330 25.13 -72.64 61.57
C ASN A 330 25.49 -72.37 60.12
N ASN A 331 26.14 -71.25 59.84
CA ASN A 331 26.57 -70.88 58.50
C ASN A 331 28.01 -70.39 58.52
N SER A 332 28.88 -71.16 59.17
CA SER A 332 30.30 -70.84 59.20
C SER A 332 30.97 -70.96 57.83
N ARG A 333 30.24 -71.43 56.83
CA ARG A 333 30.78 -71.51 55.47
C ARG A 333 31.13 -70.12 54.93
N ASN A 334 30.44 -69.09 55.38
CA ASN A 334 30.66 -67.73 54.90
C ASN A 334 30.99 -66.81 56.06
N PRO A 335 32.24 -66.35 56.21
CA PRO A 335 32.54 -65.39 57.28
C PRO A 335 31.97 -64.01 57.01
N TRP A 336 31.80 -63.65 55.74
CA TRP A 336 31.11 -62.40 55.41
C TRP A 336 29.71 -62.38 55.97
N PHE A 337 29.08 -63.55 56.10
CA PHE A 337 27.76 -63.59 56.74
C PHE A 337 27.85 -63.24 58.21
N ARG A 338 28.90 -63.70 58.89
CA ARG A 338 29.10 -63.30 60.28
C ARG A 338 29.33 -61.81 60.40
N GLU A 339 30.13 -61.23 59.49
CA GLU A 339 30.36 -59.80 59.53
C GLU A 339 29.08 -59.02 59.25
N PHE A 340 28.26 -59.51 58.31
CA PHE A 340 26.99 -58.86 57.99
C PHE A 340 26.03 -58.94 59.15
N TRP A 341 25.99 -60.09 59.83
CA TRP A 341 25.17 -60.23 61.02
C TRP A 341 25.63 -59.28 62.12
N GLU A 342 26.94 -59.08 62.24
CA GLU A 342 27.47 -58.20 63.28
C GLU A 342 27.17 -56.74 62.96
N GLN A 343 27.21 -56.36 61.68
CA GLN A 343 27.00 -54.97 61.30
C GLN A 343 25.54 -54.63 61.05
N ARG A 344 24.65 -55.61 60.96
CA ARG A 344 23.24 -55.36 60.72
C ARG A 344 22.47 -55.14 62.02
N PHE A 345 22.51 -56.13 62.91
CA PHE A 345 21.80 -56.06 64.18
C PHE A 345 22.57 -55.29 65.25
N ARG A 346 23.58 -54.51 64.86
CA ARG A 346 24.44 -53.78 65.79
C ARG A 346 25.07 -54.74 66.81
N CYS A 347 25.50 -55.90 66.34
CA CYS A 347 26.00 -56.96 67.19
C CYS A 347 27.45 -56.71 67.59
N SER A 348 27.94 -57.58 68.47
CA SER A 348 29.34 -57.60 68.85
C SER A 348 29.65 -59.01 69.34
N PHE A 349 30.30 -59.81 68.48
CA PHE A 349 30.57 -61.20 68.82
C PHE A 349 31.51 -61.33 70.01
N ARG A 350 32.28 -60.29 70.33
CA ARG A 350 33.06 -60.29 71.56
C ARG A 350 32.20 -60.10 72.80
N GLN A 351 30.92 -59.78 72.64
CA GLN A 351 30.00 -59.58 73.75
C GLN A 351 28.90 -60.64 73.82
N ARG A 352 28.81 -61.52 72.82
CA ARG A 352 27.84 -62.62 72.74
C ARG A 352 26.44 -62.20 73.20
N ASP A 353 26.03 -60.98 72.85
CA ASP A 353 24.76 -60.44 73.30
C ASP A 353 23.59 -60.83 72.41
N CYS A 354 23.77 -60.77 71.09
CA CYS A 354 22.68 -60.99 70.14
C CYS A 354 22.58 -62.47 69.74
N ALA A 355 22.49 -63.33 70.76
CA ALA A 355 22.29 -64.75 70.54
C ALA A 355 20.84 -65.11 70.27
N ALA A 356 19.94 -64.13 70.26
CA ALA A 356 18.52 -64.37 70.05
C ALA A 356 17.96 -63.76 68.78
N HIS A 357 18.76 -63.00 68.04
CA HIS A 357 18.29 -62.43 66.79
C HIS A 357 18.17 -63.50 65.71
N SER A 358 17.36 -63.21 64.70
CA SER A 358 17.16 -64.12 63.58
C SER A 358 16.59 -63.35 62.40
N LEU A 359 16.83 -63.87 61.21
CA LEU A 359 16.29 -63.25 60.00
C LEU A 359 14.79 -63.44 59.89
N ARG A 360 14.26 -64.52 60.48
CA ARG A 360 12.83 -64.78 60.41
C ARG A 360 12.01 -63.75 61.19
N ALA A 361 12.61 -63.07 62.16
CA ALA A 361 11.88 -62.07 62.93
C ALA A 361 11.77 -60.75 62.18
N VAL A 362 12.84 -60.34 61.50
CA VAL A 362 12.85 -59.08 60.76
C VAL A 362 12.24 -59.30 59.38
N PRO A 363 11.66 -58.26 58.77
CA PRO A 363 11.10 -58.43 57.42
C PRO A 363 12.21 -58.61 56.39
N PHE A 364 11.98 -59.51 55.44
CA PHE A 364 12.94 -59.85 54.42
C PHE A 364 12.39 -59.49 53.04
N GLU A 365 13.23 -58.87 52.21
CA GLU A 365 12.85 -58.49 50.86
C GLU A 365 13.97 -58.86 49.91
N GLN A 366 13.64 -59.60 48.86
CA GLN A 366 14.62 -60.02 47.87
C GLN A 366 14.97 -58.84 46.97
N GLU A 367 15.73 -59.11 45.91
CA GLU A 367 16.15 -58.09 44.97
C GLU A 367 15.61 -58.40 43.58
N SER A 368 15.92 -57.51 42.64
CA SER A 368 15.64 -57.74 41.23
C SER A 368 16.76 -58.48 40.52
N LYS A 369 17.77 -58.95 41.27
CA LYS A 369 18.91 -59.64 40.71
C LYS A 369 19.11 -61.05 41.27
N ILE A 370 18.38 -61.43 42.33
CA ILE A 370 18.47 -62.79 42.85
C ILE A 370 18.05 -63.79 41.78
N MET A 371 16.95 -63.49 41.08
CA MET A 371 16.57 -64.28 39.92
C MET A 371 17.72 -64.36 38.92
N PHE A 372 18.45 -63.26 38.75
CA PHE A 372 19.52 -63.26 37.76
C PHE A 372 20.72 -64.07 38.22
N VAL A 373 21.05 -64.03 39.51
CA VAL A 373 22.19 -64.83 39.98
C VAL A 373 21.86 -66.31 39.93
N VAL A 374 20.61 -66.67 40.27
CA VAL A 374 20.26 -68.08 40.18
C VAL A 374 20.17 -68.53 38.72
N ASN A 375 19.70 -67.65 37.83
CA ASN A 375 19.69 -67.98 36.41
C ASN A 375 21.10 -68.15 35.87
N ALA A 376 22.04 -67.32 36.34
CA ALA A 376 23.42 -67.42 35.87
C ALA A 376 24.06 -68.72 36.33
N VAL A 377 23.92 -69.05 37.62
CA VAL A 377 24.52 -70.30 38.09
C VAL A 377 23.84 -71.50 37.45
N TYR A 378 22.52 -71.44 37.24
CA TYR A 378 21.83 -72.55 36.61
C TYR A 378 22.19 -72.68 35.14
N ALA A 379 22.47 -71.56 34.46
CA ALA A 379 22.91 -71.61 33.08
C ALA A 379 24.31 -72.20 32.98
N MET A 380 25.20 -71.83 33.91
CA MET A 380 26.52 -72.45 33.96
C MET A 380 26.41 -73.94 34.22
N ALA A 381 25.53 -74.34 35.14
CA ALA A 381 25.35 -75.76 35.43
C ALA A 381 24.77 -76.51 34.24
N HIS A 382 23.82 -75.89 33.52
CA HIS A 382 23.25 -76.53 32.34
C HIS A 382 24.28 -76.64 31.22
N ALA A 383 25.14 -75.63 31.09
CA ALA A 383 26.22 -75.71 30.12
C ALA A 383 27.17 -76.84 30.44
N LEU A 384 27.56 -76.97 31.72
CA LEU A 384 28.43 -78.06 32.12
C LEU A 384 27.75 -79.41 31.93
N HIS A 385 26.45 -79.47 32.18
CA HIS A 385 25.71 -80.73 32.00
C HIS A 385 25.65 -81.13 30.53
N ASN A 386 25.40 -80.17 29.64
CA ASN A 386 25.36 -80.47 28.22
C ASN A 386 26.74 -80.85 27.70
N MET A 387 27.79 -80.15 28.17
CA MET A 387 29.15 -80.51 27.78
C MET A 387 29.50 -81.91 28.26
N HIS A 388 29.04 -82.27 29.46
CA HIS A 388 29.32 -83.61 29.98
C HIS A 388 28.58 -84.66 29.18
N ARG A 389 27.29 -84.44 28.89
CA ARG A 389 26.53 -85.42 28.13
C ARG A 389 26.98 -85.49 26.68
N ALA A 390 27.68 -84.47 26.18
CA ALA A 390 28.22 -84.51 24.83
C ALA A 390 29.59 -85.17 24.77
N LEU A 391 30.43 -84.95 25.78
CA LEU A 391 31.76 -85.54 25.80
C LEU A 391 31.82 -86.85 26.58
N CYS A 392 30.88 -87.06 27.51
CA CYS A 392 30.80 -88.31 28.28
C CYS A 392 29.39 -88.87 28.14
N PRO A 393 29.08 -89.51 27.01
CA PRO A 393 27.73 -90.02 26.79
C PRO A 393 27.46 -91.38 27.43
N ASN A 394 28.39 -91.93 28.20
CA ASN A 394 28.22 -93.25 28.80
C ASN A 394 28.16 -93.19 30.32
N THR A 395 29.14 -92.55 30.96
CA THR A 395 29.21 -92.50 32.42
C THR A 395 28.57 -91.21 32.94
N THR A 396 28.59 -91.05 34.26
CA THR A 396 28.01 -89.89 34.93
C THR A 396 29.04 -88.94 35.48
N ARG A 397 30.14 -89.45 36.03
CA ARG A 397 31.20 -88.61 36.57
C ARG A 397 32.04 -88.04 35.43
N LEU A 398 33.01 -87.19 35.79
CA LEU A 398 33.89 -86.60 34.80
C LEU A 398 34.80 -87.67 34.19
N CYS A 399 35.24 -87.41 32.97
CA CYS A 399 36.11 -88.31 32.22
C CYS A 399 37.48 -87.68 32.02
N ASP A 400 38.35 -88.40 31.33
CA ASP A 400 39.69 -87.88 31.05
C ASP A 400 39.63 -86.66 30.15
N ALA A 401 38.72 -86.64 29.18
CA ALA A 401 38.55 -85.49 28.30
C ALA A 401 37.73 -84.37 28.94
N MET A 402 37.31 -84.53 30.20
CA MET A 402 36.52 -83.52 30.89
C MET A 402 37.27 -82.79 31.97
N ARG A 403 38.27 -83.42 32.59
CA ARG A 403 39.02 -82.75 33.66
C ARG A 403 39.67 -81.45 33.19
N PRO A 404 40.38 -81.39 32.04
CA PRO A 404 40.75 -80.09 31.50
C PRO A 404 39.58 -79.46 30.76
N VAL A 405 38.96 -78.46 31.38
CA VAL A 405 37.77 -77.82 30.83
C VAL A 405 38.22 -76.72 29.89
N ASN A 406 37.92 -76.89 28.60
CA ASN A 406 38.25 -75.89 27.61
C ASN A 406 37.21 -74.77 27.64
N GLY A 407 37.67 -73.55 27.95
CA GLY A 407 36.73 -72.44 28.09
C GLY A 407 36.05 -72.06 26.79
N ARG A 408 36.75 -72.19 25.67
CA ARG A 408 36.16 -71.84 24.38
C ARG A 408 35.00 -72.77 24.05
N ARG A 409 35.25 -74.09 24.10
CA ARG A 409 34.20 -75.05 23.80
C ARG A 409 33.06 -74.96 24.83
N LEU A 410 33.40 -74.70 26.09
CA LEU A 410 32.36 -74.55 27.10
C LEU A 410 31.47 -73.34 26.80
N TYR A 411 32.07 -72.21 26.45
CA TYR A 411 31.29 -71.02 26.13
C TYR A 411 30.44 -71.23 24.88
N LYS A 412 30.99 -71.95 23.89
CA LYS A 412 30.23 -72.19 22.66
C LYS A 412 29.08 -73.16 22.90
N ASP A 413 29.28 -74.16 23.75
CA ASP A 413 28.20 -75.06 24.13
C ASP A 413 27.21 -74.39 25.08
N PHE A 414 27.61 -73.31 25.73
CA PHE A 414 26.72 -72.61 26.64
C PHE A 414 25.83 -71.60 25.92
N VAL A 415 26.38 -70.86 24.96
CA VAL A 415 25.60 -69.79 24.33
C VAL A 415 24.42 -70.34 23.54
N LEU A 416 24.54 -71.55 22.99
CA LEU A 416 23.50 -72.13 22.15
C LEU A 416 22.78 -73.31 22.78
N ASN A 417 23.49 -74.21 23.44
CA ASN A 417 22.85 -75.38 24.04
C ASN A 417 22.46 -75.11 25.50
N VAL A 418 21.78 -74.00 25.73
CA VAL A 418 21.23 -73.65 27.03
C VAL A 418 19.87 -73.02 26.78
N LYS A 419 18.80 -73.77 27.05
CA LYS A 419 17.44 -73.27 26.94
C LYS A 419 16.58 -74.07 27.92
N PHE A 420 16.34 -73.49 29.09
CA PHE A 420 15.65 -74.19 30.16
C PHE A 420 14.75 -73.22 30.89
N ASP A 421 13.61 -73.74 31.35
CA ASP A 421 12.71 -72.92 32.16
C ASP A 421 13.43 -72.42 33.39
N ALA A 422 13.18 -71.15 33.73
CA ALA A 422 13.90 -70.52 34.83
C ALA A 422 13.63 -71.28 36.13
N PRO A 423 14.67 -71.51 36.94
CA PRO A 423 14.46 -72.23 38.20
C PRO A 423 13.68 -71.39 39.20
N PHE A 424 12.86 -72.08 40.00
CA PHE A 424 12.05 -71.44 41.03
C PHE A 424 11.14 -70.36 40.45
N ARG A 425 10.59 -70.64 39.27
CA ARG A 425 9.67 -69.79 38.51
C ARG A 425 8.24 -70.03 38.95
N PRO A 426 7.46 -68.97 39.13
CA PRO A 426 6.05 -69.13 39.52
C PRO A 426 5.27 -69.90 38.46
N ALA A 427 4.16 -70.49 38.91
CA ALA A 427 3.34 -71.33 38.03
C ALA A 427 2.60 -70.51 36.98
N ASP A 428 2.57 -69.19 37.10
CA ASP A 428 1.86 -68.38 36.12
C ASP A 428 2.73 -68.07 34.90
N THR A 429 3.93 -67.56 35.11
CA THR A 429 4.79 -67.16 34.02
C THR A 429 5.43 -68.37 33.34
N HIS A 430 5.90 -68.15 32.11
CA HIS A 430 6.60 -69.15 31.32
C HIS A 430 8.01 -68.67 30.99
N ASN A 431 8.65 -68.00 31.95
CA ASN A 431 9.97 -67.44 31.71
C ASN A 431 11.02 -68.55 31.61
N GLU A 432 11.99 -68.36 30.72
CA GLU A 432 13.07 -69.31 30.54
C GLU A 432 14.36 -68.55 30.26
N VAL A 433 15.47 -69.20 30.56
CA VAL A 433 16.80 -68.60 30.42
C VAL A 433 17.30 -68.90 29.02
N ARG A 434 17.37 -67.86 28.19
CA ARG A 434 17.84 -67.98 26.81
C ARG A 434 18.88 -66.90 26.55
N PHE A 435 20.08 -67.31 26.17
CA PHE A 435 21.15 -66.38 25.84
C PHE A 435 21.16 -66.13 24.34
N ASP A 436 21.11 -64.86 23.95
CA ASP A 436 21.05 -64.49 22.55
C ASP A 436 22.45 -64.57 21.93
N ARG A 437 22.59 -64.02 20.72
CA ARG A 437 23.86 -64.09 20.02
C ARG A 437 24.97 -63.36 20.77
N PHE A 438 24.62 -62.33 21.54
CA PHE A 438 25.59 -61.55 22.28
C PHE A 438 25.73 -62.00 23.72
N GLY A 439 25.08 -63.08 24.11
CA GLY A 439 25.19 -63.58 25.48
C GLY A 439 24.51 -62.69 26.51
N ASP A 440 23.35 -62.15 26.18
CA ASP A 440 22.59 -61.29 27.08
C ASP A 440 21.20 -61.86 27.30
N GLY A 441 20.42 -61.19 28.15
CA GLY A 441 19.07 -61.60 28.47
C GLY A 441 18.02 -60.86 27.65
N ILE A 442 16.78 -61.29 27.84
CA ILE A 442 15.66 -60.65 27.14
C ILE A 442 15.45 -59.26 27.72
N GLY A 443 14.96 -58.34 26.89
CA GLY A 443 14.79 -56.96 27.30
C GLY A 443 13.46 -56.69 27.95
N ARG A 444 13.43 -56.70 29.28
CA ARG A 444 12.22 -56.42 30.06
C ARG A 444 12.61 -55.65 31.30
N TYR A 445 11.86 -54.61 31.61
CA TYR A 445 12.13 -53.80 32.79
C TYR A 445 10.81 -53.51 33.50
N ASN A 446 10.92 -53.24 34.81
CA ASN A 446 9.80 -52.79 35.62
C ASN A 446 10.05 -51.34 36.05
N ILE A 447 8.97 -50.60 36.22
CA ILE A 447 9.02 -49.18 36.56
C ILE A 447 8.40 -49.00 37.93
N PHE A 448 9.20 -48.55 38.89
CA PHE A 448 8.76 -48.34 40.26
C PHE A 448 8.74 -46.85 40.57
N THR A 449 8.03 -46.50 41.64
CA THR A 449 7.98 -45.13 42.12
C THR A 449 7.94 -45.15 43.65
N TYR A 450 8.53 -44.12 44.25
CA TYR A 450 8.59 -43.99 45.69
C TYR A 450 7.41 -43.13 46.16
N LEU A 451 6.52 -43.72 46.95
CA LEU A 451 5.31 -43.05 47.41
C LEU A 451 5.08 -43.41 48.87
N ARG A 452 3.88 -43.10 49.37
CA ARG A 452 3.48 -43.40 50.74
C ARG A 452 4.42 -42.73 51.74
N ALA A 453 4.35 -41.40 51.74
CA ALA A 453 5.23 -40.58 52.60
C ALA A 453 5.11 -40.94 54.08
N GLY A 454 4.10 -41.71 54.48
CA GLY A 454 4.03 -42.15 55.86
C GLY A 454 5.23 -43.01 56.22
N SER A 455 5.77 -42.76 57.42
CA SER A 455 6.98 -43.44 57.85
C SER A 455 6.78 -44.93 58.09
N GLY A 456 5.53 -45.38 58.20
CA GLY A 456 5.25 -46.78 58.45
C GLY A 456 5.16 -47.67 57.24
N ARG A 457 5.02 -47.09 56.05
CA ARG A 457 4.87 -47.87 54.82
C ARG A 457 5.77 -47.31 53.72
N TYR A 458 7.03 -47.06 54.05
CA TYR A 458 8.02 -46.64 53.06
C TYR A 458 8.30 -47.79 52.11
N ARG A 459 7.91 -47.65 50.85
CA ARG A 459 8.05 -48.73 49.89
C ARG A 459 7.99 -48.16 48.47
N TYR A 460 8.25 -49.03 47.51
CA TYR A 460 8.12 -48.71 46.09
C TYR A 460 6.79 -49.23 45.58
N GLN A 461 6.54 -49.02 44.30
CA GLN A 461 5.30 -49.48 43.68
C GLN A 461 5.52 -49.64 42.18
N LYS A 462 5.40 -50.87 41.69
CA LYS A 462 5.53 -51.12 40.26
C LYS A 462 4.33 -50.54 39.53
N VAL A 463 4.59 -49.60 38.63
CA VAL A 463 3.53 -48.93 37.89
C VAL A 463 3.44 -49.37 36.43
N GLY A 464 4.48 -49.96 35.87
CA GLY A 464 4.43 -50.39 34.49
C GLY A 464 5.59 -51.29 34.14
N TYR A 465 5.50 -51.86 32.95
CA TYR A 465 6.52 -52.75 32.41
C TYR A 465 6.94 -52.29 31.03
N TRP A 466 8.21 -52.46 30.71
CA TRP A 466 8.78 -52.10 29.41
C TRP A 466 9.33 -53.35 28.76
N ALA A 467 8.68 -53.79 27.68
CA ALA A 467 9.12 -54.97 26.93
C ALA A 467 8.80 -54.72 25.47
N GLU A 468 9.79 -54.23 24.72
CA GLU A 468 9.61 -53.83 23.32
C GLU A 468 8.47 -52.82 23.18
N GLY A 469 8.35 -51.94 24.16
CA GLY A 469 7.29 -50.96 24.19
C GLY A 469 7.07 -50.44 25.59
N LEU A 470 6.45 -49.27 25.67
CA LEU A 470 6.21 -48.59 26.93
C LEU A 470 4.80 -48.87 27.42
N THR A 471 4.67 -49.12 28.73
CA THR A 471 3.38 -49.34 29.36
C THR A 471 3.41 -48.71 30.74
N LEU A 472 2.59 -47.68 30.94
CA LEU A 472 2.50 -46.98 32.21
C LEU A 472 1.07 -47.02 32.73
N ASP A 473 0.93 -47.03 34.05
CA ASP A 473 -0.36 -46.95 34.73
C ASP A 473 -0.27 -45.78 35.70
N THR A 474 -0.69 -44.60 35.24
CA THR A 474 -0.59 -43.39 36.05
C THR A 474 -1.56 -43.37 37.23
N SER A 475 -2.50 -44.31 37.28
CA SER A 475 -3.44 -44.37 38.40
C SER A 475 -2.74 -44.73 39.71
N LEU A 476 -1.59 -45.39 39.64
CA LEU A 476 -0.85 -45.75 40.84
C LEU A 476 0.16 -44.68 41.27
N ILE A 477 0.61 -43.85 40.34
CA ILE A 477 1.53 -42.76 40.69
C ILE A 477 0.73 -41.64 41.34
N PRO A 478 1.15 -41.15 42.51
CA PRO A 478 0.38 -40.10 43.20
C PRO A 478 0.36 -38.78 42.43
N TRP A 479 1.52 -38.29 42.01
CA TRP A 479 1.59 -37.00 41.35
C TRP A 479 1.14 -37.04 39.89
N ALA A 480 1.18 -38.21 39.26
CA ALA A 480 0.77 -38.30 37.85
C ALA A 480 -0.75 -38.26 37.71
N SER A 481 -1.49 -38.60 38.75
CA SER A 481 -2.95 -38.57 38.66
C SER A 481 -3.44 -37.12 38.66
N PRO A 482 -4.37 -36.76 37.79
CA PRO A 482 -4.84 -35.36 37.76
C PRO A 482 -5.68 -34.97 38.96
N SER A 483 -6.24 -35.94 39.69
CA SER A 483 -7.06 -35.60 40.85
C SER A 483 -6.22 -35.04 41.98
N ALA A 484 -5.01 -35.56 42.18
CA ALA A 484 -4.13 -35.06 43.22
C ALA A 484 -3.49 -33.73 42.83
N GLY A 485 -2.99 -33.65 41.60
CA GLY A 485 -2.36 -32.45 41.12
C GLY A 485 -1.65 -32.65 39.79
N PRO A 486 -1.23 -31.57 39.15
CA PRO A 486 -0.53 -31.68 37.88
C PRO A 486 0.84 -32.27 38.04
N LEU A 487 1.32 -32.92 36.98
CA LEU A 487 2.64 -33.54 37.02
C LEU A 487 3.74 -32.49 36.89
N PRO A 488 4.87 -32.69 37.57
CA PRO A 488 5.98 -31.73 37.46
C PRO A 488 6.55 -31.73 36.05
N ALA A 489 6.43 -30.59 35.38
CA ALA A 489 6.93 -30.45 34.02
C ALA A 489 8.37 -29.95 34.04
N SER A 490 9.12 -30.31 32.99
CA SER A 490 10.52 -29.91 32.84
C SER A 490 10.72 -29.49 31.39
N ARG A 491 10.55 -28.20 31.12
CA ARG A 491 10.71 -27.65 29.78
C ARG A 491 11.43 -26.31 29.89
N CYS A 492 11.95 -25.85 28.75
CA CYS A 492 12.62 -24.55 28.71
C CYS A 492 11.66 -23.43 29.07
N SER A 493 10.62 -23.26 28.25
CA SER A 493 9.61 -22.24 28.46
C SER A 493 8.24 -22.89 28.48
N GLU A 494 7.22 -22.10 28.82
CA GLU A 494 5.87 -22.60 28.90
C GLU A 494 5.30 -22.79 27.50
N PRO A 495 4.34 -23.72 27.34
CA PRO A 495 3.70 -23.89 26.03
C PRO A 495 2.78 -22.74 25.69
N CYS A 496 3.36 -21.63 25.20
CA CYS A 496 2.58 -20.44 24.90
C CYS A 496 1.60 -20.71 23.76
N LEU A 497 0.45 -20.04 23.83
CA LEU A 497 -0.60 -20.23 22.85
C LEU A 497 -0.30 -19.46 21.56
N GLN A 498 -0.61 -20.08 20.43
CA GLN A 498 -0.36 -19.48 19.12
C GLN A 498 -1.29 -18.30 18.83
N ASN A 499 -2.36 -18.12 19.61
CA ASN A 499 -3.35 -17.10 19.32
C ASN A 499 -2.71 -15.70 19.29
N GLU A 500 -1.98 -15.34 20.34
CA GLU A 500 -1.36 -14.03 20.45
C GLU A 500 0.14 -14.08 20.22
N VAL A 501 0.86 -14.90 20.97
CA VAL A 501 2.31 -14.97 20.90
C VAL A 501 2.71 -16.10 19.96
N LYS A 502 3.73 -15.85 19.15
CA LYS A 502 4.21 -16.83 18.18
C LYS A 502 5.44 -17.54 18.72
N SER A 503 5.82 -18.62 18.04
CA SER A 503 6.99 -19.41 18.42
C SER A 503 8.08 -19.27 17.37
N VAL A 504 9.32 -19.15 17.83
CA VAL A 504 10.48 -19.04 16.96
C VAL A 504 11.51 -20.09 17.39
N GLN A 505 12.27 -20.58 16.42
CA GLN A 505 13.24 -21.65 16.67
C GLN A 505 14.59 -21.02 16.97
N PRO A 506 15.13 -21.18 18.18
CA PRO A 506 16.47 -20.65 18.48
C PRO A 506 17.56 -21.56 17.97
N GLY A 507 18.82 -21.25 18.31
CA GLY A 507 19.94 -22.09 17.90
C GLY A 507 19.83 -23.53 18.35
N GLU A 508 19.02 -23.81 19.37
CA GLU A 508 18.78 -25.17 19.82
C GLU A 508 17.58 -25.76 19.08
N VAL A 509 17.64 -27.06 18.82
CA VAL A 509 16.50 -27.77 18.25
C VAL A 509 15.60 -28.34 19.33
N CYS A 510 16.02 -28.27 20.59
CA CYS A 510 15.24 -28.84 21.67
C CYS A 510 13.91 -28.12 21.85
N CYS A 511 13.97 -26.82 22.18
CA CYS A 511 12.77 -26.06 22.48
C CYS A 511 12.69 -24.78 21.64
N TRP A 512 11.75 -23.90 21.96
CA TRP A 512 11.51 -22.70 21.17
C TRP A 512 11.50 -21.46 22.05
N LEU A 513 11.23 -20.30 21.44
CA LEU A 513 11.12 -19.04 22.15
C LEU A 513 9.79 -18.39 21.79
N CYS A 514 9.09 -17.89 22.80
CA CYS A 514 7.76 -17.31 22.62
C CYS A 514 7.91 -15.79 22.47
N ILE A 515 7.65 -15.30 21.26
CA ILE A 515 7.70 -13.86 20.98
C ILE A 515 6.44 -13.47 20.23
N PRO A 516 5.72 -12.44 20.67
CA PRO A 516 4.51 -12.00 19.97
C PRO A 516 4.88 -11.21 18.72
N CYS A 517 4.42 -11.68 17.56
CA CYS A 517 4.65 -10.99 16.31
C CYS A 517 3.52 -9.98 16.08
N GLN A 518 3.44 -9.44 14.86
CA GLN A 518 2.45 -8.44 14.55
C GLN A 518 1.04 -9.00 14.75
N PRO A 519 0.10 -8.19 15.24
CA PRO A 519 -1.24 -8.73 15.54
C PRO A 519 -2.04 -9.08 14.29
N TYR A 520 -1.79 -8.41 13.17
CA TYR A 520 -2.56 -8.67 11.95
C TYR A 520 -2.15 -9.95 11.25
N GLU A 521 -1.23 -10.73 11.82
CA GLU A 521 -0.82 -11.98 11.21
C GLU A 521 -1.80 -13.10 11.56
N TYR A 522 -1.86 -14.10 10.68
CA TYR A 522 -2.79 -15.21 10.86
C TYR A 522 -2.16 -16.28 11.77
N ARG A 523 -3.01 -17.21 12.21
CA ARG A 523 -2.59 -18.30 13.09
C ARG A 523 -1.91 -19.36 12.24
N LEU A 524 -0.60 -19.22 12.08
CA LEU A 524 0.20 -20.15 11.29
C LEU A 524 0.82 -21.20 12.21
N ASP A 525 1.75 -21.99 11.65
CA ASP A 525 2.39 -23.06 12.41
C ASP A 525 3.41 -22.47 13.38
N GLU A 526 4.15 -23.34 14.05
CA GLU A 526 5.12 -22.93 15.06
C GLU A 526 6.39 -22.33 14.47
N PHE A 527 6.49 -22.22 13.15
CA PHE A 527 7.67 -21.62 12.53
C PHE A 527 7.61 -20.10 12.60
N THR A 528 6.58 -19.52 11.98
CA THR A 528 6.39 -18.08 11.98
C THR A 528 4.95 -17.77 11.62
N CYS A 529 4.43 -16.70 12.19
CA CYS A 529 3.05 -16.30 11.92
C CYS A 529 2.92 -15.73 10.51
N ALA A 530 1.93 -16.21 9.78
CA ALA A 530 1.73 -15.80 8.39
C ALA A 530 0.74 -14.65 8.31
N ASP A 531 0.87 -13.86 7.25
CA ASP A 531 0.02 -12.71 7.00
C ASP A 531 -0.85 -12.96 5.78
N CYS A 532 -1.99 -12.28 5.74
CA CYS A 532 -2.88 -12.32 4.59
C CYS A 532 -2.61 -11.22 3.57
N GLY A 533 -1.86 -10.20 3.95
CA GLY A 533 -1.56 -9.08 3.07
C GLY A 533 -2.17 -7.79 3.58
N LEU A 534 -2.00 -6.75 2.77
CA LEU A 534 -2.54 -5.44 3.12
C LEU A 534 -4.06 -5.45 3.00
N GLY A 535 -4.73 -4.94 4.04
CA GLY A 535 -6.18 -4.88 4.04
C GLY A 535 -6.83 -6.20 4.33
N TYR A 536 -6.45 -6.84 5.44
CA TYR A 536 -7.00 -8.12 5.85
C TYR A 536 -6.88 -8.26 7.37
N TRP A 537 -7.79 -9.02 7.95
CA TRP A 537 -7.76 -9.26 9.40
C TRP A 537 -8.20 -10.69 9.71
N PRO A 538 -7.29 -11.56 10.12
CA PRO A 538 -7.65 -12.95 10.41
C PRO A 538 -8.31 -13.08 11.78
N ASN A 539 -8.86 -14.26 12.01
CA ASN A 539 -9.50 -14.61 13.27
C ASN A 539 -8.76 -15.77 13.94
N ALA A 540 -9.24 -16.18 15.10
CA ALA A 540 -8.64 -17.27 15.86
C ALA A 540 -9.38 -18.58 15.72
N SER A 541 -10.45 -18.61 14.91
CA SER A 541 -11.22 -19.83 14.71
C SER A 541 -10.64 -20.69 13.59
N LEU A 542 -10.54 -20.13 12.39
CA LEU A 542 -9.99 -20.86 11.25
C LEU A 542 -9.06 -19.99 10.41
N THR A 543 -8.48 -18.94 10.99
CA THR A 543 -7.58 -18.03 10.28
C THR A 543 -8.27 -17.42 9.07
N GLY A 544 -9.49 -16.93 9.27
CA GLY A 544 -10.27 -16.32 8.22
C GLY A 544 -10.09 -14.82 8.20
N CYS A 545 -9.51 -14.32 7.12
CA CYS A 545 -9.21 -12.90 6.96
C CYS A 545 -10.06 -12.36 5.81
N PHE A 546 -11.27 -11.92 6.13
CA PHE A 546 -12.18 -11.30 5.17
C PHE A 546 -12.44 -9.84 5.51
N GLU A 547 -12.90 -9.56 6.72
CA GLU A 547 -13.11 -8.21 7.26
C GLU A 547 -13.77 -7.28 6.25
N LEU A 548 -15.02 -7.61 5.91
CA LEU A 548 -15.77 -6.81 4.94
C LEU A 548 -16.97 -6.15 5.60
N PRO A 549 -16.79 -5.02 6.29
CA PRO A 549 -17.93 -4.30 6.86
C PRO A 549 -18.47 -3.23 5.92
N GLN A 550 -19.56 -2.59 6.30
CA GLN A 550 -20.13 -1.50 5.52
C GLN A 550 -19.48 -0.18 5.93
N GLU A 551 -19.70 0.84 5.10
CA GLU A 551 -19.13 2.15 5.36
C GLU A 551 -19.90 2.90 6.44
N TYR A 552 -21.20 3.14 6.19
CA TYR A 552 -22.05 3.84 7.15
C TYR A 552 -23.48 3.39 6.92
N ILE A 553 -24.07 2.74 7.92
CA ILE A 553 -25.44 2.25 7.79
C ILE A 553 -26.40 3.44 7.72
N ARG A 554 -27.46 3.27 6.94
CA ARG A 554 -28.46 4.33 6.79
C ARG A 554 -29.19 4.55 8.11
N TRP A 555 -29.30 5.82 8.51
CA TRP A 555 -29.95 6.21 9.77
C TRP A 555 -29.28 5.51 10.95
N GLY A 556 -27.95 5.59 11.01
CA GLY A 556 -27.21 5.00 12.10
C GLY A 556 -27.04 5.95 13.27
N ASP A 557 -26.83 5.38 14.46
CA ASP A 557 -26.70 6.17 15.67
C ASP A 557 -25.37 6.92 15.75
N ALA A 558 -24.47 6.74 14.79
CA ALA A 558 -23.14 7.35 14.82
C ALA A 558 -23.04 8.37 13.70
N TRP A 559 -23.22 9.65 14.05
CA TRP A 559 -23.02 10.76 13.13
C TRP A 559 -23.94 10.68 11.92
N ALA A 560 -25.10 10.04 12.06
CA ALA A 560 -26.03 9.94 10.96
C ALA A 560 -27.42 10.43 11.34
N VAL A 561 -27.83 10.18 12.58
CA VAL A 561 -29.19 10.54 13.02
C VAL A 561 -29.39 12.05 12.95
N GLY A 562 -28.45 12.82 13.50
CA GLY A 562 -28.52 14.26 13.44
C GLY A 562 -28.59 14.81 12.03
N PRO A 563 -27.66 14.38 11.16
CA PRO A 563 -27.72 14.83 9.76
C PRO A 563 -29.02 14.47 9.05
N VAL A 564 -29.49 13.24 9.16
CA VAL A 564 -30.71 12.87 8.44
C VAL A 564 -31.90 13.61 9.01
N THR A 565 -31.91 13.87 10.33
CA THR A 565 -33.02 14.60 10.93
C THR A 565 -33.03 16.06 10.49
N ILE A 566 -31.86 16.70 10.46
CA ILE A 566 -31.82 18.09 10.02
C ILE A 566 -32.12 18.20 8.53
N ALA A 567 -31.75 17.19 7.75
CA ALA A 567 -32.09 17.21 6.33
C ALA A 567 -33.58 17.01 6.12
N CYS A 568 -34.22 16.15 6.91
CA CYS A 568 -35.66 15.98 6.84
C CYS A 568 -36.38 17.26 7.25
N LEU A 569 -35.88 17.95 8.27
CA LEU A 569 -36.48 19.21 8.68
C LEU A 569 -36.33 20.26 7.59
N GLY A 570 -35.15 20.33 6.96
CA GLY A 570 -34.98 21.26 5.85
C GLY A 570 -35.89 20.95 4.68
N ALA A 571 -36.05 19.67 4.35
CA ALA A 571 -36.96 19.29 3.27
C ALA A 571 -38.40 19.63 3.61
N LEU A 572 -38.80 19.45 4.87
CA LEU A 572 -40.15 19.83 5.28
C LEU A 572 -40.35 21.33 5.18
N ALA A 573 -39.35 22.12 5.58
CA ALA A 573 -39.45 23.57 5.46
C ALA A 573 -39.54 23.99 4.01
N THR A 574 -38.76 23.35 3.14
CA THR A 574 -38.81 23.67 1.71
C THR A 574 -40.17 23.32 1.12
N LEU A 575 -40.72 22.17 1.48
CA LEU A 575 -42.05 21.80 1.00
C LEU A 575 -43.11 22.78 1.50
N PHE A 576 -43.01 23.21 2.76
CA PHE A 576 -43.98 24.13 3.31
C PHE A 576 -43.91 25.49 2.62
N VAL A 577 -42.69 25.99 2.37
CA VAL A 577 -42.57 27.29 1.73
C VAL A 577 -42.99 27.21 0.26
N LEU A 578 -42.74 26.07 -0.40
CA LEU A 578 -43.23 25.90 -1.77
C LEU A 578 -44.76 25.87 -1.79
N GLY A 579 -45.37 25.20 -0.81
CA GLY A 579 -46.82 25.16 -0.74
C GLY A 579 -47.42 26.53 -0.48
N VAL A 580 -46.81 27.30 0.43
CA VAL A 580 -47.33 28.63 0.73
C VAL A 580 -47.05 29.59 -0.41
N PHE A 581 -46.07 29.30 -1.27
CA PHE A 581 -45.86 30.11 -2.46
C PHE A 581 -46.91 29.79 -3.53
N VAL A 582 -47.15 28.50 -3.79
CA VAL A 582 -48.10 28.13 -4.82
C VAL A 582 -49.55 28.33 -4.38
N ARG A 583 -49.80 28.50 -3.08
CA ARG A 583 -51.17 28.71 -2.62
C ARG A 583 -51.68 30.07 -3.08
N HIS A 584 -50.89 31.12 -2.89
CA HIS A 584 -51.25 32.47 -3.32
C HIS A 584 -50.17 32.98 -4.26
N ASN A 585 -50.55 33.18 -5.53
CA ASN A 585 -49.64 33.68 -6.54
C ASN A 585 -50.01 35.06 -7.07
N ALA A 586 -51.18 35.58 -6.73
CA ALA A 586 -51.59 36.91 -7.16
C ALA A 586 -50.99 38.02 -6.32
N THR A 587 -50.35 37.69 -5.19
CA THR A 587 -49.75 38.72 -4.35
C THR A 587 -48.44 39.20 -4.99
N PRO A 588 -48.14 40.51 -4.89
CA PRO A 588 -46.89 41.03 -5.48
C PRO A 588 -45.64 40.52 -4.78
N VAL A 589 -45.75 39.96 -3.58
CA VAL A 589 -44.57 39.47 -2.87
C VAL A 589 -43.92 38.33 -3.63
N VAL A 590 -44.72 37.30 -3.98
CA VAL A 590 -44.18 36.20 -4.77
C VAL A 590 -44.07 36.56 -6.25
N LYS A 591 -44.72 37.62 -6.70
CA LYS A 591 -44.65 38.03 -8.10
C LYS A 591 -43.41 38.87 -8.40
N ALA A 592 -42.82 39.50 -7.39
CA ALA A 592 -41.63 40.32 -7.62
C ALA A 592 -40.48 39.47 -8.14
N ALA A 593 -40.13 38.41 -7.41
CA ALA A 593 -39.14 37.48 -7.88
C ALA A 593 -39.72 36.57 -8.95
N GLY A 594 -38.84 35.89 -9.67
CA GLY A 594 -39.28 34.97 -10.72
C GLY A 594 -40.05 33.80 -10.17
N ARG A 595 -41.29 33.62 -10.66
CA ARG A 595 -42.10 32.48 -10.24
C ARG A 595 -41.41 31.16 -10.62
N GLU A 596 -41.09 31.00 -11.91
CA GLU A 596 -40.31 29.84 -12.32
C GLU A 596 -38.94 29.83 -11.67
N LEU A 597 -38.35 31.02 -11.45
CA LEU A 597 -37.04 31.10 -10.84
C LEU A 597 -37.07 30.64 -9.39
N CYS A 598 -38.06 31.11 -8.61
CA CYS A 598 -38.17 30.64 -7.24
C CYS A 598 -38.56 29.17 -7.17
N TYR A 599 -39.35 28.70 -8.14
CA TYR A 599 -39.70 27.29 -8.18
C TYR A 599 -38.47 26.42 -8.40
N ILE A 600 -37.62 26.79 -9.36
CA ILE A 600 -36.42 26.00 -9.61
C ILE A 600 -35.41 26.17 -8.49
N LEU A 601 -35.43 27.30 -7.79
CA LEU A 601 -34.56 27.47 -6.63
C LEU A 601 -34.99 26.54 -5.49
N LEU A 602 -36.30 26.46 -5.24
CA LEU A 602 -36.80 25.53 -4.23
C LEU A 602 -36.52 24.09 -4.64
N GLY A 603 -36.63 23.78 -5.93
CA GLY A 603 -36.27 22.46 -6.40
C GLY A 603 -34.80 22.15 -6.18
N GLY A 604 -33.92 23.14 -6.40
CA GLY A 604 -32.51 22.94 -6.16
C GLY A 604 -32.20 22.74 -4.68
N VAL A 605 -32.90 23.46 -3.81
CA VAL A 605 -32.71 23.25 -2.38
C VAL A 605 -33.19 21.87 -1.96
N PHE A 606 -34.33 21.44 -2.49
CA PHE A 606 -34.83 20.09 -2.19
C PHE A 606 -33.87 19.03 -2.72
N LEU A 607 -33.23 19.29 -3.86
CA LEU A 607 -32.26 18.33 -4.37
C LEU A 607 -30.97 18.35 -3.55
N CYS A 608 -30.60 19.51 -2.99
CA CYS A 608 -29.51 19.54 -2.02
C CYS A 608 -29.83 18.67 -0.82
N TYR A 609 -31.06 18.75 -0.33
CA TYR A 609 -31.44 17.93 0.84
C TYR A 609 -31.50 16.45 0.48
N CYS A 610 -31.95 16.13 -0.74
CA CYS A 610 -31.91 14.75 -1.19
C CYS A 610 -30.48 14.25 -1.32
N MET A 611 -29.57 15.12 -1.73
CA MET A 611 -28.15 14.77 -1.78
C MET A 611 -27.60 14.52 -0.38
N THR A 612 -27.99 15.36 0.58
CA THR A 612 -27.63 15.12 1.97
C THR A 612 -28.15 13.78 2.47
N PHE A 613 -29.35 13.40 2.02
CA PHE A 613 -29.88 12.06 2.34
C PHE A 613 -29.03 10.97 1.71
N ILE A 614 -28.67 11.14 0.44
CA ILE A 614 -27.97 10.10 -0.30
C ILE A 614 -26.55 9.90 0.24
N PHE A 615 -25.91 10.98 0.73
CA PHE A 615 -24.56 10.85 1.25
C PHE A 615 -24.48 9.85 2.40
N ILE A 616 -25.53 9.74 3.20
CA ILE A 616 -25.59 8.76 4.29
C ILE A 616 -26.34 7.55 3.72
N ALA A 617 -25.60 6.65 3.11
CA ALA A 617 -26.16 5.45 2.49
C ALA A 617 -25.02 4.49 2.18
N LYS A 618 -25.37 3.32 1.66
CA LYS A 618 -24.38 2.33 1.29
C LYS A 618 -23.68 2.74 0.00
N PRO A 619 -22.37 2.93 -0.01
CA PRO A 619 -21.68 3.37 -1.23
C PRO A 619 -21.69 2.29 -2.29
N SER A 620 -22.22 2.63 -3.46
CA SER A 620 -22.20 1.74 -4.62
C SER A 620 -21.86 2.58 -5.85
N THR A 621 -21.40 1.89 -6.91
CA THR A 621 -20.98 2.61 -8.11
C THR A 621 -22.12 3.44 -8.68
N ALA A 622 -23.34 2.90 -8.69
CA ALA A 622 -24.49 3.69 -9.11
C ALA A 622 -24.78 4.81 -8.13
N VAL A 623 -24.76 4.51 -6.83
CA VAL A 623 -24.99 5.53 -5.81
C VAL A 623 -23.88 6.57 -5.85
N CYS A 624 -22.64 6.14 -6.07
CA CYS A 624 -21.53 7.08 -6.08
C CYS A 624 -21.58 8.00 -7.31
N THR A 625 -21.93 7.46 -8.47
CA THR A 625 -22.13 8.30 -9.65
C THR A 625 -23.29 9.26 -9.44
N LEU A 626 -24.36 8.78 -8.80
CA LEU A 626 -25.49 9.66 -8.49
C LEU A 626 -25.06 10.78 -7.57
N ARG A 627 -24.20 10.50 -6.60
CA ARG A 627 -23.66 11.54 -5.74
C ARG A 627 -22.87 12.57 -6.56
N ARG A 628 -21.94 12.07 -7.37
CA ARG A 628 -21.07 12.96 -8.14
C ARG A 628 -21.88 13.88 -9.06
N LEU A 629 -22.96 13.36 -9.63
CA LEU A 629 -23.80 14.20 -10.49
C LEU A 629 -24.69 15.13 -9.68
N GLY A 630 -25.31 14.61 -8.61
CA GLY A 630 -26.33 15.36 -7.92
C GLY A 630 -25.78 16.50 -7.08
N LEU A 631 -24.59 16.34 -6.51
CA LEU A 631 -23.99 17.45 -5.77
C LEU A 631 -23.79 18.66 -6.68
N GLY A 632 -23.11 18.45 -7.81
CA GLY A 632 -22.89 19.53 -8.75
C GLY A 632 -24.18 20.09 -9.30
N THR A 633 -25.14 19.21 -9.61
CA THR A 633 -26.42 19.69 -10.14
C THR A 633 -27.15 20.56 -9.13
N ALA A 634 -27.17 20.13 -7.86
CA ALA A 634 -27.90 20.87 -6.82
C ALA A 634 -27.24 22.21 -6.53
N PHE A 635 -25.90 22.27 -6.56
CA PHE A 635 -25.25 23.55 -6.36
C PHE A 635 -25.47 24.47 -7.56
N SER A 636 -25.34 23.93 -8.77
CA SER A 636 -25.44 24.75 -9.98
C SER A 636 -26.86 25.26 -10.20
N VAL A 637 -27.88 24.50 -9.79
CA VAL A 637 -29.25 24.99 -9.95
C VAL A 637 -29.47 26.26 -9.15
N CYS A 638 -29.09 26.23 -7.87
CA CYS A 638 -29.23 27.42 -7.03
C CYS A 638 -28.37 28.57 -7.54
N TYR A 639 -27.14 28.27 -7.94
CA TYR A 639 -26.26 29.34 -8.43
C TYR A 639 -26.81 29.98 -9.69
N SER A 640 -27.34 29.17 -10.61
CA SER A 640 -27.89 29.71 -11.85
C SER A 640 -29.19 30.45 -11.62
N ALA A 641 -30.01 30.00 -10.68
CA ALA A 641 -31.24 30.73 -10.36
C ALA A 641 -30.90 32.11 -9.78
N LEU A 642 -29.93 32.16 -8.86
CA LEU A 642 -29.52 33.44 -8.30
C LEU A 642 -28.91 34.32 -9.38
N LEU A 643 -28.13 33.73 -10.29
CA LEU A 643 -27.52 34.52 -11.37
C LEU A 643 -28.59 35.10 -12.29
N THR A 644 -29.62 34.31 -12.61
CA THR A 644 -30.70 34.80 -13.47
C THR A 644 -31.48 35.91 -12.78
N LYS A 645 -31.77 35.74 -11.49
CA LYS A 645 -32.48 36.78 -10.76
C LYS A 645 -31.68 38.08 -10.72
N THR A 646 -30.39 37.98 -10.41
CA THR A 646 -29.58 39.18 -10.33
C THR A 646 -29.36 39.79 -11.72
N ASN A 647 -29.38 38.97 -12.78
CA ASN A 647 -29.29 39.51 -14.13
C ASN A 647 -30.56 40.26 -14.50
N ARG A 648 -31.73 39.75 -14.09
CA ARG A 648 -32.96 40.50 -14.29
C ARG A 648 -32.96 41.80 -13.49
N ILE A 649 -32.35 41.79 -12.31
CA ILE A 649 -32.23 43.02 -11.53
C ILE A 649 -31.31 44.01 -12.25
N ALA A 650 -30.20 43.53 -12.81
CA ALA A 650 -29.36 44.39 -13.63
C ALA A 650 -30.11 44.92 -14.83
N ARG A 651 -31.03 44.11 -15.39
CA ARG A 651 -31.85 44.57 -16.50
C ARG A 651 -32.77 45.71 -16.08
N ILE A 652 -33.47 45.55 -14.95
CA ILE A 652 -34.35 46.60 -14.48
C ILE A 652 -33.55 47.84 -14.09
N PHE A 653 -32.29 47.68 -13.71
CA PHE A 653 -31.47 48.84 -13.35
C PHE A 653 -30.95 49.56 -14.59
N GLY A 654 -30.63 48.84 -15.65
CA GLY A 654 -30.01 49.44 -16.82
C GLY A 654 -30.95 49.75 -17.97
N GLY A 655 -32.20 49.29 -17.87
CA GLY A 655 -33.15 49.54 -18.95
C GLY A 655 -33.71 50.94 -18.93
N ALA A 656 -33.96 51.47 -17.74
CA ALA A 656 -34.49 52.84 -17.63
C ALA A 656 -33.48 53.88 -18.09
N ARG A 657 -32.18 53.56 -17.96
CA ARG A 657 -31.11 54.51 -18.37
C ARG A 657 -31.02 54.53 -19.89
N GLU A 658 -31.24 53.39 -20.54
CA GLU A 658 -31.19 53.27 -21.99
C GLU A 658 -32.59 53.52 -22.56
N GLY A 659 -32.77 53.21 -23.84
CA GLY A 659 -34.03 53.43 -24.51
C GLY A 659 -35.14 52.55 -23.98
N ALA A 660 -36.32 52.72 -24.57
CA ALA A 660 -37.52 52.00 -24.16
C ALA A 660 -37.72 50.80 -25.08
N GLN A 661 -36.92 49.76 -24.84
CA GLN A 661 -37.00 48.53 -25.61
C GLN A 661 -36.96 47.34 -24.66
N ARG A 662 -37.60 46.25 -25.07
CA ARG A 662 -37.56 45.02 -24.30
C ARG A 662 -36.23 44.32 -24.54
N PRO A 663 -35.39 44.16 -23.51
CA PRO A 663 -34.08 43.54 -23.71
C PRO A 663 -34.22 42.08 -24.11
N ARG A 664 -33.14 41.57 -24.72
CA ARG A 664 -33.13 40.19 -25.17
C ARG A 664 -33.17 39.24 -23.97
N PHE A 665 -33.85 38.11 -24.15
CA PHE A 665 -33.99 37.08 -23.12
C PHE A 665 -34.63 37.66 -21.85
N ILE A 666 -35.87 38.10 -22.00
CA ILE A 666 -36.61 38.70 -20.90
C ILE A 666 -37.81 37.87 -20.48
N SER A 667 -38.39 37.09 -21.39
CA SER A 667 -39.57 36.29 -21.05
C SER A 667 -39.20 35.24 -20.02
N PRO A 668 -40.17 34.81 -19.20
CA PRO A 668 -39.86 33.78 -18.18
C PRO A 668 -39.39 32.47 -18.77
N ALA A 669 -40.04 32.01 -19.85
CA ALA A 669 -39.60 30.78 -20.50
C ALA A 669 -38.17 30.91 -21.01
N SER A 670 -37.78 32.10 -21.46
CA SER A 670 -36.40 32.31 -21.89
C SER A 670 -35.43 32.16 -20.72
N GLN A 671 -35.80 32.66 -19.54
CA GLN A 671 -34.94 32.51 -18.38
C GLN A 671 -34.85 31.05 -17.95
N VAL A 672 -35.96 30.32 -18.02
CA VAL A 672 -35.92 28.89 -17.74
C VAL A 672 -35.00 28.18 -18.72
N ALA A 673 -35.07 28.56 -20.00
CA ALA A 673 -34.19 27.96 -21.00
C ALA A 673 -32.73 28.29 -20.70
N ILE A 674 -32.45 29.51 -20.25
CA ILE A 674 -31.07 29.91 -19.97
C ILE A 674 -30.52 29.12 -18.79
N CYS A 675 -31.29 29.02 -17.70
CA CYS A 675 -30.78 28.27 -16.55
C CYS A 675 -30.70 26.78 -16.84
N LEU A 676 -31.62 26.25 -17.65
CA LEU A 676 -31.51 24.84 -18.04
C LEU A 676 -30.29 24.62 -18.93
N ALA A 677 -29.93 25.60 -19.76
CA ALA A 677 -28.71 25.48 -20.55
C ALA A 677 -27.47 25.53 -19.67
N LEU A 678 -27.49 26.37 -18.64
CA LEU A 678 -26.38 26.39 -17.69
C LEU A 678 -26.26 25.05 -16.96
N ILE A 679 -27.38 24.48 -16.54
CA ILE A 679 -27.35 23.18 -15.87
C ILE A 679 -26.89 22.09 -16.83
N SER A 680 -27.29 22.19 -18.10
CA SER A 680 -26.85 21.22 -19.09
C SER A 680 -25.35 21.33 -19.34
N GLY A 681 -24.81 22.55 -19.33
CA GLY A 681 -23.36 22.69 -19.44
C GLY A 681 -22.62 22.13 -18.25
N GLN A 682 -23.16 22.35 -17.04
CA GLN A 682 -22.57 21.75 -15.84
C GLN A 682 -22.58 20.23 -15.93
N LEU A 683 -23.72 19.66 -16.34
CA LEU A 683 -23.81 18.21 -16.49
C LEU A 683 -22.85 17.72 -17.57
N LEU A 684 -22.70 18.49 -18.65
CA LEU A 684 -21.79 18.10 -19.72
C LEU A 684 -20.36 18.04 -19.24
N ILE A 685 -19.92 19.06 -18.49
CA ILE A 685 -18.54 19.04 -18.00
C ILE A 685 -18.36 17.95 -16.94
N VAL A 686 -19.37 17.69 -16.11
CA VAL A 686 -19.20 16.68 -15.08
C VAL A 686 -19.19 15.28 -15.67
N VAL A 687 -19.90 15.06 -16.78
CA VAL A 687 -19.84 13.74 -17.41
C VAL A 687 -18.60 13.63 -18.30
N ALA A 688 -18.08 14.76 -18.79
CA ALA A 688 -16.83 14.73 -19.54
C ALA A 688 -15.65 14.43 -18.63
N TRP A 689 -15.72 14.88 -17.37
CA TRP A 689 -14.71 14.49 -16.40
C TRP A 689 -15.02 13.15 -15.74
N LEU A 690 -16.28 12.69 -15.81
CA LEU A 690 -16.64 11.41 -15.22
C LEU A 690 -16.20 10.24 -16.09
N VAL A 691 -16.27 10.39 -17.41
CA VAL A 691 -15.88 9.29 -18.30
C VAL A 691 -14.39 9.01 -18.23
N VAL A 692 -13.58 10.00 -17.84
CA VAL A 692 -12.15 9.75 -17.67
C VAL A 692 -11.91 8.85 -16.47
N GLU A 693 -12.63 9.06 -15.39
CA GLU A 693 -12.56 8.22 -14.21
C GLU A 693 -13.60 7.11 -14.31
N ALA A 694 -13.82 6.40 -13.20
CA ALA A 694 -14.81 5.32 -13.18
C ALA A 694 -15.34 5.13 -11.77
N PRO A 695 -16.66 5.19 -11.57
CA PRO A 695 -17.21 4.98 -10.23
C PRO A 695 -17.07 3.52 -9.81
N GLY A 696 -16.43 3.32 -8.66
CA GLY A 696 -16.18 1.97 -8.16
C GLY A 696 -16.70 1.72 -6.77
N THR A 697 -17.60 0.74 -6.63
CA THR A 697 -18.15 0.40 -5.33
C THR A 697 -17.16 -0.34 -4.44
N GLY A 698 -15.99 -0.69 -4.96
CA GLY A 698 -15.03 -1.42 -4.16
C GLY A 698 -14.41 -0.56 -3.07
N LYS A 699 -14.10 -1.20 -1.95
CA LYS A 699 -13.48 -0.50 -0.84
C LYS A 699 -12.02 -0.20 -1.14
N GLU A 700 -11.38 0.54 -0.24
CA GLU A 700 -9.97 0.90 -0.41
C GLU A 700 -9.09 -0.34 -0.30
N THR A 701 -9.45 -1.28 0.57
CA THR A 701 -8.71 -2.53 0.78
C THR A 701 -7.26 -2.30 1.16
N ALA A 702 -6.92 -1.10 1.63
CA ALA A 702 -5.56 -0.78 2.04
C ALA A 702 -5.56 0.43 2.96
N PRO A 703 -5.98 0.28 4.22
CA PRO A 703 -5.98 1.41 5.15
C PRO A 703 -4.59 1.63 5.76
N GLU A 704 -4.47 2.74 6.47
CA GLU A 704 -3.23 3.08 7.17
C GLU A 704 -3.18 2.54 8.59
N ARG A 705 -4.20 1.78 9.02
CA ARG A 705 -4.23 1.22 10.36
C ARG A 705 -4.51 -0.28 10.39
N ARG A 706 -4.86 -0.88 9.25
CA ARG A 706 -5.12 -2.32 9.12
C ARG A 706 -6.27 -2.81 9.99
N GLU A 707 -7.06 -1.89 10.57
CA GLU A 707 -8.16 -2.27 11.44
C GLU A 707 -9.48 -2.35 10.66
N VAL A 708 -9.87 -1.26 10.01
CA VAL A 708 -11.10 -1.20 9.25
C VAL A 708 -10.84 -0.53 7.91
N VAL A 709 -11.56 -0.96 6.89
CA VAL A 709 -11.43 -0.43 5.54
C VAL A 709 -12.50 0.62 5.30
N THR A 710 -12.23 1.54 4.39
CA THR A 710 -13.14 2.62 4.04
C THR A 710 -13.47 2.56 2.55
N LEU A 711 -14.74 2.82 2.23
CA LEU A 711 -15.20 2.80 0.85
C LEU A 711 -15.09 4.19 0.25
N ARG A 712 -14.48 4.28 -0.93
CA ARG A 712 -14.29 5.55 -1.62
C ARG A 712 -14.41 5.32 -3.12
N CYS A 713 -15.29 6.06 -3.78
CA CYS A 713 -15.53 5.91 -5.21
C CYS A 713 -14.81 6.97 -6.03
N ASN A 714 -15.09 8.24 -5.77
CA ASN A 714 -14.58 9.32 -6.60
C ASN A 714 -13.11 9.58 -6.29
N HIS A 715 -12.52 10.49 -7.08
CA HIS A 715 -11.14 10.89 -6.87
C HIS A 715 -11.02 11.78 -5.64
N ARG A 716 -9.82 12.28 -5.39
CA ARG A 716 -9.58 13.10 -4.21
C ARG A 716 -10.19 14.49 -4.38
N ASP A 717 -9.70 15.25 -5.37
CA ASP A 717 -10.17 16.62 -5.55
C ASP A 717 -10.38 17.03 -7.00
N ALA A 718 -9.99 16.22 -8.00
CA ALA A 718 -9.98 16.69 -9.38
C ALA A 718 -11.36 17.19 -9.83
N SER A 719 -12.34 16.29 -9.88
CA SER A 719 -13.69 16.70 -10.22
C SER A 719 -14.23 17.68 -9.19
N MET A 720 -13.86 17.50 -7.92
CA MET A 720 -14.28 18.41 -6.87
C MET A 720 -13.72 19.81 -7.09
N LEU A 721 -12.44 19.91 -7.44
CA LEU A 721 -11.86 21.22 -7.69
C LEU A 721 -12.42 21.86 -8.96
N GLY A 722 -12.75 21.04 -9.97
CA GLY A 722 -13.38 21.58 -11.16
C GLY A 722 -14.75 22.17 -10.87
N SER A 723 -15.59 21.42 -10.14
CA SER A 723 -16.89 21.93 -9.75
C SER A 723 -16.75 23.15 -8.85
N LEU A 724 -15.74 23.16 -7.98
CA LEU A 724 -15.51 24.31 -7.11
C LEU A 724 -15.14 25.54 -7.93
N ALA A 725 -14.29 25.38 -8.95
CA ALA A 725 -13.93 26.50 -9.80
C ALA A 725 -15.14 27.02 -10.57
N TYR A 726 -15.97 26.12 -11.09
CA TYR A 726 -17.19 26.55 -11.78
C TYR A 726 -18.11 27.31 -10.84
N ASN A 727 -18.29 26.81 -9.61
CA ASN A 727 -19.16 27.46 -8.65
C ASN A 727 -18.61 28.82 -8.23
N VAL A 728 -17.27 28.92 -8.07
CA VAL A 728 -16.68 30.20 -7.71
C VAL A 728 -16.81 31.18 -8.86
N LEU A 729 -16.74 30.71 -10.10
CA LEU A 729 -16.96 31.59 -11.25
C LEU A 729 -18.38 32.12 -11.27
N LEU A 730 -19.36 31.24 -11.05
CA LEU A 730 -20.75 31.68 -10.99
C LEU A 730 -20.98 32.66 -9.83
N ILE A 731 -20.34 32.40 -8.69
CA ILE A 731 -20.46 33.29 -7.54
C ILE A 731 -19.85 34.66 -7.86
N ALA A 732 -18.73 34.67 -8.58
CA ALA A 732 -18.11 35.94 -8.95
C ALA A 732 -19.00 36.73 -9.90
N LEU A 733 -19.62 36.05 -10.87
CA LEU A 733 -20.56 36.73 -11.75
C LEU A 733 -21.74 37.29 -10.97
N CYS A 734 -22.31 36.49 -10.07
CA CYS A 734 -23.45 36.97 -9.28
C CYS A 734 -23.04 38.14 -8.40
N THR A 735 -21.83 38.11 -7.84
CA THR A 735 -21.38 39.20 -6.97
C THR A 735 -21.14 40.47 -7.77
N LEU A 736 -20.54 40.37 -8.95
CA LEU A 736 -20.32 41.56 -9.75
C LEU A 736 -21.64 42.13 -10.27
N TYR A 737 -22.60 41.27 -10.58
CA TYR A 737 -23.92 41.77 -10.97
C TYR A 737 -24.62 42.46 -9.80
N ALA A 738 -24.53 41.89 -8.60
CA ALA A 738 -25.10 42.53 -7.43
C ALA A 738 -24.40 43.85 -7.11
N PHE A 739 -23.10 43.94 -7.38
CA PHE A 739 -22.40 45.21 -7.19
C PHE A 739 -22.84 46.25 -8.21
N LYS A 740 -23.03 45.84 -9.46
CA LYS A 740 -23.57 46.75 -10.47
C LYS A 740 -24.96 47.22 -10.09
N THR A 741 -25.75 46.35 -9.45
CA THR A 741 -27.05 46.76 -8.95
C THR A 741 -26.92 47.77 -7.81
N ARG A 742 -26.11 47.46 -6.81
CA ARG A 742 -25.95 48.33 -5.66
C ARG A 742 -25.36 49.68 -6.04
N LYS A 743 -24.59 49.74 -7.13
CA LYS A 743 -24.08 51.01 -7.60
C LYS A 743 -25.19 51.96 -8.01
N CYS A 744 -26.35 51.43 -8.37
CA CYS A 744 -27.52 52.24 -8.72
C CYS A 744 -28.74 51.65 -8.03
N PRO A 745 -28.98 52.01 -6.77
CA PRO A 745 -30.16 51.50 -6.06
C PRO A 745 -31.44 52.02 -6.70
N GLU A 746 -32.35 51.09 -7.01
CA GLU A 746 -33.60 51.43 -7.67
C GLU A 746 -34.73 51.58 -6.67
N ASN A 747 -35.87 52.07 -7.15
CA ASN A 747 -37.06 52.18 -6.32
C ASN A 747 -37.64 50.82 -5.99
N PHE A 748 -37.30 49.79 -6.75
CA PHE A 748 -37.77 48.43 -6.49
C PHE A 748 -37.07 47.91 -5.24
N ASN A 749 -37.75 47.96 -4.10
CA ASN A 749 -37.15 47.52 -2.85
C ASN A 749 -36.88 46.02 -2.84
N GLU A 750 -37.69 45.25 -3.58
CA GLU A 750 -37.43 43.81 -3.69
C GLU A 750 -36.09 43.55 -4.35
N ALA A 751 -35.70 44.37 -5.32
CA ALA A 751 -34.40 44.19 -5.98
C ALA A 751 -33.25 44.42 -4.99
N LYS A 752 -33.33 45.49 -4.20
CA LYS A 752 -32.29 45.76 -3.22
C LYS A 752 -32.24 44.67 -2.14
N PHE A 753 -33.41 44.20 -1.71
CA PHE A 753 -33.43 43.11 -0.74
C PHE A 753 -32.81 41.84 -1.30
N ILE A 754 -33.11 41.52 -2.56
CA ILE A 754 -32.53 40.34 -3.19
C ILE A 754 -31.03 40.49 -3.33
N GLY A 755 -30.57 41.71 -3.64
CA GLY A 755 -29.13 41.94 -3.72
C GLY A 755 -28.43 41.77 -2.39
N PHE A 756 -29.03 42.29 -1.33
CA PHE A 756 -28.46 42.13 0.00
C PHE A 756 -28.42 40.66 0.42
N THR A 757 -29.50 39.92 0.16
CA THR A 757 -29.52 38.51 0.49
C THR A 757 -28.53 37.71 -0.35
N MET A 758 -28.32 38.13 -1.61
CA MET A 758 -27.32 37.46 -2.44
C MET A 758 -25.92 37.71 -1.93
N TYR A 759 -25.63 38.93 -1.48
CA TYR A 759 -24.33 39.22 -0.88
C TYR A 759 -24.14 38.42 0.40
N THR A 760 -25.20 38.28 1.20
CA THR A 760 -25.11 37.48 2.42
C THR A 760 -24.85 36.01 2.09
N THR A 761 -25.54 35.47 1.09
CA THR A 761 -25.30 34.09 0.68
C THR A 761 -23.87 33.92 0.16
N CYS A 762 -23.37 34.91 -0.58
CA CYS A 762 -22.01 34.82 -1.12
C CYS A 762 -20.97 34.85 -0.02
N ILE A 763 -21.16 35.70 1.00
CA ILE A 763 -20.19 35.71 2.10
C ILE A 763 -20.33 34.44 2.94
N ILE A 764 -21.53 33.86 3.01
CA ILE A 764 -21.68 32.58 3.68
C ILE A 764 -20.90 31.50 2.92
N TRP A 765 -20.97 31.52 1.59
CA TRP A 765 -20.17 30.58 0.79
C TRP A 765 -18.68 30.79 1.03
N LEU A 766 -18.24 32.05 1.03
CA LEU A 766 -16.82 32.34 1.19
C LEU A 766 -16.33 32.02 2.60
N ALA A 767 -17.25 31.98 3.58
CA ALA A 767 -16.86 31.57 4.93
C ALA A 767 -16.89 30.06 5.10
N PHE A 768 -17.82 29.36 4.43
CA PHE A 768 -17.90 27.92 4.53
C PHE A 768 -16.84 27.20 3.69
N LEU A 769 -16.32 27.85 2.65
CA LEU A 769 -15.30 27.21 1.82
C LEU A 769 -14.05 26.84 2.60
N PRO A 770 -13.41 27.74 3.37
CA PRO A 770 -12.24 27.31 4.15
C PRO A 770 -12.59 26.31 5.24
N ILE A 771 -13.83 26.32 5.73
CA ILE A 771 -14.23 25.38 6.77
C ILE A 771 -14.09 23.94 6.26
N PHE A 772 -14.70 23.65 5.11
CA PHE A 772 -14.55 22.32 4.53
C PHE A 772 -13.17 22.11 3.93
N TYR A 773 -12.49 23.19 3.54
CA TYR A 773 -11.13 23.05 3.02
C TYR A 773 -10.17 22.55 4.10
N VAL A 774 -10.37 22.98 5.34
CA VAL A 774 -9.55 22.51 6.45
C VAL A 774 -10.10 21.25 7.10
N THR A 775 -11.42 21.02 7.03
CA THR A 775 -12.02 19.81 7.56
C THR A 775 -11.89 18.63 6.60
N SER A 776 -11.47 18.88 5.36
CA SER A 776 -11.28 17.79 4.41
C SER A 776 -10.23 16.80 4.91
N SER A 777 -9.27 17.27 5.71
CA SER A 777 -8.32 16.36 6.34
C SER A 777 -9.05 15.44 7.32
N ASP A 778 -8.57 14.21 7.43
CA ASP A 778 -9.22 13.17 8.22
C ASP A 778 -10.66 12.95 7.74
N TYR A 779 -10.75 12.45 6.51
CA TYR A 779 -12.02 12.30 5.80
C TYR A 779 -13.04 11.43 6.55
N ARG A 780 -12.61 10.70 7.58
CA ARG A 780 -13.57 9.93 8.37
C ARG A 780 -14.63 10.82 8.98
N VAL A 781 -14.26 12.04 9.38
CA VAL A 781 -15.24 13.00 9.87
C VAL A 781 -15.76 13.89 8.74
N GLN A 782 -15.04 14.00 7.62
CA GLN A 782 -15.53 14.80 6.50
C GLN A 782 -16.73 14.15 5.85
N THR A 783 -16.74 12.82 5.76
CA THR A 783 -17.89 12.11 5.20
C THR A 783 -19.15 12.31 6.04
N THR A 784 -19.01 12.67 7.31
CA THR A 784 -20.15 12.97 8.17
C THR A 784 -20.50 14.44 8.16
N THR A 785 -19.50 15.33 8.05
CA THR A 785 -19.76 16.76 8.02
C THR A 785 -20.25 17.26 6.67
N MET A 786 -20.07 16.47 5.60
CA MET A 786 -20.58 16.88 4.29
C MET A 786 -22.09 17.08 4.33
N CYS A 787 -22.81 16.16 4.98
CA CYS A 787 -24.27 16.26 5.03
C CYS A 787 -24.71 17.52 5.75
N VAL A 788 -24.11 17.80 6.92
CA VAL A 788 -24.53 18.98 7.67
C VAL A 788 -24.09 20.26 6.96
N SER A 789 -22.98 20.22 6.22
CA SER A 789 -22.58 21.40 5.45
C SER A 789 -23.57 21.68 4.32
N VAL A 790 -23.97 20.64 3.59
CA VAL A 790 -24.97 20.81 2.54
C VAL A 790 -26.29 21.28 3.13
N SER A 791 -26.64 20.77 4.32
CA SER A 791 -27.88 21.20 4.96
C SER A 791 -27.82 22.67 5.38
N LEU A 792 -26.67 23.10 5.91
CA LEU A 792 -26.52 24.51 6.27
C LEU A 792 -26.58 25.39 5.03
N SER A 793 -25.98 24.94 3.92
CA SER A 793 -26.04 25.72 2.69
C SER A 793 -27.47 25.82 2.17
N GLY A 794 -28.21 24.71 2.21
CA GLY A 794 -29.60 24.75 1.80
C GLY A 794 -30.44 25.66 2.70
N SER A 795 -30.13 25.65 4.00
CA SER A 795 -30.84 26.54 4.92
C SER A 795 -30.53 28.00 4.64
N VAL A 796 -29.26 28.30 4.31
CA VAL A 796 -28.89 29.67 3.97
C VAL A 796 -29.61 30.12 2.71
N VAL A 797 -29.69 29.26 1.71
CA VAL A 797 -30.40 29.61 0.48
C VAL A 797 -31.90 29.76 0.76
N LEU A 798 -32.45 28.92 1.63
CA LEU A 798 -33.86 29.03 2.01
C LEU A 798 -34.12 30.36 2.69
N GLY A 799 -33.23 30.79 3.58
CA GLY A 799 -33.39 32.09 4.21
C GLY A 799 -33.29 33.23 3.22
N CYS A 800 -32.29 33.17 2.33
CA CYS A 800 -32.15 34.19 1.29
C CYS A 800 -33.40 34.29 0.43
N LEU A 801 -34.06 33.15 0.17
CA LEU A 801 -35.22 33.16 -0.71
C LEU A 801 -36.49 33.56 0.04
N PHE A 802 -36.62 33.18 1.31
CA PHE A 802 -37.86 33.36 2.05
C PHE A 802 -37.80 34.50 3.05
N ALA A 803 -36.76 35.34 3.00
CA ALA A 803 -36.77 36.57 3.78
C ALA A 803 -38.02 37.41 3.54
N PRO A 804 -38.46 37.67 2.29
CA PRO A 804 -39.77 38.31 2.12
C PRO A 804 -40.92 37.44 2.58
N LYS A 805 -40.80 36.11 2.45
CA LYS A 805 -41.84 35.23 2.96
C LYS A 805 -41.84 35.20 4.48
N LEU A 806 -40.66 35.29 5.10
CA LEU A 806 -40.59 35.33 6.55
C LEU A 806 -41.10 36.65 7.11
N HIS A 807 -40.88 37.75 6.38
CA HIS A 807 -41.40 39.04 6.83
C HIS A 807 -42.93 39.10 6.75
N ILE A 808 -43.52 38.43 5.77
CA ILE A 808 -44.97 38.41 5.65
C ILE A 808 -45.55 37.22 6.41
N LYS B 15 53.05 -63.10 18.43
CA LYS B 15 53.52 -64.44 18.08
C LYS B 15 55.05 -64.51 18.11
N LYS B 16 55.69 -63.35 17.97
CA LYS B 16 57.15 -63.25 17.97
C LYS B 16 57.60 -62.41 19.15
N VAL B 17 58.59 -62.90 19.88
CA VAL B 17 59.07 -62.28 21.11
C VAL B 17 60.49 -61.78 20.87
N LEU B 18 60.77 -60.55 21.31
CA LEU B 18 62.10 -59.98 21.29
C LEU B 18 62.72 -60.16 22.67
N THR B 19 63.76 -60.97 22.77
CA THR B 19 64.44 -61.25 24.02
C THR B 19 65.91 -60.91 23.90
N LEU B 20 66.44 -60.19 24.88
CA LEU B 20 67.85 -59.83 24.92
C LEU B 20 68.47 -60.31 26.21
N GLU B 21 69.70 -60.82 26.13
CA GLU B 21 70.39 -61.32 27.30
C GLU B 21 70.86 -60.17 28.17
N GLY B 22 70.66 -60.31 29.48
CA GLY B 22 71.08 -59.29 30.41
C GLY B 22 70.76 -59.71 31.83
N ASP B 23 71.45 -59.07 32.77
CA ASP B 23 71.23 -59.37 34.19
C ASP B 23 69.81 -59.02 34.61
N LEU B 24 69.24 -57.96 34.03
CA LEU B 24 67.87 -57.56 34.28
C LEU B 24 67.21 -57.25 32.94
N VAL B 25 66.17 -58.01 32.60
CA VAL B 25 65.40 -57.71 31.40
C VAL B 25 64.59 -56.44 31.64
N LEU B 26 64.28 -55.74 30.55
CA LEU B 26 63.58 -54.45 30.64
C LEU B 26 62.13 -54.53 30.23
N GLY B 27 61.79 -55.33 29.22
CA GLY B 27 60.42 -55.43 28.78
C GLY B 27 59.97 -54.22 27.98
N GLY B 28 59.10 -54.45 26.99
CA GLY B 28 58.62 -53.36 26.17
C GLY B 28 57.28 -53.70 25.56
N LEU B 29 56.63 -52.66 25.03
CA LEU B 29 55.32 -52.82 24.39
C LEU B 29 55.22 -51.76 23.30
N PHE B 30 55.50 -52.17 22.06
CA PHE B 30 55.50 -51.25 20.93
C PHE B 30 54.57 -51.76 19.85
N PRO B 31 53.64 -50.94 19.36
CA PRO B 31 52.74 -51.39 18.29
C PRO B 31 53.46 -51.49 16.96
N VAL B 32 54.29 -52.52 16.79
CA VAL B 32 55.04 -52.68 15.56
C VAL B 32 54.09 -52.88 14.38
N HIS B 33 53.00 -53.59 14.60
CA HIS B 33 51.99 -53.80 13.56
C HIS B 33 50.80 -52.87 13.78
N GLN B 34 50.08 -52.62 12.70
CA GLN B 34 48.89 -51.79 12.75
C GLN B 34 47.67 -52.63 13.11
N LYS B 35 46.63 -51.95 13.59
CA LYS B 35 45.40 -52.63 13.97
C LYS B 35 44.77 -53.30 12.76
N GLY B 36 44.79 -54.63 12.74
CA GLY B 36 44.26 -55.36 11.61
C GLY B 36 42.75 -55.52 11.68
N GLY B 37 42.17 -55.81 10.53
CA GLY B 37 40.74 -55.99 10.43
C GLY B 37 40.31 -57.37 10.87
N PRO B 38 39.27 -57.92 10.22
CA PRO B 38 38.79 -59.25 10.58
C PRO B 38 39.70 -60.39 10.11
N ALA B 39 40.83 -60.09 9.48
CA ALA B 39 41.72 -61.15 9.01
C ALA B 39 42.46 -61.78 10.19
N GLU B 40 43.27 -61.00 10.89
CA GLU B 40 44.02 -61.46 12.04
C GLU B 40 43.86 -60.44 13.16
N ASP B 41 44.62 -60.62 14.23
CA ASP B 41 44.58 -59.67 15.33
C ASP B 41 45.18 -58.32 14.91
N CYS B 42 46.22 -58.34 14.09
CA CYS B 42 46.86 -57.12 13.61
C CYS B 42 47.74 -57.46 12.41
N GLY B 43 47.73 -56.57 11.43
CA GLY B 43 48.34 -56.85 10.15
C GLY B 43 49.56 -56.01 9.83
N PRO B 44 49.39 -54.96 9.02
CA PRO B 44 50.55 -54.25 8.47
C PRO B 44 51.42 -53.63 9.55
N VAL B 45 52.69 -53.46 9.21
CA VAL B 45 53.72 -53.02 10.16
C VAL B 45 53.74 -51.50 10.22
N ASN B 46 53.84 -50.97 11.44
CA ASN B 46 54.04 -49.55 11.65
C ASN B 46 55.49 -49.20 11.34
N GLU B 47 55.70 -48.27 10.39
CA GLU B 47 57.03 -47.90 9.96
C GLU B 47 57.60 -46.71 10.71
N HIS B 48 56.77 -45.97 11.45
CA HIS B 48 57.23 -44.79 12.15
C HIS B 48 56.82 -44.73 13.62
N ARG B 49 56.00 -45.65 14.10
CA ARG B 49 55.53 -45.60 15.49
C ARG B 49 55.84 -46.90 16.22
N GLY B 50 55.86 -48.01 15.50
CA GLY B 50 56.14 -49.28 16.12
C GLY B 50 57.55 -49.78 15.91
N ILE B 51 58.05 -49.65 14.67
CA ILE B 51 59.41 -50.07 14.36
C ILE B 51 60.43 -48.98 14.62
N GLN B 52 59.98 -47.73 14.80
CA GLN B 52 60.90 -46.64 15.09
C GLN B 52 61.22 -46.57 16.58
N ARG B 53 60.20 -46.60 17.43
CA ARG B 53 60.41 -46.50 18.87
C ARG B 53 61.02 -47.79 19.43
N LEU B 54 60.73 -48.93 18.81
CA LEU B 54 61.39 -50.18 19.22
C LEU B 54 62.89 -50.09 19.01
N GLU B 55 63.30 -49.65 17.82
CA GLU B 55 64.74 -49.47 17.57
C GLU B 55 65.31 -48.37 18.42
N ALA B 56 64.51 -47.36 18.78
CA ALA B 56 64.98 -46.33 19.71
C ALA B 56 65.31 -46.94 21.08
N MET B 57 64.41 -47.78 21.59
CA MET B 57 64.66 -48.45 22.86
C MET B 57 65.88 -49.37 22.76
N LEU B 58 66.02 -50.08 21.64
CA LEU B 58 67.17 -50.95 21.47
C LEU B 58 68.48 -50.17 21.45
N PHE B 59 68.49 -49.03 20.73
CA PHE B 59 69.68 -48.18 20.71
C PHE B 59 70.00 -47.62 22.09
N ALA B 60 68.97 -47.19 22.83
CA ALA B 60 69.19 -46.66 24.16
C ALA B 60 69.72 -47.71 25.11
N LEU B 61 69.25 -48.96 24.98
CA LEU B 61 69.77 -50.04 25.80
C LEU B 61 71.21 -50.36 25.44
N ASP B 62 71.53 -50.37 24.14
CA ASP B 62 72.91 -50.56 23.73
C ASP B 62 73.81 -49.45 24.24
N ARG B 63 73.26 -48.24 24.38
CA ARG B 63 74.04 -47.12 24.90
C ARG B 63 74.29 -47.27 26.40
N ILE B 64 73.26 -47.59 27.17
CA ILE B 64 73.44 -47.73 28.61
C ILE B 64 74.24 -48.98 28.97
N ASN B 65 74.27 -49.99 28.10
CA ASN B 65 75.11 -51.15 28.36
C ASN B 65 76.59 -50.84 28.16
N ARG B 66 76.93 -49.68 27.60
CA ARG B 66 78.30 -49.26 27.41
C ARG B 66 78.65 -48.02 28.22
N ASP B 67 77.73 -47.55 29.06
CA ASP B 67 77.97 -46.35 29.86
C ASP B 67 78.62 -46.74 31.18
N PRO B 68 79.85 -46.28 31.47
CA PRO B 68 80.52 -46.70 32.71
C PRO B 68 79.99 -46.02 33.96
N HIS B 69 79.10 -45.02 33.82
CA HIS B 69 78.55 -44.33 34.98
C HIS B 69 77.12 -44.73 35.30
N LEU B 70 76.42 -45.36 34.37
CA LEU B 70 75.03 -45.81 34.56
C LEU B 70 75.00 -47.33 34.40
N LEU B 71 74.87 -48.03 35.52
CA LEU B 71 74.89 -49.49 35.57
C LEU B 71 76.13 -50.03 34.88
N PRO B 72 77.32 -49.85 35.46
CA PRO B 72 78.55 -50.33 34.80
C PRO B 72 78.77 -51.83 34.91
N GLY B 73 77.96 -52.54 35.69
CA GLY B 73 78.12 -53.97 35.82
C GLY B 73 76.82 -54.74 35.71
N VAL B 74 75.71 -54.01 35.65
CA VAL B 74 74.39 -54.63 35.54
C VAL B 74 73.89 -54.46 34.12
N ARG B 75 74.11 -55.49 33.29
CA ARG B 75 73.67 -55.44 31.89
C ARG B 75 72.14 -55.51 31.84
N LEU B 76 71.53 -54.49 31.24
CA LEU B 76 70.08 -54.39 31.17
C LEU B 76 69.59 -55.08 29.91
N GLY B 77 68.82 -56.16 30.08
CA GLY B 77 68.25 -56.89 28.98
C GLY B 77 67.03 -56.18 28.40
N ALA B 78 66.30 -56.92 27.58
CA ALA B 78 65.09 -56.38 26.94
C ALA B 78 64.21 -57.53 26.50
N HIS B 79 63.09 -57.73 27.20
CA HIS B 79 62.05 -58.65 26.76
C HIS B 79 60.93 -57.89 26.06
N ILE B 80 61.28 -57.28 24.92
CA ILE B 80 60.35 -56.40 24.23
C ILE B 80 59.29 -57.23 23.52
N LEU B 81 58.06 -56.73 23.51
CA LEU B 81 56.95 -57.41 22.87
C LEU B 81 56.21 -56.47 21.93
N ASP B 82 55.06 -56.91 21.40
CA ASP B 82 54.32 -56.16 20.40
C ASP B 82 52.83 -56.17 20.76
N SER B 83 52.29 -54.98 21.00
CA SER B 83 50.86 -54.84 21.26
C SER B 83 50.05 -54.65 19.98
N CYS B 84 50.68 -54.07 18.97
CA CYS B 84 50.10 -53.87 17.63
C CYS B 84 48.67 -53.31 17.71
N SER B 85 48.52 -52.25 18.50
CA SER B 85 47.28 -51.45 18.55
C SER B 85 46.07 -52.31 18.90
N LYS B 86 46.25 -53.24 19.84
CA LYS B 86 45.17 -54.12 20.27
C LYS B 86 45.27 -54.31 21.77
N ASP B 87 44.19 -54.00 22.48
CA ASP B 87 44.19 -54.18 23.93
C ASP B 87 44.26 -55.66 24.30
N THR B 88 43.66 -56.53 23.50
CA THR B 88 43.75 -57.97 23.75
C THR B 88 45.16 -58.48 23.52
N HIS B 89 45.79 -58.05 22.43
CA HIS B 89 47.17 -58.47 22.17
C HIS B 89 48.11 -57.96 23.25
N ALA B 90 47.89 -56.72 23.71
CA ALA B 90 48.71 -56.19 24.79
C ALA B 90 48.47 -56.94 26.10
N LEU B 91 47.22 -57.38 26.34
CA LEU B 91 46.95 -58.21 27.51
C LEU B 91 47.70 -59.53 27.42
N GLU B 92 47.74 -60.14 26.23
CA GLU B 92 48.49 -61.38 26.05
C GLU B 92 49.98 -61.17 26.27
N GLN B 93 50.51 -60.05 25.77
CA GLN B 93 51.93 -59.76 25.97
C GLN B 93 52.25 -59.50 27.44
N ALA B 94 51.36 -58.80 28.15
CA ALA B 94 51.57 -58.58 29.58
C ALA B 94 51.43 -59.88 30.36
N LEU B 95 50.60 -60.80 29.88
CA LEU B 95 50.56 -62.13 30.47
C LEU B 95 51.88 -62.86 30.29
N ASP B 96 52.45 -62.77 29.08
CA ASP B 96 53.79 -63.31 28.85
C ASP B 96 54.82 -62.66 29.76
N PHE B 97 54.65 -61.37 30.05
CA PHE B 97 55.51 -60.69 31.01
C PHE B 97 55.38 -61.31 32.40
N VAL B 98 54.16 -61.35 32.93
CA VAL B 98 53.94 -61.73 34.32
C VAL B 98 54.03 -63.23 34.57
N ARG B 99 54.05 -64.05 33.52
CA ARG B 99 54.17 -65.49 33.73
C ARG B 99 55.52 -65.86 34.33
N ALA B 100 56.57 -65.08 34.03
CA ALA B 100 57.88 -65.37 34.59
C ALA B 100 58.01 -64.89 36.04
N SER B 101 57.19 -63.93 36.45
CA SER B 101 57.25 -63.43 37.82
C SER B 101 56.49 -64.34 38.77
N LEU B 102 55.19 -64.50 38.55
CA LEU B 102 54.37 -65.35 39.39
C LEU B 102 53.09 -65.78 38.66
N THR B 126 62.49 -65.04 34.94
CA THR B 126 63.10 -63.73 34.76
C THR B 126 62.12 -62.61 35.06
N ALA B 127 62.34 -61.92 36.18
CA ALA B 127 61.48 -60.81 36.56
C ALA B 127 61.65 -59.66 35.58
N ILE B 128 60.53 -59.11 35.11
CA ILE B 128 60.58 -58.05 34.11
C ILE B 128 61.15 -56.77 34.72
N THR B 129 60.85 -56.50 35.99
CA THR B 129 61.38 -55.35 36.73
C THR B 129 61.11 -54.05 35.98
N GLY B 130 59.87 -53.85 35.59
CA GLY B 130 59.50 -52.64 34.88
C GLY B 130 59.13 -52.94 33.43
N VAL B 131 58.31 -52.07 32.86
CA VAL B 131 57.87 -52.17 31.48
C VAL B 131 57.85 -50.76 30.88
N ILE B 132 58.35 -50.63 29.65
CA ILE B 132 58.43 -49.33 28.98
C ILE B 132 57.04 -48.95 28.47
N GLY B 133 56.08 -49.85 28.63
CA GLY B 133 54.69 -49.52 28.39
C GLY B 133 54.31 -49.40 26.93
N GLY B 134 53.01 -49.31 26.65
CA GLY B 134 52.51 -49.19 25.30
C GLY B 134 52.42 -47.76 24.85
N SER B 135 52.10 -47.59 23.57
CA SER B 135 51.94 -46.27 22.99
C SER B 135 50.50 -45.77 23.08
N TYR B 136 49.53 -46.64 22.81
CA TYR B 136 48.13 -46.27 22.92
C TYR B 136 47.71 -46.25 24.39
N SER B 137 46.46 -45.89 24.63
CA SER B 137 45.96 -45.71 25.99
C SER B 137 45.27 -46.96 26.55
N ASP B 138 44.41 -47.60 25.75
CA ASP B 138 43.73 -48.81 26.22
C ASP B 138 44.73 -49.92 26.52
N VAL B 139 45.68 -50.14 25.62
CA VAL B 139 46.74 -51.10 25.89
C VAL B 139 47.52 -50.70 27.14
N SER B 140 47.72 -49.39 27.32
CA SER B 140 48.47 -48.91 28.47
C SER B 140 47.74 -49.17 29.77
N ILE B 141 46.43 -48.87 29.82
CA ILE B 141 45.68 -49.11 31.05
C ILE B 141 45.56 -50.59 31.34
N GLN B 142 45.43 -51.43 30.29
CA GLN B 142 45.33 -52.87 30.52
C GLN B 142 46.63 -53.42 31.10
N VAL B 143 47.77 -53.09 30.47
CA VAL B 143 49.03 -53.60 30.98
C VAL B 143 49.35 -52.99 32.34
N ALA B 144 48.88 -51.76 32.60
CA ALA B 144 49.09 -51.17 33.92
C ALA B 144 48.30 -51.91 34.98
N ASN B 145 47.08 -52.32 34.66
CA ASN B 145 46.30 -53.15 35.57
C ASN B 145 47.01 -54.47 35.85
N LEU B 146 47.48 -55.13 34.80
CA LEU B 146 48.16 -56.41 35.00
C LEU B 146 49.45 -56.26 35.80
N LEU B 147 50.17 -55.15 35.60
CA LEU B 147 51.40 -54.95 36.34
C LEU B 147 51.13 -54.58 37.79
N ARG B 148 50.04 -53.84 38.04
CA ARG B 148 49.64 -53.58 39.42
C ARG B 148 49.25 -54.87 40.13
N LEU B 149 48.64 -55.81 39.40
CA LEU B 149 48.35 -57.11 39.98
C LEU B 149 49.62 -57.82 40.43
N PHE B 150 50.69 -57.71 39.64
CA PHE B 150 51.92 -58.44 39.89
C PHE B 150 53.03 -57.58 40.49
N GLN B 151 52.71 -56.36 40.91
CA GLN B 151 53.68 -55.47 41.57
C GLN B 151 54.90 -55.23 40.68
N ILE B 152 54.64 -54.62 39.53
CA ILE B 152 55.69 -54.33 38.54
C ILE B 152 55.62 -52.86 38.17
N PRO B 153 56.72 -52.11 38.23
CA PRO B 153 56.68 -50.72 37.82
C PRO B 153 56.49 -50.60 36.31
N GLN B 154 56.21 -49.37 35.87
CA GLN B 154 55.98 -49.14 34.46
C GLN B 154 56.19 -47.67 34.13
N ILE B 155 56.83 -47.44 32.99
CA ILE B 155 56.96 -46.12 32.39
C ILE B 155 56.26 -46.16 31.04
N SER B 156 56.00 -44.98 30.47
CA SER B 156 55.39 -44.89 29.16
C SER B 156 56.02 -43.75 28.39
N TYR B 157 55.79 -43.72 27.08
CA TYR B 157 56.41 -42.76 26.19
C TYR B 157 55.44 -42.09 25.23
N ALA B 158 54.24 -42.63 25.02
CA ALA B 158 53.30 -42.08 24.06
C ALA B 158 51.88 -41.95 24.56
N SER B 159 51.48 -42.72 25.58
CA SER B 159 50.10 -42.67 26.08
C SER B 159 49.94 -41.41 26.91
N THR B 160 49.22 -40.42 26.37
CA THR B 160 49.01 -39.15 27.03
C THR B 160 47.63 -39.03 27.67
N SER B 161 46.99 -40.16 28.00
CA SER B 161 45.67 -40.13 28.59
C SER B 161 45.73 -39.61 30.02
N ALA B 162 44.79 -38.73 30.37
CA ALA B 162 44.69 -38.23 31.73
C ALA B 162 44.12 -39.26 32.69
N LYS B 163 43.40 -40.27 32.18
CA LYS B 163 42.89 -41.33 33.03
C LYS B 163 44.01 -42.09 33.72
N LEU B 164 45.19 -42.17 33.09
CA LEU B 164 46.34 -42.82 33.69
C LEU B 164 46.99 -41.98 34.77
N SER B 165 46.55 -40.73 34.96
CA SER B 165 47.08 -39.90 36.04
C SER B 165 46.49 -40.25 37.39
N ASP B 166 45.38 -40.98 37.43
CA ASP B 166 44.75 -41.38 38.67
C ASP B 166 45.58 -42.48 39.32
N LYS B 167 46.39 -42.11 40.30
CA LYS B 167 47.27 -43.07 40.97
C LYS B 167 46.52 -43.95 41.96
N SER B 168 45.24 -43.69 42.21
CA SER B 168 44.47 -44.60 43.07
C SER B 168 44.15 -45.90 42.34
N ARG B 169 43.95 -45.83 41.02
CA ARG B 169 43.71 -47.02 40.21
C ARG B 169 44.97 -47.56 39.56
N TYR B 170 45.91 -46.68 39.20
CA TYR B 170 47.19 -47.07 38.63
C TYR B 170 48.28 -46.43 39.49
N ASP B 171 48.65 -47.10 40.59
CA ASP B 171 49.73 -46.59 41.41
C ASP B 171 51.05 -46.58 40.67
N TYR B 172 51.25 -47.56 39.77
CA TYR B 172 52.37 -47.59 38.85
C TYR B 172 52.03 -46.77 37.62
N PHE B 173 52.78 -46.97 36.53
CA PHE B 173 52.57 -46.24 35.28
C PHE B 173 52.86 -44.74 35.46
N ALA B 174 54.11 -44.44 35.78
CA ALA B 174 54.60 -43.08 35.76
C ALA B 174 55.24 -42.82 34.39
N ARG B 175 54.56 -42.04 33.56
CA ARG B 175 54.95 -41.81 32.18
C ARG B 175 55.75 -40.53 32.03
N THR B 176 56.54 -40.46 30.95
CA THR B 176 57.33 -39.29 30.64
C THR B 176 56.59 -38.31 29.73
N VAL B 177 55.30 -38.49 29.54
CA VAL B 177 54.50 -37.59 28.69
C VAL B 177 53.41 -36.94 29.54
N PRO B 178 53.03 -35.71 29.26
CA PRO B 178 51.98 -35.05 30.04
C PRO B 178 50.62 -35.66 29.75
N PRO B 179 49.66 -35.48 30.66
CA PRO B 179 48.32 -36.04 30.44
C PRO B 179 47.51 -35.31 29.38
N ASP B 180 46.24 -35.71 29.23
CA ASP B 180 45.43 -35.23 28.12
C ASP B 180 44.99 -33.77 28.32
N PHE B 181 44.65 -33.38 29.55
CA PHE B 181 44.04 -32.07 29.74
C PHE B 181 44.98 -30.93 29.42
N PHE B 182 46.30 -31.12 29.52
CA PHE B 182 47.25 -30.13 29.04
C PHE B 182 47.04 -29.88 27.55
N GLN B 183 47.00 -30.95 26.76
CA GLN B 183 46.79 -30.81 25.32
C GLN B 183 45.41 -30.25 25.01
N ALA B 184 44.41 -30.60 25.81
CA ALA B 184 43.06 -30.06 25.58
C ALA B 184 43.04 -28.56 25.83
N LYS B 185 43.71 -28.10 26.88
CA LYS B 185 43.82 -26.66 27.11
C LYS B 185 44.58 -25.99 25.99
N ALA B 186 45.63 -26.63 25.49
CA ALA B 186 46.39 -26.08 24.37
C ALA B 186 45.50 -25.92 23.14
N MET B 187 44.70 -26.94 22.84
CA MET B 187 43.81 -26.87 21.67
C MET B 187 42.69 -25.85 21.87
N ALA B 188 42.20 -25.70 23.10
CA ALA B 188 41.20 -24.67 23.37
C ALA B 188 41.79 -23.28 23.18
N GLU B 189 43.03 -23.07 23.63
CA GLU B 189 43.70 -21.79 23.40
C GLU B 189 43.95 -21.56 21.91
N ILE B 190 44.25 -22.64 21.17
CA ILE B 190 44.42 -22.53 19.72
C ILE B 190 43.13 -22.06 19.07
N LEU B 191 42.00 -22.68 19.45
CA LEU B 191 40.72 -22.31 18.87
C LEU B 191 40.34 -20.88 19.25
N ARG B 192 40.63 -20.47 20.49
CA ARG B 192 40.32 -19.11 20.90
C ARG B 192 41.22 -18.09 20.21
N PHE B 193 42.43 -18.49 19.82
CA PHE B 193 43.33 -17.57 19.14
C PHE B 193 42.78 -17.18 17.77
N PHE B 194 42.21 -18.13 17.04
CA PHE B 194 41.64 -17.87 15.72
C PHE B 194 40.15 -17.57 15.77
N ASN B 195 39.58 -17.43 16.97
CA ASN B 195 38.16 -17.10 17.16
C ASN B 195 37.26 -18.11 16.45
N TRP B 196 37.38 -19.37 16.87
CA TRP B 196 36.59 -20.46 16.35
C TRP B 196 35.63 -20.91 17.46
N THR B 197 34.47 -20.26 17.52
CA THR B 197 33.48 -20.56 18.55
C THR B 197 32.73 -21.85 18.23
N TYR B 198 32.04 -21.86 17.09
CA TYR B 198 31.29 -23.05 16.68
C TYR B 198 32.26 -24.02 16.02
N VAL B 199 32.64 -25.04 16.77
CA VAL B 199 33.61 -26.04 16.32
C VAL B 199 32.97 -27.42 16.40
N SER B 200 33.11 -28.20 15.34
CA SER B 200 32.74 -29.60 15.36
C SER B 200 33.91 -30.42 15.88
N THR B 201 33.64 -31.67 16.26
CA THR B 201 34.72 -32.49 16.80
C THR B 201 34.38 -33.95 16.68
N VAL B 202 35.41 -34.79 16.72
CA VAL B 202 35.26 -36.23 16.72
C VAL B 202 36.43 -36.86 17.47
N ALA B 203 36.15 -37.87 18.27
CA ALA B 203 37.13 -38.61 19.05
C ALA B 203 36.97 -40.11 18.76
N SER B 204 37.73 -40.92 19.48
CA SER B 204 37.71 -42.37 19.32
C SER B 204 36.98 -43.03 20.48
N GLU B 205 36.51 -44.24 20.24
CA GLU B 205 35.82 -45.04 21.26
C GLU B 205 36.88 -45.71 22.14
N GLY B 206 37.47 -44.91 23.02
CA GLY B 206 38.50 -45.42 23.90
C GLY B 206 38.76 -44.44 25.02
N ASP B 207 39.67 -44.82 25.92
CA ASP B 207 39.99 -43.97 27.06
C ASP B 207 40.62 -42.66 26.60
N TYR B 208 41.58 -42.74 25.67
CA TYR B 208 42.27 -41.54 25.19
C TYR B 208 41.29 -40.58 24.54
N GLY B 209 40.52 -41.06 23.56
CA GLY B 209 39.62 -40.18 22.83
C GLY B 209 38.55 -39.57 23.72
N GLU B 210 37.92 -40.40 24.55
CA GLU B 210 36.86 -39.90 25.42
C GLU B 210 37.40 -38.92 26.45
N THR B 211 38.53 -39.24 27.08
CA THR B 211 39.11 -38.33 28.06
C THR B 211 39.49 -37.00 27.41
N GLY B 212 40.14 -37.05 26.25
CA GLY B 212 40.52 -35.84 25.57
C GLY B 212 39.34 -35.00 25.15
N ILE B 213 38.27 -35.65 24.67
CA ILE B 213 37.12 -34.89 24.20
C ILE B 213 36.35 -34.30 25.38
N GLU B 214 36.33 -34.99 26.53
CA GLU B 214 35.69 -34.40 27.70
C GLU B 214 36.49 -33.22 28.22
N ALA B 215 37.82 -33.35 28.28
CA ALA B 215 38.65 -32.24 28.71
C ALA B 215 38.53 -31.06 27.74
N PHE B 216 38.41 -31.33 26.45
CA PHE B 216 38.24 -30.26 25.48
C PHE B 216 36.88 -29.59 25.62
N GLU B 217 35.83 -30.38 25.86
CA GLU B 217 34.51 -29.80 26.09
C GLU B 217 34.51 -28.92 27.34
N LEU B 218 35.25 -29.33 28.37
CA LEU B 218 35.32 -28.50 29.58
C LEU B 218 36.13 -27.24 29.34
N GLU B 219 37.24 -27.34 28.62
CA GLU B 219 38.10 -26.17 28.40
C GLU B 219 37.51 -25.20 27.39
N ALA B 220 36.63 -25.66 26.50
CA ALA B 220 36.03 -24.77 25.53
C ALA B 220 34.94 -23.88 26.14
N ARG B 221 34.28 -24.37 27.21
CA ARG B 221 33.29 -23.55 27.87
C ARG B 221 33.92 -22.38 28.63
N ALA B 222 35.17 -22.54 29.06
CA ALA B 222 35.86 -21.44 29.72
C ALA B 222 36.23 -20.33 28.73
N ARG B 223 36.52 -20.69 27.49
CA ARG B 223 36.83 -19.74 26.44
C ARG B 223 35.62 -19.35 25.60
N ASN B 224 34.42 -19.71 26.05
CA ASN B 224 33.18 -19.42 25.33
C ASN B 224 33.22 -19.99 23.91
N ILE B 225 33.66 -21.24 23.80
CA ILE B 225 33.77 -21.93 22.53
C ILE B 225 32.69 -23.00 22.50
N CYS B 226 31.71 -22.83 21.61
CA CYS B 226 30.60 -23.76 21.52
C CYS B 226 31.07 -25.04 20.81
N VAL B 227 30.15 -26.00 20.69
CA VAL B 227 30.45 -27.28 20.06
C VAL B 227 29.30 -27.62 19.11
N ALA B 228 29.63 -27.80 17.83
CA ALA B 228 28.61 -28.14 16.84
C ALA B 228 28.08 -29.55 17.08
N THR B 229 28.96 -30.54 17.01
CA THR B 229 28.58 -31.93 17.27
C THR B 229 29.79 -32.69 17.78
N SER B 230 29.53 -33.69 18.61
CA SER B 230 30.58 -34.51 19.21
C SER B 230 30.40 -35.94 18.70
N GLU B 231 31.11 -36.26 17.62
CA GLU B 231 31.06 -37.59 17.04
C GLU B 231 32.14 -38.48 17.66
N LYS B 232 31.94 -39.80 17.52
CA LYS B 232 32.89 -40.79 18.00
C LYS B 232 33.10 -41.84 16.92
N VAL B 233 34.33 -42.32 16.82
CA VAL B 233 34.67 -43.38 15.87
C VAL B 233 35.01 -44.64 16.67
N GLY B 234 34.71 -45.79 16.06
CA GLY B 234 34.92 -47.07 16.70
C GLY B 234 36.37 -47.51 16.65
N ARG B 235 36.59 -48.77 17.02
CA ARG B 235 37.94 -49.33 17.04
C ARG B 235 38.43 -49.66 15.64
N ALA B 236 37.72 -50.55 14.95
CA ALA B 236 38.06 -50.95 13.59
C ALA B 236 36.88 -50.61 12.68
N MET B 237 37.03 -49.53 11.92
CA MET B 237 35.99 -49.05 11.03
C MET B 237 36.46 -49.05 9.60
N SER B 238 35.50 -49.11 8.68
CA SER B 238 35.77 -49.07 7.25
C SER B 238 35.66 -47.63 6.74
N ARG B 239 35.99 -47.44 5.46
CA ARG B 239 35.90 -46.12 4.87
C ARG B 239 34.46 -45.63 4.76
N ALA B 240 33.49 -46.55 4.70
CA ALA B 240 32.09 -46.13 4.61
C ALA B 240 31.62 -45.49 5.91
N ALA B 241 32.01 -46.04 7.06
CA ALA B 241 31.64 -45.45 8.33
C ALA B 241 32.29 -44.07 8.48
N PHE B 242 33.51 -43.90 7.98
CA PHE B 242 34.15 -42.59 8.05
C PHE B 242 33.49 -41.60 7.08
N GLU B 243 33.03 -42.07 5.92
CA GLU B 243 32.24 -41.21 5.05
C GLU B 243 30.95 -40.79 5.74
N GLY B 244 30.32 -41.71 6.47
CA GLY B 244 29.13 -41.35 7.25
C GLY B 244 29.43 -40.34 8.34
N VAL B 245 30.59 -40.48 8.98
CA VAL B 245 31.00 -39.49 9.99
C VAL B 245 31.21 -38.13 9.35
N VAL B 246 31.83 -38.10 8.17
CA VAL B 246 32.02 -36.84 7.46
C VAL B 246 30.68 -36.23 7.08
N ARG B 247 29.73 -37.05 6.65
CA ARG B 247 28.39 -36.55 6.34
C ARG B 247 27.71 -35.98 7.58
N ALA B 248 27.88 -36.65 8.72
CA ALA B 248 27.29 -36.16 9.97
C ALA B 248 27.95 -34.85 10.39
N LEU B 249 29.24 -34.67 10.12
CA LEU B 249 29.88 -33.38 10.39
C LEU B 249 29.37 -32.31 9.43
N LEU B 250 29.11 -32.68 8.18
CA LEU B 250 28.64 -31.73 7.17
C LEU B 250 27.14 -31.50 7.21
N GLN B 251 26.40 -32.19 8.08
CA GLN B 251 24.96 -31.96 8.15
C GLN B 251 24.64 -30.52 8.57
N LYS B 252 25.58 -29.86 9.25
CA LYS B 252 25.44 -28.45 9.64
C LYS B 252 26.58 -27.67 8.97
N PRO B 253 26.37 -27.16 7.76
CA PRO B 253 27.45 -26.45 7.08
C PRO B 253 27.72 -25.07 7.67
N SER B 254 28.06 -25.02 8.95
CA SER B 254 28.39 -23.77 9.62
C SER B 254 29.65 -23.85 10.47
N ALA B 255 30.23 -25.03 10.65
CA ALA B 255 31.46 -25.20 11.43
C ALA B 255 32.48 -25.91 10.53
N ARG B 256 33.38 -25.13 9.94
CA ARG B 256 34.40 -25.67 9.05
C ARG B 256 35.61 -26.22 9.80
N VAL B 257 35.60 -26.18 11.14
CA VAL B 257 36.72 -26.62 11.95
C VAL B 257 36.31 -27.87 12.71
N ALA B 258 37.15 -28.90 12.67
CA ALA B 258 36.88 -30.18 13.31
C ALA B 258 38.05 -30.53 14.22
N VAL B 259 37.77 -30.70 15.50
CA VAL B 259 38.76 -31.07 16.49
C VAL B 259 38.87 -32.60 16.53
N LEU B 260 40.06 -33.11 16.19
CA LEU B 260 40.30 -34.54 16.13
C LEU B 260 40.98 -34.99 17.41
N PHE B 261 40.35 -35.91 18.13
CA PHE B 261 40.97 -36.58 19.26
C PHE B 261 41.08 -38.08 19.01
N THR B 262 41.34 -38.45 17.76
CA THR B 262 41.39 -39.85 17.35
C THR B 262 42.84 -40.33 17.28
N ARG B 263 43.00 -41.59 16.90
CA ARG B 263 44.32 -42.18 16.75
C ARG B 263 44.86 -41.86 15.36
N SER B 264 45.94 -42.51 14.97
CA SER B 264 46.54 -42.25 13.66
C SER B 264 45.70 -42.85 12.54
N GLU B 265 45.29 -44.12 12.70
CA GLU B 265 44.53 -44.78 11.65
C GLU B 265 43.15 -44.14 11.50
N ASP B 266 42.52 -43.77 12.61
CA ASP B 266 41.20 -43.13 12.52
C ASP B 266 41.29 -41.78 11.83
N ALA B 267 42.31 -40.98 12.17
CA ALA B 267 42.48 -39.69 11.51
C ALA B 267 42.80 -39.86 10.04
N ARG B 268 43.63 -40.85 9.70
CA ARG B 268 43.95 -41.10 8.29
C ARG B 268 42.71 -41.48 7.50
N GLU B 269 41.90 -42.39 8.04
CA GLU B 269 40.68 -42.80 7.36
C GLU B 269 39.67 -41.65 7.27
N LEU B 270 39.60 -40.80 8.29
CA LEU B 270 38.71 -39.65 8.24
C LEU B 270 39.15 -38.66 7.17
N LEU B 271 40.46 -38.43 7.06
CA LEU B 271 40.96 -37.57 6.00
C LEU B 271 40.72 -38.17 4.62
N ALA B 272 40.86 -39.49 4.49
CA ALA B 272 40.58 -40.14 3.22
C ALA B 272 39.11 -40.03 2.85
N ALA B 273 38.22 -40.14 3.83
CA ALA B 273 36.80 -40.01 3.57
C ALA B 273 36.42 -38.57 3.24
N SER B 274 37.07 -37.60 3.88
CA SER B 274 36.79 -36.20 3.57
C SER B 274 37.35 -35.82 2.20
N GLN B 275 38.44 -36.48 1.77
CA GLN B 275 38.97 -36.23 0.43
C GLN B 275 38.06 -36.84 -0.63
N ARG B 276 37.50 -38.02 -0.35
CA ARG B 276 36.59 -38.68 -1.27
C ARG B 276 35.18 -38.12 -1.23
N LEU B 277 34.90 -37.15 -0.35
CA LEU B 277 33.60 -36.51 -0.26
C LEU B 277 33.66 -35.01 -0.54
N ASN B 278 34.80 -34.51 -1.00
CA ASN B 278 34.97 -33.09 -1.33
C ASN B 278 34.65 -32.21 -0.13
N ALA B 279 35.05 -32.65 1.05
CA ALA B 279 34.81 -31.94 2.30
C ALA B 279 36.05 -31.14 2.68
N SER B 280 35.86 -29.86 2.98
CA SER B 280 36.94 -28.97 3.37
C SER B 280 36.83 -28.68 4.86
N PHE B 281 37.89 -28.98 5.60
CA PHE B 281 37.92 -28.76 7.05
C PHE B 281 39.30 -28.27 7.44
N THR B 282 39.35 -27.37 8.43
CA THR B 282 40.60 -26.94 9.05
C THR B 282 40.79 -27.76 10.32
N TRP B 283 41.33 -28.96 10.14
CA TRP B 283 41.42 -29.93 11.23
C TRP B 283 42.35 -29.44 12.32
N VAL B 284 41.91 -29.59 13.57
CA VAL B 284 42.72 -29.34 14.75
C VAL B 284 42.85 -30.67 15.46
N ALA B 285 43.97 -31.35 15.27
CA ALA B 285 44.13 -32.72 15.71
C ALA B 285 45.06 -32.82 16.91
N SER B 286 44.95 -33.94 17.62
CA SER B 286 45.76 -34.23 18.78
C SER B 286 47.00 -35.03 18.37
N ASP B 287 47.69 -35.62 19.35
CA ASP B 287 48.90 -36.40 19.09
C ASP B 287 48.65 -37.61 18.23
N GLY B 288 47.40 -38.06 18.09
CA GLY B 288 47.11 -39.17 17.19
C GLY B 288 47.54 -38.88 15.76
N TRP B 289 47.30 -37.66 15.31
CA TRP B 289 47.80 -37.21 14.01
C TRP B 289 49.22 -36.65 14.14
N GLY B 290 49.37 -35.60 14.93
CA GLY B 290 50.70 -35.04 15.16
C GLY B 290 51.34 -34.56 13.88
N ALA B 291 52.61 -34.92 13.70
CA ALA B 291 53.38 -34.56 12.52
C ALA B 291 53.71 -35.77 11.65
N LEU B 292 52.83 -36.77 11.65
CA LEU B 292 53.06 -37.97 10.87
C LEU B 292 52.78 -37.72 9.39
N GLU B 293 53.50 -38.45 8.53
CA GLU B 293 53.31 -38.38 7.10
C GLU B 293 52.46 -39.50 6.54
N SER B 294 52.37 -40.64 7.25
CA SER B 294 51.53 -41.74 6.80
C SER B 294 50.05 -41.46 7.01
N VAL B 295 49.73 -40.57 7.96
CA VAL B 295 48.32 -40.22 8.18
C VAL B 295 47.81 -39.32 7.05
N VAL B 296 48.69 -38.52 6.44
CA VAL B 296 48.32 -37.64 5.35
C VAL B 296 48.67 -38.23 3.99
N ALA B 297 49.01 -39.52 3.95
CA ALA B 297 49.37 -40.16 2.69
C ALA B 297 48.13 -40.30 1.81
N GLY B 298 48.12 -39.57 0.69
CA GLY B 298 47.00 -39.62 -0.23
C GLY B 298 46.04 -38.45 -0.06
N SER B 299 45.78 -38.08 1.19
CA SER B 299 44.89 -36.95 1.49
C SER B 299 45.70 -35.68 1.71
N GLU B 300 46.47 -35.31 0.69
CA GLU B 300 47.28 -34.10 0.77
C GLU B 300 46.42 -32.85 0.72
N GLY B 301 45.37 -32.86 -0.10
CA GLY B 301 44.49 -31.72 -0.24
C GLY B 301 43.52 -31.57 0.92
N ALA B 302 43.01 -32.70 1.42
CA ALA B 302 42.06 -32.64 2.53
C ALA B 302 42.74 -32.24 3.84
N ALA B 303 44.02 -32.58 3.99
CA ALA B 303 44.78 -32.22 5.18
C ALA B 303 45.60 -30.96 5.01
N GLU B 304 45.42 -30.25 3.90
CA GLU B 304 46.21 -29.05 3.65
C GLU B 304 45.82 -27.93 4.62
N GLY B 305 46.83 -27.24 5.14
CA GLY B 305 46.62 -26.16 6.07
C GLY B 305 45.93 -26.61 7.34
N ALA B 306 46.39 -27.72 7.91
CA ALA B 306 45.78 -28.30 9.10
C ALA B 306 46.73 -28.15 10.28
N ILE B 307 46.20 -27.66 11.39
CA ILE B 307 46.99 -27.42 12.59
C ILE B 307 46.85 -28.63 13.52
N THR B 308 47.98 -29.17 13.95
CA THR B 308 48.02 -30.33 14.83
C THR B 308 48.93 -30.05 16.00
N ILE B 309 48.73 -30.81 17.08
CA ILE B 309 49.49 -30.65 18.31
C ILE B 309 50.41 -31.84 18.46
N GLU B 310 51.66 -31.58 18.84
CA GLU B 310 52.63 -32.65 19.07
C GLU B 310 53.41 -32.32 20.34
N LEU B 311 54.09 -33.32 20.87
CA LEU B 311 54.89 -33.12 22.07
C LEU B 311 56.18 -32.38 21.73
N ALA B 312 56.56 -31.46 22.60
CA ALA B 312 57.77 -30.66 22.40
C ALA B 312 58.99 -31.54 22.67
N SER B 313 59.55 -32.11 21.61
CA SER B 313 60.71 -32.98 21.71
C SER B 313 61.73 -32.58 20.65
N TYR B 314 62.97 -33.03 20.86
CA TYR B 314 64.04 -32.74 19.92
C TYR B 314 64.49 -34.01 19.21
N PRO B 315 64.93 -33.90 17.96
CA PRO B 315 65.47 -35.08 17.26
C PRO B 315 66.79 -35.52 17.87
N ILE B 316 67.09 -36.81 17.69
CA ILE B 316 68.31 -37.41 18.18
C ILE B 316 69.18 -37.75 16.97
N SER B 317 70.40 -37.22 16.94
CA SER B 317 71.31 -37.50 15.83
C SER B 317 71.93 -38.88 15.96
N ASP B 318 72.21 -39.31 17.18
CA ASP B 318 72.77 -40.66 17.39
C ASP B 318 71.76 -41.72 17.00
N PHE B 319 70.49 -41.54 17.38
CA PHE B 319 69.47 -42.50 16.96
C PHE B 319 69.27 -42.47 15.45
N ALA B 320 69.44 -41.30 14.82
CA ALA B 320 69.36 -41.22 13.37
C ALA B 320 70.47 -42.03 12.72
N SER B 321 71.71 -41.86 13.19
CA SER B 321 72.82 -42.64 12.67
C SER B 321 72.64 -44.12 12.93
N TYR B 322 71.98 -44.48 14.04
CA TYR B 322 71.72 -45.89 14.33
C TYR B 322 70.68 -46.47 13.39
N PHE B 323 69.58 -45.75 13.17
CA PHE B 323 68.51 -46.23 12.30
C PHE B 323 68.81 -46.05 10.82
N GLN B 324 69.90 -45.38 10.47
CA GLN B 324 70.28 -45.32 9.06
C GLN B 324 71.25 -46.43 8.70
N SER B 325 72.17 -46.78 9.60
CA SER B 325 73.18 -47.81 9.34
C SER B 325 72.75 -49.12 10.00
N LEU B 326 71.78 -49.79 9.38
CA LEU B 326 71.42 -51.14 9.79
C LEU B 326 70.64 -51.79 8.65
N ASP B 327 70.67 -53.12 8.64
CA ASP B 327 70.02 -53.91 7.60
C ASP B 327 69.56 -55.22 8.23
N PRO B 328 68.54 -55.87 7.66
CA PRO B 328 68.03 -57.11 8.25
C PRO B 328 69.00 -58.27 8.20
N TRP B 329 70.18 -58.11 7.60
CA TRP B 329 71.18 -59.17 7.59
C TRP B 329 72.23 -59.03 8.67
N ASN B 330 72.40 -57.84 9.24
CA ASN B 330 73.28 -57.64 10.38
C ASN B 330 72.53 -57.21 11.63
N ASN B 331 71.21 -57.06 11.55
CA ASN B 331 70.36 -56.69 12.69
C ASN B 331 69.23 -57.71 12.76
N SER B 332 69.47 -58.81 13.47
CA SER B 332 68.49 -59.89 13.62
C SER B 332 67.91 -59.96 15.02
N ARG B 333 68.07 -58.89 15.80
CA ARG B 333 67.49 -58.87 17.15
C ARG B 333 65.98 -58.84 17.10
N ASN B 334 65.41 -57.88 16.37
CA ASN B 334 63.96 -57.80 16.28
C ASN B 334 63.46 -58.70 15.15
N PRO B 335 62.50 -59.58 15.41
CA PRO B 335 61.95 -60.44 14.34
C PRO B 335 61.04 -59.70 13.37
N TRP B 336 60.71 -58.44 13.64
CA TRP B 336 59.83 -57.68 12.78
C TRP B 336 60.58 -56.80 11.78
N PHE B 337 61.91 -56.73 11.87
CA PHE B 337 62.64 -55.83 10.98
C PHE B 337 62.61 -56.32 9.55
N ARG B 338 62.53 -57.64 9.34
CA ARG B 338 62.39 -58.15 7.98
C ARG B 338 61.01 -57.88 7.42
N GLU B 339 59.97 -58.01 8.25
CA GLU B 339 58.62 -57.70 7.81
C GLU B 339 58.43 -56.20 7.56
N PHE B 340 59.23 -55.37 8.24
CA PHE B 340 59.20 -53.93 8.00
C PHE B 340 60.02 -53.57 6.77
N TRP B 341 61.10 -54.31 6.51
CA TRP B 341 61.94 -54.05 5.35
C TRP B 341 61.23 -54.45 4.06
N GLU B 342 60.49 -55.57 4.10
CA GLU B 342 59.78 -56.02 2.92
C GLU B 342 58.57 -55.14 2.61
N GLN B 343 58.15 -54.29 3.55
CA GLN B 343 57.03 -53.39 3.36
C GLN B 343 57.47 -51.97 3.03
N ARG B 344 58.56 -51.50 3.65
CA ARG B 344 59.03 -50.13 3.39
C ARG B 344 59.55 -49.99 1.97
N PHE B 345 60.29 -50.99 1.49
CA PHE B 345 60.85 -50.96 0.15
C PHE B 345 60.03 -51.75 -0.86
N ARG B 346 58.90 -52.32 -0.45
CA ARG B 346 58.01 -53.09 -1.34
C ARG B 346 58.79 -54.23 -2.01
N CYS B 347 59.54 -54.97 -1.21
CA CYS B 347 60.33 -56.09 -1.68
C CYS B 347 59.91 -57.36 -0.95
N SER B 348 60.64 -58.45 -1.20
CA SER B 348 60.35 -59.73 -0.58
C SER B 348 61.64 -60.52 -0.45
N PHE B 349 61.83 -61.16 0.70
CA PHE B 349 63.03 -61.93 0.97
C PHE B 349 63.02 -63.30 0.29
N ARG B 350 62.04 -63.58 -0.57
CA ARG B 350 62.00 -64.82 -1.33
C ARG B 350 62.54 -64.68 -2.73
N GLN B 351 62.55 -63.47 -3.29
CA GLN B 351 63.08 -63.22 -4.62
C GLN B 351 64.50 -62.67 -4.59
N ARG B 352 65.07 -62.47 -3.40
CA ARG B 352 66.44 -61.98 -3.24
C ARG B 352 66.63 -60.63 -3.92
N ASP B 353 65.75 -59.68 -3.58
CA ASP B 353 65.84 -58.32 -4.10
C ASP B 353 65.90 -57.25 -3.01
N CYS B 354 65.78 -57.63 -1.74
CA CYS B 354 65.84 -56.67 -0.65
C CYS B 354 67.26 -56.29 -0.27
N ALA B 355 68.27 -57.01 -0.77
CA ALA B 355 69.65 -56.68 -0.45
C ALA B 355 70.13 -55.45 -1.19
N ALA B 356 69.54 -55.15 -2.35
CA ALA B 356 69.94 -53.97 -3.11
C ALA B 356 69.45 -52.69 -2.46
N HIS B 357 68.42 -52.75 -1.63
CA HIS B 357 67.89 -51.56 -0.98
C HIS B 357 68.79 -51.16 0.19
N SER B 358 68.56 -49.95 0.69
CA SER B 358 69.31 -49.43 1.82
C SER B 358 68.45 -48.38 2.53
N LEU B 359 68.63 -48.30 3.85
CA LEU B 359 67.88 -47.36 4.66
C LEU B 359 68.62 -46.05 4.89
N ARG B 360 69.89 -45.96 4.49
CA ARG B 360 70.66 -44.75 4.73
C ARG B 360 70.42 -43.71 3.65
N ALA B 361 70.18 -44.12 2.41
CA ALA B 361 69.91 -43.17 1.33
C ALA B 361 68.47 -42.70 1.32
N VAL B 362 67.56 -43.48 1.89
CA VAL B 362 66.14 -43.08 1.96
C VAL B 362 65.99 -41.95 2.98
N PRO B 363 65.23 -40.91 2.68
CA PRO B 363 65.02 -39.83 3.67
C PRO B 363 64.40 -40.37 4.95
N PHE B 364 65.10 -40.14 6.06
CA PHE B 364 64.70 -40.67 7.36
C PHE B 364 63.97 -39.57 8.13
N GLU B 365 62.68 -39.77 8.36
CA GLU B 365 61.85 -38.86 9.14
C GLU B 365 61.72 -39.42 10.54
N GLN B 366 62.57 -38.95 11.46
CA GLN B 366 62.56 -39.43 12.83
C GLN B 366 61.30 -38.96 13.54
N GLU B 367 60.67 -39.88 14.28
CA GLU B 367 59.48 -39.52 15.04
C GLU B 367 59.85 -38.66 16.24
N SER B 368 58.88 -37.88 16.70
CA SER B 368 59.11 -36.98 17.82
C SER B 368 59.23 -37.74 19.14
N LYS B 369 58.35 -38.71 19.36
CA LYS B 369 58.29 -39.41 20.63
C LYS B 369 59.45 -40.37 20.84
N ILE B 370 60.39 -40.45 19.90
CA ILE B 370 61.62 -41.23 20.08
C ILE B 370 62.33 -40.76 21.34
N MET B 371 62.43 -39.43 21.49
CA MET B 371 63.05 -38.85 22.67
C MET B 371 62.37 -39.34 23.93
N PHE B 372 61.04 -39.50 23.90
CA PHE B 372 60.32 -39.95 25.08
C PHE B 372 60.60 -41.41 25.39
N VAL B 373 60.79 -42.23 24.36
CA VAL B 373 61.17 -43.63 24.59
C VAL B 373 62.54 -43.70 25.24
N VAL B 374 63.50 -42.93 24.70
CA VAL B 374 64.83 -42.88 25.31
C VAL B 374 64.74 -42.38 26.74
N ASN B 375 63.91 -41.38 26.99
CA ASN B 375 63.77 -40.83 28.33
C ASN B 375 63.19 -41.86 29.29
N ALA B 376 62.19 -42.62 28.84
CA ALA B 376 61.59 -43.65 29.67
C ALA B 376 62.61 -44.73 30.03
N VAL B 377 63.32 -45.26 29.02
CA VAL B 377 64.26 -46.34 29.29
C VAL B 377 65.41 -45.84 30.16
N TYR B 378 65.84 -44.60 29.98
CA TYR B 378 66.92 -44.09 30.81
C TYR B 378 66.44 -43.75 32.21
N ALA B 379 65.17 -43.35 32.36
CA ALA B 379 64.63 -43.15 33.69
C ALA B 379 64.51 -44.46 34.44
N MET B 380 64.27 -45.55 33.72
CA MET B 380 64.28 -46.87 34.36
C MET B 380 65.70 -47.31 34.69
N ALA B 381 66.65 -47.02 33.81
CA ALA B 381 68.05 -47.37 34.06
C ALA B 381 68.60 -46.61 35.25
N HIS B 382 68.35 -45.31 35.32
CA HIS B 382 68.79 -44.50 36.45
C HIS B 382 68.09 -44.94 37.73
N ALA B 383 66.83 -45.33 37.62
CA ALA B 383 66.11 -45.86 38.78
C ALA B 383 66.79 -47.11 39.32
N LEU B 384 67.13 -48.04 38.42
CA LEU B 384 67.79 -49.27 38.83
C LEU B 384 69.18 -48.98 39.40
N HIS B 385 69.87 -47.99 38.83
CA HIS B 385 71.18 -47.61 39.34
C HIS B 385 71.08 -47.03 40.75
N ASN B 386 70.07 -46.18 40.98
CA ASN B 386 69.86 -45.62 42.31
C ASN B 386 69.49 -46.70 43.31
N MET B 387 68.63 -47.64 42.90
CA MET B 387 68.28 -48.75 43.78
C MET B 387 69.49 -49.61 44.09
N HIS B 388 70.37 -49.79 43.11
CA HIS B 388 71.61 -50.55 43.31
C HIS B 388 72.50 -49.85 44.34
N ARG B 389 72.76 -48.56 44.14
CA ARG B 389 73.63 -47.84 45.05
C ARG B 389 72.98 -47.55 46.41
N ALA B 390 71.66 -47.76 46.54
CA ALA B 390 71.00 -47.59 47.82
C ALA B 390 70.70 -48.90 48.53
N LEU B 391 70.87 -50.04 47.85
CA LEU B 391 70.66 -51.35 48.46
C LEU B 391 71.98 -51.99 48.90
N CYS B 392 72.99 -52.01 48.03
CA CYS B 392 74.30 -52.57 48.37
C CYS B 392 75.37 -51.71 47.75
N PRO B 393 75.77 -50.62 48.43
CA PRO B 393 76.82 -49.72 47.92
C PRO B 393 78.24 -50.23 48.18
N ASN B 394 78.48 -51.50 47.89
CA ASN B 394 79.79 -52.12 48.08
C ASN B 394 80.38 -52.66 46.80
N THR B 395 79.58 -53.32 45.96
CA THR B 395 80.04 -53.90 44.71
C THR B 395 79.31 -53.25 43.54
N THR B 396 79.54 -53.79 42.34
CA THR B 396 78.94 -53.29 41.11
C THR B 396 77.90 -54.22 40.53
N ARG B 397 78.11 -55.53 40.59
CA ARG B 397 77.16 -56.48 40.05
C ARG B 397 75.90 -56.52 40.91
N LEU B 398 74.94 -57.35 40.48
CA LEU B 398 73.72 -57.52 41.24
C LEU B 398 73.99 -58.28 42.53
N CYS B 399 73.42 -57.80 43.62
CA CYS B 399 73.61 -58.41 44.93
C CYS B 399 72.50 -59.41 45.23
N ASP B 400 72.74 -60.26 46.23
CA ASP B 400 71.74 -61.22 46.65
C ASP B 400 70.56 -60.57 47.36
N ALA B 401 70.76 -59.39 47.94
CA ALA B 401 69.68 -58.68 48.63
C ALA B 401 68.83 -57.85 47.69
N MET B 402 69.21 -57.72 46.41
CA MET B 402 68.43 -56.96 45.45
C MET B 402 68.13 -57.76 44.18
N ARG B 403 68.35 -59.08 44.19
CA ARG B 403 68.02 -59.88 43.02
C ARG B 403 66.52 -59.95 42.78
N PRO B 404 65.66 -60.26 43.77
CA PRO B 404 64.21 -60.11 43.53
C PRO B 404 63.77 -58.66 43.69
N VAL B 405 63.94 -57.90 42.59
CA VAL B 405 63.67 -56.47 42.61
C VAL B 405 62.21 -56.23 42.96
N ASN B 406 61.97 -55.57 44.09
CA ASN B 406 60.61 -55.27 44.51
C ASN B 406 60.01 -54.19 43.61
N GLY B 407 58.77 -54.41 43.18
CA GLY B 407 58.13 -53.47 42.28
C GLY B 407 57.82 -52.14 42.95
N ARG B 408 57.27 -52.18 44.16
CA ARG B 408 56.91 -50.96 44.86
C ARG B 408 58.14 -50.14 45.22
N ARG B 409 59.16 -50.79 45.77
CA ARG B 409 60.38 -50.09 46.14
C ARG B 409 61.07 -49.50 44.90
N LEU B 410 61.09 -50.27 43.81
CA LEU B 410 61.71 -49.75 42.59
C LEU B 410 60.92 -48.57 42.03
N TYR B 411 59.59 -48.64 42.08
CA TYR B 411 58.78 -47.53 41.58
C TYR B 411 58.97 -46.28 42.43
N LYS B 412 59.13 -46.45 43.75
CA LYS B 412 59.34 -45.29 44.61
C LYS B 412 60.72 -44.69 44.38
N ASP B 413 61.76 -45.53 44.28
CA ASP B 413 63.09 -45.06 43.95
C ASP B 413 63.16 -44.46 42.54
N PHE B 414 62.22 -44.83 41.68
CA PHE B 414 62.18 -44.29 40.32
C PHE B 414 61.50 -42.93 40.27
N VAL B 415 60.37 -42.78 40.96
CA VAL B 415 59.68 -41.50 40.97
C VAL B 415 60.36 -40.48 41.87
N LEU B 416 61.16 -40.94 42.85
CA LEU B 416 61.79 -40.00 43.77
C LEU B 416 63.08 -39.43 43.19
N ASN B 417 64.07 -40.29 42.93
CA ASN B 417 65.39 -39.86 42.47
C ASN B 417 65.50 -40.17 40.98
N VAL B 418 65.02 -39.23 40.15
CA VAL B 418 65.06 -39.39 38.71
C VAL B 418 65.60 -38.10 38.10
N LYS B 419 66.17 -37.23 38.94
CA LYS B 419 66.70 -35.97 38.46
C LYS B 419 68.02 -36.17 37.74
N PHE B 420 67.96 -36.40 36.42
CA PHE B 420 69.17 -36.56 35.61
C PHE B 420 69.00 -35.77 34.32
N ASP B 421 70.14 -35.32 33.78
CA ASP B 421 70.13 -34.52 32.57
C ASP B 421 69.59 -35.33 31.39
N ALA B 422 68.83 -34.66 30.53
CA ALA B 422 68.24 -35.34 29.40
C ALA B 422 69.32 -35.90 28.48
N PRO B 423 69.11 -37.05 27.87
CA PRO B 423 70.13 -37.65 27.02
C PRO B 423 70.04 -37.19 25.58
N PHE B 424 71.22 -37.13 24.93
CA PHE B 424 71.35 -36.80 23.52
C PHE B 424 70.63 -35.49 23.19
N ARG B 425 71.08 -34.42 23.85
CA ARG B 425 70.54 -33.09 23.63
C ARG B 425 71.69 -32.09 23.62
N PRO B 426 71.61 -31.05 22.79
CA PRO B 426 72.68 -30.05 22.75
C PRO B 426 72.70 -29.21 24.02
N ALA B 427 73.80 -28.49 24.20
CA ALA B 427 73.98 -27.63 25.38
C ALA B 427 73.34 -26.27 25.17
N ASP B 428 72.07 -26.26 24.77
CA ASP B 428 71.32 -25.03 24.57
C ASP B 428 69.97 -25.13 25.24
N THR B 429 69.44 -26.34 25.37
CA THR B 429 68.11 -26.56 25.94
C THR B 429 68.16 -26.85 27.44
N HIS B 430 69.14 -27.63 27.88
CA HIS B 430 69.26 -28.04 29.29
C HIS B 430 67.99 -28.73 29.77
N ASN B 431 67.50 -29.67 28.97
CA ASN B 431 66.29 -30.40 29.32
C ASN B 431 66.57 -31.37 30.47
N GLU B 432 65.52 -31.68 31.23
CA GLU B 432 65.61 -32.56 32.37
C GLU B 432 64.48 -33.59 32.31
N VAL B 433 64.80 -34.84 32.57
CA VAL B 433 63.83 -35.93 32.56
C VAL B 433 63.45 -36.18 34.01
N ARG B 434 62.31 -35.63 34.44
CA ARG B 434 61.83 -35.77 35.81
C ARG B 434 60.39 -36.25 35.79
N PHE B 435 59.89 -36.60 36.97
CA PHE B 435 58.52 -37.03 37.16
C PHE B 435 57.94 -36.30 38.36
N ASP B 436 56.75 -35.74 38.18
CA ASP B 436 56.10 -34.98 39.24
C ASP B 436 55.60 -35.92 40.34
N ARG B 437 54.90 -35.36 41.33
CA ARG B 437 54.36 -36.19 42.40
C ARG B 437 53.36 -37.21 41.88
N PHE B 438 52.74 -36.95 40.74
CA PHE B 438 51.88 -37.95 40.11
C PHE B 438 52.71 -39.00 39.40
N GLY B 439 53.54 -38.57 38.46
CA GLY B 439 54.36 -39.48 37.68
C GLY B 439 54.30 -39.19 36.20
N ASP B 440 53.67 -38.09 35.83
CA ASP B 440 53.55 -37.69 34.44
C ASP B 440 54.69 -36.77 34.03
N GLY B 441 54.77 -36.50 32.73
CA GLY B 441 55.79 -35.62 32.21
C GLY B 441 55.37 -34.17 32.21
N ILE B 442 56.33 -33.30 31.90
CA ILE B 442 56.06 -31.87 31.87
C ILE B 442 55.18 -31.54 30.66
N GLY B 443 54.32 -30.53 30.83
CA GLY B 443 53.41 -30.15 29.78
C GLY B 443 54.00 -29.13 28.83
N ARG B 444 54.52 -29.61 27.70
CA ARG B 444 55.08 -28.74 26.67
C ARG B 444 54.71 -29.31 25.31
N TYR B 445 54.02 -28.53 24.50
CA TYR B 445 53.58 -28.96 23.19
C TYR B 445 54.07 -27.98 22.14
N ASN B 446 53.95 -28.38 20.88
CA ASN B 446 54.24 -27.53 19.75
C ASN B 446 53.17 -27.73 18.68
N ILE B 447 52.98 -26.69 17.88
CA ILE B 447 51.87 -26.62 16.92
C ILE B 447 52.47 -26.75 15.52
N PHE B 448 52.14 -27.83 14.83
CA PHE B 448 52.57 -28.03 13.46
C PHE B 448 51.43 -27.69 12.51
N THR B 449 51.80 -27.26 11.31
CA THR B 449 50.81 -26.83 10.31
C THR B 449 51.14 -27.49 8.98
N TYR B 450 50.30 -28.44 8.58
CA TYR B 450 50.38 -29.00 7.23
C TYR B 450 49.96 -27.93 6.23
N LEU B 451 50.89 -27.58 5.34
CA LEU B 451 50.74 -26.43 4.46
C LEU B 451 51.32 -26.81 3.09
N ARG B 452 51.61 -25.79 2.28
CA ARG B 452 52.16 -25.94 0.93
C ARG B 452 51.20 -26.73 0.03
N ALA B 453 50.05 -26.09 -0.21
CA ALA B 453 49.01 -26.68 -1.05
C ALA B 453 49.51 -27.02 -2.45
N GLY B 454 50.62 -26.43 -2.89
CA GLY B 454 51.12 -26.73 -4.22
C GLY B 454 51.49 -28.18 -4.38
N SER B 455 51.39 -28.67 -5.62
CA SER B 455 51.67 -30.05 -5.94
C SER B 455 53.16 -30.40 -5.86
N GLY B 456 54.01 -29.44 -5.49
CA GLY B 456 55.43 -29.71 -5.37
C GLY B 456 55.77 -30.62 -4.21
N ARG B 457 55.43 -30.20 -3.00
CA ARG B 457 55.72 -30.99 -1.80
C ARG B 457 54.77 -30.57 -0.70
N TYR B 458 54.77 -31.35 0.38
CA TYR B 458 53.97 -31.09 1.57
C TYR B 458 54.81 -31.39 2.80
N ARG B 459 54.62 -30.61 3.85
CA ARG B 459 55.40 -30.80 5.08
C ARG B 459 54.68 -30.10 6.23
N TYR B 460 55.20 -30.32 7.43
CA TYR B 460 54.74 -29.65 8.63
C TYR B 460 55.66 -28.48 8.96
N GLN B 461 55.16 -27.56 9.78
CA GLN B 461 55.93 -26.38 10.17
C GLN B 461 55.58 -26.03 11.60
N LYS B 462 56.59 -26.01 12.47
CA LYS B 462 56.39 -25.64 13.87
C LYS B 462 56.13 -24.15 13.95
N VAL B 463 54.86 -23.78 14.07
CA VAL B 463 54.47 -22.37 14.08
C VAL B 463 54.51 -21.74 15.47
N GLY B 464 54.48 -22.55 16.52
CA GLY B 464 54.52 -22.01 17.87
C GLY B 464 54.59 -23.14 18.87
N TYR B 465 54.74 -22.77 20.13
CA TYR B 465 54.83 -23.73 21.22
C TYR B 465 53.78 -23.42 22.28
N TRP B 466 53.74 -24.28 23.30
CA TRP B 466 52.75 -24.18 24.37
C TRP B 466 53.40 -24.74 25.63
N ALA B 467 53.84 -23.84 26.52
CA ALA B 467 54.43 -24.22 27.80
C ALA B 467 53.84 -23.27 28.84
N GLU B 468 52.72 -23.70 29.44
CA GLU B 468 51.92 -22.86 30.34
C GLU B 468 51.48 -21.58 29.64
N GLY B 469 51.34 -21.64 28.32
CA GLY B 469 50.95 -20.49 27.52
C GLY B 469 51.27 -20.67 26.05
N LEU B 470 50.35 -20.26 25.18
CA LEU B 470 50.54 -20.42 23.75
C LEU B 470 51.39 -19.30 23.18
N THR B 471 52.28 -19.64 22.26
CA THR B 471 53.17 -18.68 21.59
C THR B 471 53.14 -18.93 20.09
N LEU B 472 51.94 -19.04 19.54
CA LEU B 472 51.78 -19.30 18.12
C LEU B 472 52.17 -18.08 17.29
N ASP B 473 52.82 -18.34 16.16
CA ASP B 473 53.23 -17.30 15.22
C ASP B 473 52.42 -17.45 13.93
N THR B 474 51.62 -16.43 13.62
CA THR B 474 50.79 -16.46 12.42
C THR B 474 51.57 -16.18 11.15
N SER B 475 52.83 -15.74 11.26
CA SER B 475 53.64 -15.46 10.08
C SER B 475 53.99 -16.73 9.31
N LEU B 476 53.98 -17.89 9.98
CA LEU B 476 54.29 -19.15 9.32
C LEU B 476 53.06 -19.87 8.79
N ILE B 477 51.88 -19.59 9.33
CA ILE B 477 50.65 -20.21 8.85
C ILE B 477 50.19 -19.47 7.59
N PRO B 478 49.91 -20.18 6.50
CA PRO B 478 49.50 -19.50 5.27
C PRO B 478 48.15 -18.79 5.38
N TRP B 479 47.13 -19.51 5.86
CA TRP B 479 45.78 -18.95 5.89
C TRP B 479 45.57 -17.99 7.06
N ALA B 480 46.45 -17.98 8.05
CA ALA B 480 46.29 -17.08 9.17
C ALA B 480 46.70 -15.66 8.83
N SER B 481 47.66 -15.49 7.92
CA SER B 481 48.09 -14.14 7.54
C SER B 481 47.05 -13.51 6.60
N PRO B 482 46.77 -12.22 6.77
CA PRO B 482 45.78 -11.56 5.89
C PRO B 482 46.28 -11.32 4.48
N SER B 483 47.56 -11.59 4.19
CA SER B 483 48.07 -11.38 2.84
C SER B 483 47.56 -12.45 1.88
N ALA B 484 47.43 -13.69 2.36
CA ALA B 484 46.93 -14.77 1.52
C ALA B 484 45.44 -14.70 1.27
N GLY B 485 44.69 -14.02 2.14
CA GLY B 485 43.26 -13.89 1.98
C GLY B 485 42.54 -13.82 3.31
N PRO B 486 41.24 -14.11 3.30
CA PRO B 486 40.47 -14.06 4.55
C PRO B 486 40.85 -15.21 5.48
N LEU B 487 40.90 -14.91 6.76
CA LEU B 487 41.24 -15.92 7.76
C LEU B 487 40.08 -16.89 7.92
N PRO B 488 40.34 -18.20 7.87
CA PRO B 488 39.25 -19.18 8.05
C PRO B 488 38.61 -19.04 9.43
N ALA B 489 37.34 -18.68 9.45
CA ALA B 489 36.59 -18.49 10.67
C ALA B 489 35.42 -19.45 10.72
N SER B 490 34.98 -19.76 11.94
CA SER B 490 33.85 -20.66 12.16
C SER B 490 33.07 -20.15 13.36
N ARG B 491 31.85 -19.68 13.12
CA ARG B 491 31.00 -19.13 14.17
C ARG B 491 29.59 -19.69 14.01
N CYS B 492 28.86 -19.71 15.13
CA CYS B 492 27.50 -20.24 15.10
C CYS B 492 26.56 -19.30 14.36
N SER B 493 26.75 -18.00 14.51
CA SER B 493 25.96 -17.00 13.82
C SER B 493 26.89 -15.91 13.28
N GLU B 494 26.48 -15.32 12.17
CA GLU B 494 27.30 -14.30 11.53
C GLU B 494 27.37 -13.05 12.42
N PRO B 495 28.51 -12.36 12.45
CA PRO B 495 28.60 -11.14 13.26
C PRO B 495 27.83 -9.98 12.65
N CYS B 496 26.51 -9.97 12.87
CA CYS B 496 25.66 -8.92 12.30
C CYS B 496 26.04 -7.56 12.87
N LEU B 497 25.83 -6.53 12.07
CA LEU B 497 26.17 -5.18 12.47
C LEU B 497 25.26 -4.71 13.60
N GLN B 498 25.85 -4.10 14.63
CA GLN B 498 25.05 -3.57 15.73
C GLN B 498 24.18 -2.41 15.28
N ASN B 499 24.65 -1.61 14.32
CA ASN B 499 23.85 -0.49 13.82
C ASN B 499 22.61 -0.97 13.09
N GLU B 500 22.67 -2.15 12.48
CA GLU B 500 21.51 -2.67 11.74
C GLU B 500 20.53 -3.37 12.67
N VAL B 501 20.99 -4.42 13.37
CA VAL B 501 20.13 -5.24 14.21
C VAL B 501 20.78 -5.37 15.59
N LYS B 502 20.01 -5.93 16.53
CA LYS B 502 20.46 -6.13 17.90
C LYS B 502 20.38 -7.61 18.23
N SER B 503 21.53 -8.23 18.44
CA SER B 503 21.58 -9.68 18.68
C SER B 503 20.96 -10.01 20.03
N VAL B 504 20.09 -11.02 20.04
CA VAL B 504 19.46 -11.52 21.26
C VAL B 504 20.09 -12.86 21.60
N GLN B 505 20.23 -13.14 22.90
CA GLN B 505 20.89 -14.34 23.36
C GLN B 505 19.86 -15.37 23.79
N PRO B 506 19.85 -16.56 23.19
CA PRO B 506 18.94 -17.62 23.65
C PRO B 506 19.41 -18.24 24.96
N GLY B 507 18.77 -19.35 25.36
CA GLY B 507 19.16 -20.03 26.59
C GLY B 507 20.64 -20.34 26.65
N GLU B 508 21.16 -21.00 25.62
CA GLU B 508 22.59 -21.24 25.54
C GLU B 508 23.33 -19.95 25.20
N VAL B 509 24.61 -19.92 25.57
CA VAL B 509 25.40 -18.68 25.49
C VAL B 509 26.53 -18.84 24.48
N CYS B 510 26.32 -19.67 23.46
CA CYS B 510 27.31 -19.81 22.40
C CYS B 510 26.77 -19.41 21.02
N CYS B 511 25.52 -18.96 20.94
CA CYS B 511 24.95 -18.47 19.69
C CYS B 511 24.12 -17.23 20.00
N TRP B 512 23.63 -16.57 18.94
CA TRP B 512 22.78 -15.40 19.09
C TRP B 512 21.96 -15.22 17.83
N LEU B 513 20.75 -14.70 17.98
CA LEU B 513 19.84 -14.45 16.88
C LEU B 513 19.84 -12.96 16.55
N CYS B 514 20.12 -12.63 15.30
CA CYS B 514 20.23 -11.23 14.88
C CYS B 514 18.85 -10.74 14.45
N ILE B 515 18.21 -9.96 15.31
CA ILE B 515 16.89 -9.40 15.02
C ILE B 515 16.90 -7.91 15.32
N PRO B 516 16.21 -7.09 14.54
CA PRO B 516 16.11 -5.65 14.85
C PRO B 516 15.02 -5.39 15.87
N CYS B 517 15.42 -4.95 17.06
CA CYS B 517 14.47 -4.67 18.14
C CYS B 517 13.53 -3.54 17.74
N GLN B 518 14.07 -2.34 17.51
CA GLN B 518 13.29 -1.17 17.15
C GLN B 518 14.15 -0.26 16.28
N PRO B 519 13.57 0.34 15.23
CA PRO B 519 14.36 1.26 14.40
C PRO B 519 14.63 2.61 15.05
N TYR B 520 13.86 2.97 16.08
CA TYR B 520 14.01 4.26 16.75
C TYR B 520 14.62 4.10 18.15
N GLU B 521 15.34 3.01 18.39
CA GLU B 521 15.92 2.73 19.69
C GLU B 521 17.43 2.88 19.64
N TYR B 522 18.01 3.44 20.70
CA TYR B 522 19.45 3.63 20.75
C TYR B 522 20.17 2.29 20.87
N ARG B 523 21.28 2.16 20.16
CA ARG B 523 22.05 0.92 20.11
C ARG B 523 23.10 0.97 21.21
N LEU B 524 22.73 0.50 22.39
CA LEU B 524 23.61 0.59 23.56
C LEU B 524 24.64 -0.53 23.57
N ASP B 525 24.19 -1.77 23.64
CA ASP B 525 25.06 -2.94 23.70
C ASP B 525 24.64 -3.94 22.63
N GLU B 526 25.40 -5.03 22.54
CA GLU B 526 25.13 -6.08 21.56
C GLU B 526 24.05 -7.05 22.01
N PHE B 527 23.53 -6.91 23.23
CA PHE B 527 22.49 -7.80 23.71
C PHE B 527 21.28 -7.02 24.18
N THR B 528 21.49 -5.79 24.68
CA THR B 528 20.40 -4.94 25.12
C THR B 528 19.97 -4.02 23.98
N CYS B 529 18.84 -3.34 24.19
CA CYS B 529 18.29 -2.42 23.21
C CYS B 529 17.36 -1.46 23.93
N ALA B 530 17.79 -0.20 24.06
CA ALA B 530 17.02 0.80 24.80
C ALA B 530 17.36 2.18 24.28
N ASP B 531 16.37 3.05 24.19
CA ASP B 531 16.54 4.38 23.64
C ASP B 531 17.24 5.29 24.63
N CYS B 532 18.02 6.24 24.09
CA CYS B 532 18.75 7.18 24.94
C CYS B 532 17.86 8.33 25.37
N GLY B 533 17.29 9.05 24.41
CA GLY B 533 16.42 10.17 24.71
C GLY B 533 15.03 10.04 24.11
N LEU B 534 14.57 11.09 23.44
CA LEU B 534 13.24 11.08 22.83
C LEU B 534 13.23 12.08 21.67
N GLY B 535 12.71 11.65 20.53
CA GLY B 535 12.63 12.53 19.38
C GLY B 535 13.92 12.66 18.61
N TYR B 536 14.63 11.55 18.39
CA TYR B 536 15.89 11.57 17.66
C TYR B 536 15.96 10.37 16.74
N TRP B 537 16.98 10.35 15.88
CA TRP B 537 17.23 9.25 14.97
C TRP B 537 18.71 8.91 15.00
N PRO B 538 19.06 7.63 15.01
CA PRO B 538 20.48 7.24 15.02
C PRO B 538 21.14 7.57 13.70
N ASN B 539 22.13 8.46 13.75
CA ASN B 539 22.85 8.89 12.56
C ASN B 539 24.03 7.94 12.32
N ALA B 540 24.87 8.28 11.34
CA ALA B 540 26.03 7.46 11.00
C ALA B 540 27.17 7.62 11.99
N SER B 541 27.06 8.52 12.95
CA SER B 541 28.12 8.73 13.93
C SER B 541 28.13 7.59 14.95
N LEU B 542 29.16 7.58 15.79
CA LEU B 542 29.29 6.55 16.82
C LEU B 542 28.24 6.75 17.92
N THR B 543 27.99 8.00 18.31
CA THR B 543 27.02 8.26 19.37
C THR B 543 25.61 7.92 18.91
N GLY B 544 25.13 8.58 17.86
CA GLY B 544 23.80 8.32 17.36
C GLY B 544 22.72 8.80 18.32
N CYS B 545 21.47 8.46 17.95
CA CYS B 545 20.27 8.80 18.70
C CYS B 545 20.24 10.28 19.08
N PHE B 546 20.74 11.12 18.18
CA PHE B 546 20.78 12.56 18.39
C PHE B 546 20.83 13.24 17.03
N GLU B 547 21.16 14.54 17.04
CA GLU B 547 21.29 15.34 15.83
C GLU B 547 19.98 15.34 15.02
N LEU B 548 18.94 15.88 15.64
CA LEU B 548 17.63 16.02 15.00
C LEU B 548 17.12 17.43 15.23
N PRO B 549 17.26 18.33 14.26
CA PRO B 549 16.79 19.70 14.43
C PRO B 549 15.28 19.79 14.23
N GLN B 550 14.77 21.02 14.31
CA GLN B 550 13.35 21.25 14.12
C GLN B 550 12.97 21.05 12.66
N GLU B 551 11.87 20.34 12.43
CA GLU B 551 11.41 20.02 11.08
C GLU B 551 10.37 21.06 10.63
N TYR B 552 10.86 22.29 10.46
CA TYR B 552 10.02 23.37 9.96
C TYR B 552 10.95 24.40 9.29
N ILE B 553 10.98 24.39 7.96
CA ILE B 553 11.81 25.33 7.21
C ILE B 553 11.16 26.70 7.24
N ARG B 554 12.01 27.73 7.17
CA ARG B 554 11.54 29.12 7.19
C ARG B 554 11.29 29.57 5.76
N TRP B 555 10.01 29.64 5.39
CA TRP B 555 9.58 30.07 4.05
C TRP B 555 10.19 29.20 2.95
N GLY B 556 10.41 27.93 3.25
CA GLY B 556 11.01 27.01 2.29
C GLY B 556 9.97 26.23 1.51
N ASP B 557 8.85 25.91 2.15
CA ASP B 557 7.79 25.15 1.51
C ASP B 557 6.80 26.08 0.82
N ALA B 558 6.34 25.66 -0.35
CA ALA B 558 5.34 26.40 -1.11
C ALA B 558 3.91 26.06 -0.71
N TRP B 559 3.73 25.50 0.49
CA TRP B 559 2.41 25.13 0.98
C TRP B 559 1.76 26.24 1.80
N ALA B 560 2.54 27.21 2.28
CA ALA B 560 2.03 28.30 3.09
C ALA B 560 2.24 29.66 2.43
N VAL B 561 2.38 29.69 1.10
CA VAL B 561 2.56 30.95 0.39
C VAL B 561 1.26 31.73 0.33
N GLY B 562 0.12 31.06 0.51
CA GLY B 562 -1.16 31.71 0.52
C GLY B 562 -1.30 32.77 1.58
N PRO B 563 -1.02 32.42 2.84
CA PRO B 563 -0.99 33.45 3.89
C PRO B 563 -0.04 34.59 3.60
N VAL B 564 1.16 34.30 3.06
CA VAL B 564 2.13 35.35 2.80
C VAL B 564 1.61 36.31 1.75
N THR B 565 1.05 35.78 0.65
CA THR B 565 0.58 36.66 -0.41
C THR B 565 -0.68 37.42 0.02
N ILE B 566 -1.56 36.80 0.80
CA ILE B 566 -2.74 37.53 1.26
C ILE B 566 -2.33 38.62 2.23
N ALA B 567 -1.29 38.37 3.05
CA ALA B 567 -0.79 39.42 3.93
C ALA B 567 -0.15 40.55 3.15
N CYS B 568 0.61 40.23 2.10
CA CYS B 568 1.24 41.29 1.31
C CYS B 568 0.20 42.14 0.60
N LEU B 569 -0.82 41.51 0.03
CA LEU B 569 -1.86 42.29 -0.65
C LEU B 569 -2.68 43.10 0.35
N GLY B 570 -2.94 42.54 1.54
CA GLY B 570 -3.66 43.30 2.55
C GLY B 570 -2.88 44.50 3.05
N ALA B 571 -1.57 44.31 3.27
CA ALA B 571 -0.74 45.43 3.69
C ALA B 571 -0.64 46.49 2.59
N LEU B 572 -0.55 46.06 1.33
CA LEU B 572 -0.54 47.02 0.23
C LEU B 572 -1.84 47.81 0.17
N ALA B 573 -2.97 47.13 0.34
CA ALA B 573 -4.26 47.82 0.31
C ALA B 573 -4.39 48.78 1.49
N THR B 574 -3.90 48.38 2.67
CA THR B 574 -3.99 49.25 3.84
C THR B 574 -3.10 50.48 3.67
N LEU B 575 -1.89 50.31 3.14
CA LEU B 575 -1.02 51.45 2.89
C LEU B 575 -1.62 52.36 1.81
N PHE B 576 -2.29 51.77 0.82
CA PHE B 576 -2.94 52.58 -0.20
C PHE B 576 -4.09 53.40 0.39
N VAL B 577 -4.88 52.79 1.28
CA VAL B 577 -5.97 53.52 1.92
C VAL B 577 -5.41 54.63 2.81
N LEU B 578 -4.33 54.35 3.54
CA LEU B 578 -3.70 55.38 4.35
C LEU B 578 -3.18 56.52 3.50
N GLY B 579 -2.59 56.20 2.35
CA GLY B 579 -2.08 57.24 1.46
C GLY B 579 -3.18 58.09 0.86
N VAL B 580 -4.29 57.46 0.45
CA VAL B 580 -5.37 58.24 -0.13
C VAL B 580 -6.12 59.04 0.94
N PHE B 581 -6.06 58.59 2.20
CA PHE B 581 -6.65 59.39 3.27
C PHE B 581 -5.76 60.57 3.63
N VAL B 582 -4.44 60.37 3.61
CA VAL B 582 -3.53 61.47 3.90
C VAL B 582 -3.53 62.48 2.75
N ARG B 583 -3.72 62.01 1.51
CA ARG B 583 -3.79 62.93 0.37
C ARG B 583 -5.09 63.71 0.38
N HIS B 584 -6.20 63.06 0.75
CA HIS B 584 -7.48 63.75 0.89
C HIS B 584 -7.57 64.57 2.16
N ASN B 585 -6.59 64.46 3.06
CA ASN B 585 -6.54 65.14 4.35
C ASN B 585 -7.71 64.76 5.25
N ALA B 586 -8.46 63.71 4.91
CA ALA B 586 -9.62 63.25 5.67
C ALA B 586 -10.64 64.37 5.89
N THR B 587 -10.72 65.32 4.96
CA THR B 587 -11.65 66.43 5.08
C THR B 587 -13.09 66.03 4.73
N PRO B 588 -13.34 65.17 3.74
CA PRO B 588 -14.70 64.66 3.56
C PRO B 588 -15.05 63.53 4.51
N VAL B 589 -14.08 62.95 5.19
CA VAL B 589 -14.32 61.83 6.10
C VAL B 589 -14.39 62.28 7.55
N VAL B 590 -14.59 63.58 7.79
CA VAL B 590 -14.71 64.07 9.16
C VAL B 590 -15.95 63.49 9.83
N LYS B 591 -17.08 63.49 9.12
CA LYS B 591 -18.31 62.93 9.63
C LYS B 591 -18.37 61.41 9.49
N ALA B 592 -17.33 60.78 8.96
CA ALA B 592 -17.29 59.33 8.80
C ALA B 592 -16.80 58.65 10.07
N ALA B 593 -17.58 58.83 11.14
CA ALA B 593 -17.28 58.28 12.46
C ALA B 593 -15.91 58.73 12.95
N GLY B 594 -15.58 59.99 12.71
CA GLY B 594 -14.32 60.55 13.14
C GLY B 594 -13.19 60.24 12.20
N ARG B 595 -12.15 61.07 12.27
CA ARG B 595 -10.97 60.90 11.43
C ARG B 595 -9.90 60.03 12.08
N GLU B 596 -9.81 60.07 13.42
CA GLU B 596 -8.84 59.22 14.11
C GLU B 596 -9.28 57.75 14.15
N LEU B 597 -10.58 57.49 14.01
CA LEU B 597 -11.05 56.10 14.01
C LEU B 597 -10.55 55.35 12.77
N CYS B 598 -10.57 56.01 11.61
CA CYS B 598 -10.06 55.37 10.41
C CYS B 598 -8.56 55.10 10.52
N TYR B 599 -7.81 56.03 11.11
CA TYR B 599 -6.39 55.81 11.31
C TYR B 599 -6.14 54.67 12.28
N ILE B 600 -6.95 54.58 13.34
CA ILE B 600 -6.80 53.50 14.30
C ILE B 600 -7.10 52.16 13.64
N LEU B 601 -8.14 52.10 12.81
CA LEU B 601 -8.48 50.84 12.14
C LEU B 601 -7.41 50.45 11.12
N LEU B 602 -6.85 51.43 10.41
CA LEU B 602 -5.77 51.13 9.46
C LEU B 602 -4.53 50.63 10.18
N GLY B 603 -4.19 51.24 11.32
CA GLY B 603 -3.10 50.73 12.13
C GLY B 603 -3.37 49.33 12.64
N GLY B 604 -4.63 49.04 12.99
CA GLY B 604 -4.98 47.71 13.42
C GLY B 604 -4.82 46.68 12.31
N VAL B 605 -5.21 47.03 11.09
CA VAL B 605 -5.06 46.09 9.98
C VAL B 605 -3.59 45.92 9.63
N PHE B 606 -2.80 46.98 9.74
CA PHE B 606 -1.36 46.85 9.54
C PHE B 606 -0.73 45.96 10.60
N LEU B 607 -1.21 46.07 11.84
CA LEU B 607 -0.74 45.18 12.90
C LEU B 607 -1.17 43.74 12.63
N CYS B 608 -2.35 43.55 12.05
CA CYS B 608 -2.76 42.21 11.65
C CYS B 608 -1.82 41.64 10.59
N TYR B 609 -1.44 42.46 9.61
CA TYR B 609 -0.50 42.01 8.59
C TYR B 609 0.87 41.68 9.20
N CYS B 610 1.33 42.50 10.14
CA CYS B 610 2.61 42.24 10.79
C CYS B 610 2.55 40.96 11.62
N MET B 611 1.44 40.73 12.32
CA MET B 611 1.27 39.50 13.09
C MET B 611 1.22 38.29 12.16
N THR B 612 0.61 38.44 10.98
CA THR B 612 0.63 37.37 9.99
C THR B 612 2.05 37.07 9.54
N PHE B 613 2.84 38.11 9.25
CA PHE B 613 4.23 37.91 8.88
C PHE B 613 5.03 37.29 10.01
N ILE B 614 4.63 37.53 11.26
CA ILE B 614 5.32 36.94 12.40
C ILE B 614 4.98 35.45 12.51
N PHE B 615 3.70 35.10 12.29
CA PHE B 615 3.30 33.69 12.35
C PHE B 615 4.06 32.85 11.33
N ILE B 616 4.18 33.34 10.09
CA ILE B 616 4.87 32.59 9.05
C ILE B 616 6.37 32.55 9.26
N ALA B 617 6.90 33.35 10.17
CA ALA B 617 8.33 33.37 10.44
C ALA B 617 8.73 32.12 11.24
N LYS B 618 10.02 32.03 11.55
CA LYS B 618 10.51 30.87 12.29
C LYS B 618 10.05 30.93 13.74
N PRO B 619 9.49 29.84 14.28
CA PRO B 619 9.02 29.88 15.67
C PRO B 619 10.17 29.89 16.65
N SER B 620 10.12 30.85 17.58
CA SER B 620 11.10 30.94 18.66
C SER B 620 10.42 31.64 19.83
N THR B 621 11.14 31.72 20.96
CA THR B 621 10.55 32.34 22.14
C THR B 621 10.21 33.81 21.88
N ALA B 622 11.10 34.55 21.23
CA ALA B 622 10.81 35.92 20.88
C ALA B 622 9.64 36.01 19.89
N VAL B 623 9.66 35.17 18.87
CA VAL B 623 8.57 35.15 17.90
C VAL B 623 7.28 34.69 18.56
N CYS B 624 7.37 33.74 19.50
CA CYS B 624 6.18 33.26 20.18
C CYS B 624 5.52 34.37 20.99
N THR B 625 6.31 35.07 21.82
CA THR B 625 5.71 36.15 22.60
C THR B 625 5.26 37.31 21.70
N LEU B 626 5.98 37.56 20.60
CA LEU B 626 5.59 38.63 19.69
C LEU B 626 4.25 38.33 19.04
N ARG B 627 4.04 37.09 18.58
CA ARG B 627 2.77 36.76 17.95
C ARG B 627 1.65 36.71 18.98
N ARG B 628 1.94 36.18 20.18
CA ARG B 628 0.91 36.11 21.22
C ARG B 628 0.46 37.50 21.65
N LEU B 629 1.37 38.48 21.64
CA LEU B 629 0.97 39.85 21.93
C LEU B 629 0.29 40.50 20.74
N GLY B 630 0.80 40.26 19.53
CA GLY B 630 0.33 40.98 18.37
C GLY B 630 -1.08 40.59 17.95
N LEU B 631 -1.38 39.29 17.97
CA LEU B 631 -2.75 38.86 17.66
C LEU B 631 -3.74 39.50 18.61
N GLY B 632 -3.44 39.47 19.91
CA GLY B 632 -4.33 40.07 20.89
C GLY B 632 -4.52 41.56 20.69
N THR B 633 -3.41 42.30 20.54
CA THR B 633 -3.53 43.75 20.38
C THR B 633 -4.23 44.12 19.07
N ALA B 634 -3.98 43.36 18.00
CA ALA B 634 -4.63 43.67 16.72
C ALA B 634 -6.13 43.44 16.80
N PHE B 635 -6.55 42.26 17.28
CA PHE B 635 -7.97 42.02 17.46
C PHE B 635 -8.61 43.05 18.39
N SER B 636 -7.89 43.41 19.46
CA SER B 636 -8.44 44.35 20.44
C SER B 636 -8.63 45.73 19.83
N VAL B 637 -7.64 46.22 19.09
CA VAL B 637 -7.74 47.57 18.54
C VAL B 637 -8.79 47.61 17.44
N CYS B 638 -8.89 46.54 16.63
CA CYS B 638 -9.93 46.51 15.60
C CYS B 638 -11.32 46.49 16.22
N TYR B 639 -11.53 45.63 17.22
CA TYR B 639 -12.84 45.54 17.85
C TYR B 639 -13.17 46.83 18.59
N SER B 640 -12.16 47.50 19.18
CA SER B 640 -12.42 48.73 19.91
C SER B 640 -12.79 49.86 18.97
N ALA B 641 -12.06 50.01 17.85
CA ALA B 641 -12.43 51.02 16.88
C ALA B 641 -13.80 50.76 16.28
N LEU B 642 -14.13 49.49 16.04
CA LEU B 642 -15.43 49.16 15.46
C LEU B 642 -16.55 49.42 16.46
N LEU B 643 -16.32 49.11 17.74
CA LEU B 643 -17.31 49.41 18.77
C LEU B 643 -17.49 50.91 18.97
N THR B 644 -16.40 51.67 18.83
CA THR B 644 -16.50 53.12 18.90
C THR B 644 -17.33 53.66 17.73
N LYS B 645 -17.08 53.17 16.53
CA LYS B 645 -17.90 53.57 15.38
C LYS B 645 -19.35 53.16 15.56
N THR B 646 -19.61 52.04 16.23
CA THR B 646 -20.98 51.62 16.50
C THR B 646 -21.66 52.56 17.50
N ASN B 647 -20.97 52.88 18.60
CA ASN B 647 -21.55 53.74 19.61
C ASN B 647 -21.68 55.18 19.14
N ARG B 648 -20.89 55.61 18.16
CA ARG B 648 -21.02 56.97 17.63
C ARG B 648 -22.35 57.16 16.91
N ILE B 649 -22.93 56.10 16.37
CA ILE B 649 -24.20 56.19 15.67
C ILE B 649 -25.23 55.27 16.33
N SER B 667 -18.48 63.22 22.38
CA SER B 667 -17.30 63.82 21.78
C SER B 667 -16.38 62.76 21.20
N PRO B 668 -15.75 63.07 20.07
CA PRO B 668 -14.84 62.08 19.46
C PRO B 668 -13.61 61.80 20.29
N ALA B 669 -13.11 62.80 21.03
CA ALA B 669 -11.95 62.57 21.89
C ALA B 669 -12.27 61.56 22.98
N SER B 670 -13.45 61.66 23.59
CA SER B 670 -13.83 60.71 24.63
C SER B 670 -13.99 59.30 24.05
N GLN B 671 -14.50 59.19 22.82
CA GLN B 671 -14.66 57.88 22.20
C GLN B 671 -13.30 57.27 21.87
N VAL B 672 -12.37 58.08 21.36
CA VAL B 672 -11.03 57.57 21.09
C VAL B 672 -10.35 57.15 22.39
N ALA B 673 -10.58 57.91 23.47
CA ALA B 673 -10.02 57.55 24.76
C ALA B 673 -10.60 56.24 25.27
N ILE B 674 -11.90 56.03 25.07
CA ILE B 674 -12.52 54.78 25.50
C ILE B 674 -11.99 53.61 24.69
N CYS B 675 -11.79 53.81 23.39
CA CYS B 675 -11.24 52.75 22.55
C CYS B 675 -9.81 52.40 22.96
N LEU B 676 -8.99 53.43 23.23
CA LEU B 676 -7.63 53.18 23.70
C LEU B 676 -7.63 52.51 25.07
N ALA B 677 -8.59 52.85 25.93
CA ALA B 677 -8.67 52.19 27.24
C ALA B 677 -9.04 50.72 27.09
N LEU B 678 -9.97 50.41 26.18
CA LEU B 678 -10.31 49.02 25.93
C LEU B 678 -9.11 48.26 25.36
N ILE B 679 -8.38 48.88 24.44
CA ILE B 679 -7.21 48.23 23.85
C ILE B 679 -6.15 47.97 24.93
N SER B 680 -5.93 48.95 25.81
CA SER B 680 -4.94 48.79 26.87
C SER B 680 -5.37 47.73 27.87
N GLY B 681 -6.67 47.66 28.18
CA GLY B 681 -7.15 46.62 29.08
C GLY B 681 -6.98 45.24 28.48
N GLN B 682 -7.30 45.07 27.20
CA GLN B 682 -7.11 43.78 26.55
C GLN B 682 -5.63 43.42 26.48
N LEU B 683 -4.77 44.41 26.22
CA LEU B 683 -3.33 44.15 26.22
C LEU B 683 -2.84 43.72 27.60
N LEU B 684 -3.32 44.36 28.65
CA LEU B 684 -2.93 43.97 30.00
C LEU B 684 -3.44 42.57 30.33
N ILE B 685 -4.64 42.24 29.88
CA ILE B 685 -5.17 40.89 30.11
C ILE B 685 -4.31 39.85 29.39
N VAL B 686 -3.91 40.15 28.15
CA VAL B 686 -3.07 39.21 27.40
C VAL B 686 -1.71 39.07 28.08
N VAL B 687 -1.14 40.18 28.58
CA VAL B 687 0.16 40.12 29.24
C VAL B 687 0.06 39.31 30.52
N ALA B 688 -1.03 39.49 31.28
CA ALA B 688 -1.21 38.71 32.51
C ALA B 688 -1.37 37.23 32.20
N TRP B 689 -2.15 36.90 31.18
CA TRP B 689 -2.32 35.50 30.78
C TRP B 689 -0.99 34.89 30.32
N LEU B 690 -0.16 35.70 29.66
CA LEU B 690 1.13 35.20 29.19
C LEU B 690 2.09 34.98 30.37
N VAL B 691 2.09 35.89 31.34
CA VAL B 691 3.02 35.77 32.46
C VAL B 691 2.58 34.68 33.43
N VAL B 692 1.28 34.47 33.61
CA VAL B 692 0.82 33.54 34.63
C VAL B 692 1.07 32.08 34.22
N GLU B 693 1.02 31.78 32.92
CA GLU B 693 1.20 30.40 32.46
C GLU B 693 2.64 30.10 32.06
N ALA B 694 3.15 30.78 31.03
CA ALA B 694 4.48 30.56 30.50
C ALA B 694 4.79 31.55 29.39
N PRO B 695 6.07 31.88 29.16
CA PRO B 695 6.39 32.73 28.00
C PRO B 695 6.17 32.05 26.67
N GLY B 696 6.19 30.70 26.64
CA GLY B 696 5.94 29.96 25.43
C GLY B 696 7.15 29.14 25.01
N THR B 697 7.25 28.90 23.70
CA THR B 697 8.37 28.18 23.10
C THR B 697 8.51 26.77 23.68
N GLY B 698 7.48 25.96 23.44
CA GLY B 698 7.55 24.55 23.80
C GLY B 698 8.15 23.72 22.68
N LYS B 699 9.44 23.43 22.79
CA LYS B 699 10.18 22.77 21.73
C LYS B 699 10.09 21.25 21.87
N GLU B 700 10.41 20.55 20.77
CA GLU B 700 10.45 19.09 20.72
C GLU B 700 9.12 18.48 21.14
N THR B 701 8.09 18.77 20.33
CA THR B 701 6.77 18.20 20.55
C THR B 701 6.81 16.70 20.35
N ALA B 702 6.38 15.94 21.35
CA ALA B 702 6.42 14.48 21.31
C ALA B 702 5.21 13.93 20.57
N PRO B 703 5.40 13.33 19.40
CA PRO B 703 4.27 12.75 18.66
C PRO B 703 4.07 11.28 18.98
N GLU B 704 2.99 10.69 18.43
CA GLU B 704 2.78 9.26 18.59
C GLU B 704 3.84 8.46 17.85
N ARG B 705 4.22 8.91 16.65
CA ARG B 705 5.28 8.30 15.86
C ARG B 705 6.46 9.25 15.83
N ARG B 706 7.55 8.87 16.50
CA ARG B 706 8.72 9.74 16.64
C ARG B 706 9.49 9.75 15.32
N GLU B 707 8.98 10.53 14.37
CA GLU B 707 9.61 10.70 13.07
C GLU B 707 10.10 12.13 12.86
N VAL B 708 9.23 13.12 13.02
CA VAL B 708 9.60 14.52 12.89
C VAL B 708 9.08 15.28 14.11
N VAL B 709 9.67 16.44 14.35
CA VAL B 709 9.29 17.30 15.46
C VAL B 709 8.84 18.65 14.90
N THR B 710 8.08 19.37 15.71
CA THR B 710 7.55 20.67 15.33
C THR B 710 7.69 21.65 16.48
N LEU B 711 8.10 22.88 16.16
CA LEU B 711 8.24 23.92 17.18
C LEU B 711 6.90 24.61 17.40
N ARG B 712 6.57 24.84 18.67
CA ARG B 712 5.33 25.52 19.03
C ARG B 712 5.52 26.21 20.37
N CYS B 713 4.52 27.01 20.75
CA CYS B 713 4.54 27.69 22.03
C CYS B 713 4.18 26.71 23.15
N ASN B 714 4.12 27.24 24.37
CA ASN B 714 3.81 26.39 25.53
C ASN B 714 2.41 25.79 25.42
N HIS B 715 1.39 26.64 25.47
CA HIS B 715 0.00 26.19 25.42
C HIS B 715 -0.83 27.11 24.55
N ARG B 716 -0.29 27.49 23.39
CA ARG B 716 -1.02 28.38 22.48
C ARG B 716 -2.11 27.66 21.68
N ASP B 717 -2.46 26.42 22.02
CA ASP B 717 -3.47 25.68 21.27
C ASP B 717 -4.86 25.81 21.90
N ALA B 718 -4.97 25.56 23.20
CA ALA B 718 -6.25 25.58 23.89
C ALA B 718 -6.47 26.81 24.75
N SER B 719 -5.40 27.46 25.22
CA SER B 719 -5.56 28.65 26.06
C SER B 719 -5.98 29.86 25.24
N MET B 720 -5.50 29.99 24.00
CA MET B 720 -5.83 31.14 23.16
C MET B 720 -7.33 31.33 23.02
N LEU B 721 -8.10 30.24 22.93
CA LEU B 721 -9.55 30.34 22.83
C LEU B 721 -10.12 31.22 23.94
N GLY B 722 -9.59 31.09 25.16
CA GLY B 722 -9.99 31.95 26.25
C GLY B 722 -9.89 33.41 25.85
N SER B 723 -8.69 33.84 25.44
CA SER B 723 -8.53 35.20 24.94
C SER B 723 -9.48 35.48 23.78
N LEU B 724 -9.66 34.50 22.90
CA LEU B 724 -10.62 34.65 21.81
C LEU B 724 -12.01 34.92 22.37
N ALA B 725 -12.42 34.16 23.39
CA ALA B 725 -13.69 34.42 24.04
C ALA B 725 -13.75 35.83 24.60
N TYR B 726 -12.63 36.32 25.13
CA TYR B 726 -12.59 37.68 25.68
C TYR B 726 -12.99 38.71 24.62
N ASN B 727 -12.81 38.38 23.35
CA ASN B 727 -13.27 39.26 22.28
C ASN B 727 -14.66 38.86 21.78
N VAL B 728 -14.96 37.56 21.78
CA VAL B 728 -16.20 37.08 21.18
C VAL B 728 -17.41 37.76 21.80
N LEU B 729 -17.56 37.64 23.12
CA LEU B 729 -18.62 38.36 23.82
C LEU B 729 -18.62 39.83 23.45
N LEU B 730 -17.45 40.46 23.42
CA LEU B 730 -17.35 41.83 22.95
C LEU B 730 -18.00 41.97 21.58
N ILE B 731 -17.50 41.24 20.58
CA ILE B 731 -18.11 41.23 19.26
C ILE B 731 -19.61 41.02 19.39
N ALA B 732 -20.02 40.06 20.23
CA ALA B 732 -21.44 39.82 20.46
C ALA B 732 -22.16 41.11 20.83
N LEU B 733 -21.77 41.74 21.94
CA LEU B 733 -22.46 42.97 22.31
C LEU B 733 -22.38 43.99 21.19
N CYS B 734 -21.23 44.06 20.51
CA CYS B 734 -21.09 44.97 19.39
C CYS B 734 -22.18 44.72 18.35
N THR B 735 -22.29 43.48 17.86
CA THR B 735 -23.30 43.23 16.84
C THR B 735 -24.69 43.39 17.41
N LEU B 736 -24.85 43.18 18.72
CA LEU B 736 -26.13 43.47 19.35
C LEU B 736 -26.50 44.93 19.15
N TYR B 737 -25.57 45.84 19.42
CA TYR B 737 -25.81 47.25 19.14
C TYR B 737 -26.00 47.46 17.64
N ALA B 738 -25.30 46.69 16.82
CA ALA B 738 -25.48 46.79 15.37
C ALA B 738 -26.91 46.41 14.98
N PHE B 739 -27.54 45.54 15.76
CA PHE B 739 -28.94 45.22 15.50
C PHE B 739 -29.88 46.26 16.11
N LYS B 740 -29.43 46.94 17.16
CA LYS B 740 -30.30 47.92 17.82
C LYS B 740 -30.31 49.25 17.07
N THR B 741 -29.17 49.65 16.51
CA THR B 741 -29.04 50.91 15.79
C THR B 741 -28.82 50.66 14.29
N ARG B 742 -29.49 49.66 13.74
CA ARG B 742 -29.35 49.36 12.32
C ARG B 742 -30.16 50.31 11.44
N LYS B 743 -31.20 50.93 11.98
CA LYS B 743 -32.04 51.86 11.22
C LYS B 743 -31.56 53.28 11.51
N CYS B 744 -30.46 53.65 10.85
CA CYS B 744 -29.88 54.98 11.01
C CYS B 744 -29.27 55.40 9.67
N PRO B 745 -30.00 56.18 8.87
CA PRO B 745 -29.47 56.60 7.55
C PRO B 745 -28.37 57.64 7.62
N GLU B 746 -27.86 57.96 8.81
CA GLU B 746 -26.85 58.99 8.94
C GLU B 746 -25.49 58.49 8.46
N ASN B 747 -24.63 59.44 8.09
CA ASN B 747 -23.30 59.16 7.57
C ASN B 747 -23.35 58.25 6.34
N PHE B 748 -24.18 58.64 5.38
CA PHE B 748 -24.43 57.85 4.17
C PHE B 748 -24.89 56.44 4.52
N ASN B 749 -25.76 56.34 5.53
CA ASN B 749 -26.26 55.07 6.05
C ASN B 749 -25.10 54.17 6.48
N GLU B 750 -24.29 54.70 7.40
CA GLU B 750 -23.12 53.96 7.88
C GLU B 750 -23.48 52.88 8.89
N ALA B 751 -24.65 52.99 9.52
CA ALA B 751 -25.07 51.98 10.49
C ALA B 751 -25.30 50.63 9.81
N LYS B 752 -25.85 50.65 8.60
CA LYS B 752 -26.05 49.39 7.87
C LYS B 752 -24.72 48.73 7.54
N PHE B 753 -23.71 49.53 7.14
CA PHE B 753 -22.40 48.97 6.85
C PHE B 753 -21.75 48.43 8.12
N ILE B 754 -21.92 49.12 9.24
CA ILE B 754 -21.40 48.63 10.51
C ILE B 754 -22.05 47.29 10.86
N GLY B 755 -23.37 47.20 10.69
CA GLY B 755 -24.07 45.97 10.97
C GLY B 755 -23.65 44.83 10.06
N PHE B 756 -23.42 45.13 8.79
CA PHE B 756 -22.97 44.10 7.86
C PHE B 756 -21.57 43.61 8.22
N THR B 757 -20.67 44.53 8.56
CA THR B 757 -19.34 44.13 9.01
C THR B 757 -19.43 43.26 10.25
N MET B 758 -20.30 43.63 11.19
CA MET B 758 -20.49 42.82 12.39
C MET B 758 -21.01 41.44 12.05
N TYR B 759 -21.96 41.35 11.12
CA TYR B 759 -22.51 40.06 10.74
C TYR B 759 -21.44 39.17 10.12
N THR B 760 -20.65 39.73 9.20
CA THR B 760 -19.60 38.93 8.57
C THR B 760 -18.56 38.48 9.60
N THR B 761 -18.16 39.38 10.50
CA THR B 761 -17.15 39.01 11.49
C THR B 761 -17.67 37.96 12.46
N CYS B 762 -18.93 38.09 12.90
CA CYS B 762 -19.48 37.11 13.82
C CYS B 762 -19.65 35.76 13.13
N ILE B 763 -20.03 35.75 11.84
CA ILE B 763 -20.16 34.49 11.12
C ILE B 763 -18.81 33.82 10.96
N ILE B 764 -17.79 34.58 10.56
CA ILE B 764 -16.47 33.98 10.35
C ILE B 764 -15.88 33.51 11.67
N TRP B 765 -16.18 34.20 12.77
CA TRP B 765 -15.64 33.77 14.06
C TRP B 765 -16.39 32.53 14.57
N LEU B 766 -17.71 32.49 14.39
CA LEU B 766 -18.47 31.30 14.76
C LEU B 766 -18.07 30.10 13.93
N ALA B 767 -17.57 30.32 12.71
CA ALA B 767 -17.07 29.22 11.91
C ALA B 767 -15.62 28.87 12.24
N PHE B 768 -14.85 29.84 12.73
CA PHE B 768 -13.43 29.64 12.98
C PHE B 768 -13.15 29.04 14.36
N LEU B 769 -13.98 29.34 15.35
CA LEU B 769 -13.73 28.82 16.70
C LEU B 769 -13.75 27.30 16.76
N PRO B 770 -14.81 26.60 16.29
CA PRO B 770 -14.75 25.13 16.32
C PRO B 770 -13.66 24.55 15.45
N ILE B 771 -13.32 25.21 14.35
CA ILE B 771 -12.23 24.73 13.49
C ILE B 771 -10.90 24.80 14.22
N PHE B 772 -10.61 25.95 14.84
CA PHE B 772 -9.40 26.09 15.63
C PHE B 772 -9.41 25.18 16.85
N TYR B 773 -10.59 24.78 17.32
CA TYR B 773 -10.66 23.90 18.49
C TYR B 773 -10.40 22.44 18.12
N VAL B 774 -10.96 21.97 17.00
CA VAL B 774 -10.82 20.57 16.63
C VAL B 774 -9.54 20.27 15.87
N THR B 775 -8.91 21.27 15.25
CA THR B 775 -7.68 21.07 14.50
C THR B 775 -6.44 21.40 15.33
N SER B 776 -6.51 21.23 16.65
CA SER B 776 -5.37 21.49 17.50
C SER B 776 -4.29 20.43 17.41
N SER B 777 -4.57 19.31 16.73
CA SER B 777 -3.57 18.26 16.59
C SER B 777 -2.48 18.68 15.61
N ASP B 778 -2.85 19.05 14.39
CA ASP B 778 -1.88 19.49 13.41
C ASP B 778 -1.39 20.89 13.74
N TYR B 779 -0.16 21.19 13.31
CA TYR B 779 0.45 22.49 13.53
C TYR B 779 0.44 23.36 12.28
N ARG B 780 0.90 22.83 11.15
CA ARG B 780 0.91 23.61 9.92
C ARG B 780 -0.50 23.90 9.44
N VAL B 781 -1.38 22.90 9.49
CA VAL B 781 -2.75 23.09 9.03
C VAL B 781 -3.50 24.07 9.94
N GLN B 782 -3.31 23.94 11.26
CA GLN B 782 -3.98 24.84 12.20
C GLN B 782 -3.49 26.27 12.04
N THR B 783 -2.18 26.46 11.93
CA THR B 783 -1.64 27.79 11.70
C THR B 783 -2.15 28.36 10.38
N THR B 784 -2.20 27.53 9.33
CA THR B 784 -2.68 28.01 8.04
C THR B 784 -4.14 28.44 8.11
N THR B 785 -4.99 27.65 8.76
CA THR B 785 -6.41 27.99 8.79
C THR B 785 -6.67 29.19 9.69
N MET B 786 -5.95 29.32 10.81
CA MET B 786 -6.14 30.49 11.65
C MET B 786 -5.62 31.75 10.95
N CYS B 787 -4.53 31.62 10.19
CA CYS B 787 -4.02 32.76 9.44
C CYS B 787 -4.98 33.17 8.34
N VAL B 788 -5.55 32.20 7.62
CA VAL B 788 -6.54 32.50 6.59
C VAL B 788 -7.77 33.17 7.20
N SER B 789 -8.20 32.69 8.38
CA SER B 789 -9.36 33.29 9.03
C SER B 789 -9.08 34.73 9.45
N VAL B 790 -7.89 34.98 10.02
CA VAL B 790 -7.53 36.34 10.42
C VAL B 790 -7.47 37.25 9.21
N SER B 791 -6.84 36.78 8.13
CA SER B 791 -6.73 37.61 6.93
C SER B 791 -8.10 37.87 6.32
N LEU B 792 -8.99 36.88 6.34
CA LEU B 792 -10.33 37.06 5.81
C LEU B 792 -11.13 38.04 6.65
N SER B 793 -10.97 37.98 7.97
CA SER B 793 -11.65 38.94 8.84
C SER B 793 -11.17 40.35 8.57
N GLY B 794 -9.85 40.55 8.49
CA GLY B 794 -9.32 41.86 8.16
C GLY B 794 -9.77 42.35 6.81
N SER B 795 -9.79 41.46 5.81
CA SER B 795 -10.20 41.86 4.46
C SER B 795 -11.67 42.23 4.41
N VAL B 796 -12.52 41.48 5.10
CA VAL B 796 -13.95 41.80 5.07
C VAL B 796 -14.22 43.07 5.86
N VAL B 797 -13.41 43.35 6.90
CA VAL B 797 -13.56 44.60 7.63
C VAL B 797 -13.16 45.77 6.75
N LEU B 798 -12.06 45.62 6.00
CA LEU B 798 -11.60 46.70 5.13
C LEU B 798 -12.50 46.87 3.91
N GLY B 799 -13.20 45.82 3.50
CA GLY B 799 -14.03 45.88 2.32
C GLY B 799 -15.47 46.27 2.58
N CYS B 800 -15.97 45.97 3.77
CA CYS B 800 -17.36 46.28 4.10
C CYS B 800 -17.52 47.67 4.71
N LEU B 801 -16.63 48.05 5.63
CA LEU B 801 -16.73 49.36 6.26
C LEU B 801 -16.20 50.47 5.35
N PHE B 802 -15.09 50.22 4.67
CA PHE B 802 -14.51 51.18 3.74
C PHE B 802 -15.09 51.07 2.33
N ALA B 803 -16.26 50.43 2.19
CA ALA B 803 -16.91 50.40 0.88
C ALA B 803 -17.39 51.78 0.43
N PRO B 804 -18.06 52.58 1.27
CA PRO B 804 -18.41 53.93 0.81
C PRO B 804 -17.20 54.82 0.61
N LYS B 805 -16.13 54.63 1.38
CA LYS B 805 -14.92 55.43 1.20
C LYS B 805 -14.29 55.15 -0.15
N LEU B 806 -14.32 53.90 -0.61
CA LEU B 806 -13.84 53.57 -1.94
C LEU B 806 -14.81 54.01 -3.03
N HIS B 807 -16.11 53.97 -2.74
CA HIS B 807 -17.10 54.35 -3.74
C HIS B 807 -17.06 55.85 -4.02
N ILE B 808 -16.96 56.67 -2.97
CA ILE B 808 -16.90 58.12 -3.15
C ILE B 808 -15.51 58.60 -3.55
N ILE B 809 -14.49 57.76 -3.39
CA ILE B 809 -13.11 58.09 -3.75
C ILE B 809 -12.64 59.35 -3.02
N SER C 6 -30.99 28.97 -56.89
CA SER C 6 -30.07 29.36 -55.83
C SER C 6 -28.70 29.72 -56.40
N ALA C 7 -28.55 29.54 -57.71
CA ALA C 7 -27.27 29.82 -58.37
C ALA C 7 -27.12 31.31 -58.64
N GLU C 8 -28.04 31.88 -59.42
CA GLU C 8 -27.97 33.30 -59.75
C GLU C 8 -28.71 34.19 -58.76
N ASP C 9 -29.59 33.61 -57.94
CA ASP C 9 -30.31 34.38 -56.93
C ASP C 9 -29.50 34.59 -55.66
N LYS C 10 -28.23 34.15 -55.63
CA LYS C 10 -27.42 34.32 -54.42
C LYS C 10 -27.20 35.79 -54.10
N ALA C 11 -26.95 36.61 -55.13
CA ALA C 11 -26.77 38.04 -54.89
C ALA C 11 -28.05 38.67 -54.36
N ALA C 12 -29.21 38.21 -54.84
CA ALA C 12 -30.48 38.73 -54.35
C ALA C 12 -30.66 38.41 -52.87
N VAL C 13 -30.36 37.17 -52.46
CA VAL C 13 -30.50 36.80 -51.06
C VAL C 13 -29.47 37.54 -50.20
N GLU C 14 -28.27 37.79 -50.72
CA GLU C 14 -27.29 38.54 -49.96
C GLU C 14 -27.73 39.99 -49.77
N ARG C 15 -28.29 40.61 -50.81
CA ARG C 15 -28.80 41.97 -50.67
C ARG C 15 -29.99 41.99 -49.71
N SER C 16 -30.83 40.96 -49.75
CA SER C 16 -31.95 40.87 -48.82
C SER C 16 -31.46 40.78 -47.38
N LYS C 17 -30.43 39.97 -47.14
CA LYS C 17 -29.88 39.85 -45.79
C LYS C 17 -29.23 41.16 -45.35
N MET C 18 -28.57 41.86 -46.27
CA MET C 18 -27.95 43.14 -45.94
C MET C 18 -29.00 44.17 -45.54
N ILE C 19 -30.05 44.32 -46.36
CA ILE C 19 -31.09 45.28 -46.02
C ILE C 19 -31.89 44.81 -44.81
N ASP C 20 -31.92 43.51 -44.52
CA ASP C 20 -32.58 43.05 -43.31
C ASP C 20 -31.78 43.41 -42.08
N ARG C 21 -30.45 43.28 -42.15
CA ARG C 21 -29.60 43.76 -41.05
C ARG C 21 -29.74 45.26 -40.87
N ASN C 22 -29.83 46.00 -41.98
CA ASN C 22 -30.03 47.44 -41.88
C ASN C 22 -31.37 47.79 -41.25
N LEU C 23 -32.43 47.06 -41.62
CA LEU C 23 -33.74 47.28 -41.03
C LEU C 23 -33.74 46.92 -39.54
N ARG C 24 -33.03 45.86 -39.16
CA ARG C 24 -32.94 45.50 -37.75
C ARG C 24 -32.20 46.57 -36.96
N GLU C 25 -31.12 47.11 -37.53
CA GLU C 25 -30.41 48.21 -36.88
C GLU C 25 -31.30 49.44 -36.73
N ASP C 26 -32.06 49.76 -37.78
CA ASP C 26 -32.95 50.92 -37.72
C ASP C 26 -34.04 50.70 -36.68
N GLY C 27 -34.56 49.48 -36.57
CA GLY C 27 -35.58 49.20 -35.58
C GLY C 27 -35.04 49.25 -34.16
N GLU C 28 -33.82 48.77 -33.96
CA GLU C 28 -33.19 48.88 -32.65
C GLU C 28 -32.92 50.33 -32.28
N LYS C 29 -32.55 51.15 -33.28
CA LYS C 29 -32.35 52.57 -33.02
C LYS C 29 -33.67 53.28 -32.72
N ALA C 30 -34.75 52.86 -33.38
CA ALA C 30 -36.05 53.45 -33.13
C ALA C 30 -36.61 53.06 -31.77
N ALA C 31 -36.39 51.80 -31.37
CA ALA C 31 -36.83 51.37 -30.04
C ALA C 31 -36.04 52.09 -28.95
N ARG C 32 -34.83 52.53 -29.24
CA ARG C 32 -34.07 53.36 -28.30
C ARG C 32 -34.71 54.71 -28.09
N GLU C 33 -35.56 55.16 -29.01
CA GLU C 33 -36.26 56.44 -28.91
C GLU C 33 -37.68 56.16 -28.46
N VAL C 34 -38.01 56.57 -27.24
CA VAL C 34 -39.34 56.34 -26.69
C VAL C 34 -40.34 57.29 -27.36
N LYS C 35 -41.51 56.76 -27.68
CA LYS C 35 -42.53 57.51 -28.40
C LYS C 35 -43.61 57.99 -27.43
N LEU C 36 -43.92 59.28 -27.51
CA LEU C 36 -44.96 59.90 -26.69
C LEU C 36 -45.90 60.69 -27.58
N LEU C 37 -47.19 60.63 -27.27
CA LEU C 37 -48.19 61.43 -27.96
C LEU C 37 -48.71 62.51 -27.02
N LEU C 38 -49.31 63.54 -27.59
CA LEU C 38 -49.89 64.64 -26.84
C LEU C 38 -51.38 64.78 -27.18
N LEU C 39 -52.17 65.08 -26.15
CA LEU C 39 -53.59 65.33 -26.32
C LEU C 39 -54.01 66.46 -25.40
N GLY C 40 -55.21 66.97 -25.63
CA GLY C 40 -55.74 68.06 -24.84
C GLY C 40 -56.66 68.92 -25.68
N ALA C 41 -57.09 70.03 -25.10
CA ALA C 41 -57.96 70.97 -25.77
C ALA C 41 -57.13 71.94 -26.61
N GLY C 42 -57.77 72.98 -27.14
CA GLY C 42 -57.08 73.95 -27.96
C GLY C 42 -56.33 74.95 -27.09
N GLU C 43 -55.03 75.10 -27.37
CA GLU C 43 -54.16 76.03 -26.64
C GLU C 43 -54.17 75.73 -25.14
N SER C 44 -53.84 74.49 -24.80
CA SER C 44 -53.82 74.02 -23.43
C SER C 44 -52.42 74.00 -22.84
N GLY C 45 -51.48 74.75 -23.42
CA GLY C 45 -50.13 74.78 -22.92
C GLY C 45 -49.18 73.91 -23.71
N LYS C 46 -49.28 73.96 -25.03
CA LYS C 46 -48.41 73.14 -25.88
C LYS C 46 -47.10 73.84 -26.16
N ASN C 47 -47.13 75.16 -26.40
CA ASN C 47 -45.92 75.88 -26.78
C ASN C 47 -44.93 75.97 -25.61
N THR C 48 -45.44 75.99 -24.38
CA THR C 48 -44.57 76.15 -23.22
C THR C 48 -43.70 74.91 -22.97
N ILE C 49 -44.07 73.76 -23.52
CA ILE C 49 -43.31 72.53 -23.32
C ILE C 49 -42.55 72.09 -24.56
N VAL C 50 -42.93 72.55 -25.75
CA VAL C 50 -42.25 72.16 -26.99
C VAL C 50 -41.22 73.19 -27.42
N LYS C 51 -41.16 74.35 -26.76
CA LYS C 51 -40.18 75.37 -27.10
C LYS C 51 -38.94 75.32 -26.22
N GLN C 52 -39.01 74.64 -25.08
CA GLN C 52 -37.86 74.52 -24.19
C GLN C 52 -36.93 73.37 -24.57
N MET C 53 -37.40 72.41 -25.36
CA MET C 53 -36.57 71.28 -25.76
C MET C 53 -35.56 71.71 -26.82
N LYS C 54 -34.56 70.86 -27.02
CA LYS C 54 -33.52 71.14 -28.01
C LYS C 54 -34.00 70.85 -29.42
N ILE C 55 -34.74 69.76 -29.61
CA ILE C 55 -35.28 69.36 -30.90
C ILE C 55 -34.17 69.23 -31.95
N THR C 182 -51.84 71.14 -40.75
CA THR C 182 -52.26 70.02 -41.58
C THR C 182 -52.08 68.69 -40.83
N GLY C 183 -50.96 68.02 -41.08
CA GLY C 183 -50.67 66.76 -40.45
C GLY C 183 -50.12 66.92 -39.05
N ILE C 184 -49.81 65.79 -38.43
CA ILE C 184 -49.26 65.81 -37.07
C ILE C 184 -47.81 66.26 -37.10
N VAL C 185 -47.34 66.73 -35.94
CA VAL C 185 -45.97 67.17 -35.77
C VAL C 185 -45.20 66.12 -34.98
N GLU C 186 -43.99 65.81 -35.42
CA GLU C 186 -43.15 64.82 -34.76
C GLU C 186 -41.78 65.43 -34.51
N THR C 187 -41.43 65.60 -33.24
CA THR C 187 -40.13 66.14 -32.86
C THR C 187 -39.35 65.09 -32.08
N HIS C 188 -38.02 65.23 -32.08
CA HIS C 188 -37.14 64.28 -31.42
C HIS C 188 -36.03 65.05 -30.72
N PHE C 189 -35.81 64.74 -29.45
CA PHE C 189 -34.79 65.43 -28.67
C PHE C 189 -34.12 64.49 -27.69
N THR C 190 -32.82 64.68 -27.50
CA THR C 190 -32.02 63.84 -26.63
C THR C 190 -31.85 64.51 -25.26
N PHE C 191 -32.01 63.73 -24.20
CA PHE C 191 -31.84 64.23 -22.84
C PHE C 191 -31.33 63.10 -21.96
N LYS C 192 -30.18 63.33 -21.32
CA LYS C 192 -29.57 62.36 -20.41
C LYS C 192 -29.36 61.01 -21.09
N ASP C 193 -28.80 61.05 -22.31
CA ASP C 193 -28.55 59.86 -23.12
C ASP C 193 -29.84 59.06 -23.32
N LEU C 194 -30.87 59.75 -23.79
CA LEU C 194 -32.16 59.12 -24.06
C LEU C 194 -32.91 59.96 -25.07
N HIS C 195 -33.39 59.32 -26.14
CA HIS C 195 -34.10 60.02 -27.20
C HIS C 195 -35.60 59.97 -26.94
N PHE C 196 -36.22 61.14 -26.84
CA PHE C 196 -37.66 61.25 -26.71
C PHE C 196 -38.24 61.70 -28.05
N LYS C 197 -39.26 60.98 -28.52
CA LYS C 197 -39.97 61.29 -29.75
C LYS C 197 -41.37 61.76 -29.38
N MET C 198 -41.58 63.07 -29.43
CA MET C 198 -42.87 63.66 -29.09
C MET C 198 -43.72 63.80 -30.33
N PHE C 199 -44.98 63.39 -30.24
CA PHE C 199 -45.93 63.42 -31.35
C PHE C 199 -47.10 64.31 -30.96
N ASP C 200 -47.12 65.52 -31.48
CA ASP C 200 -48.20 66.48 -31.24
C ASP C 200 -49.21 66.34 -32.36
N VAL C 201 -50.39 65.82 -32.03
CA VAL C 201 -51.45 65.68 -33.04
C VAL C 201 -51.96 67.04 -33.46
N GLY C 202 -52.21 67.92 -32.50
CA GLY C 202 -52.64 69.27 -32.79
C GLY C 202 -53.99 69.35 -33.48
N ALA C 203 -53.98 69.73 -34.75
CA ALA C 203 -55.19 69.85 -35.54
C ALA C 203 -55.34 68.63 -36.43
N GLN C 204 -56.40 67.85 -36.21
CA GLN C 204 -56.69 66.66 -36.99
C GLN C 204 -58.15 66.75 -37.44
N ARG C 205 -58.36 66.98 -38.74
CA ARG C 205 -59.71 67.12 -39.27
C ARG C 205 -60.51 65.83 -39.13
N SER C 206 -59.85 64.68 -39.20
CA SER C 206 -60.54 63.42 -39.04
C SER C 206 -60.89 63.17 -37.57
N GLU C 207 -61.75 62.17 -37.35
CA GLU C 207 -62.19 61.84 -36.01
C GLU C 207 -61.09 61.09 -35.25
N ARG C 208 -61.14 61.21 -33.92
CA ARG C 208 -60.16 60.55 -33.07
C ARG C 208 -60.26 59.03 -33.13
N LYS C 209 -61.42 58.50 -33.50
CA LYS C 209 -61.64 57.05 -33.48
C LYS C 209 -60.76 56.30 -34.47
N LYS C 210 -60.13 56.99 -35.42
CA LYS C 210 -59.38 56.32 -36.48
C LYS C 210 -57.88 56.28 -36.23
N TRP C 211 -57.25 57.44 -36.03
CA TRP C 211 -55.81 57.47 -35.84
C TRP C 211 -55.38 56.95 -34.47
N ILE C 212 -56.27 57.01 -33.48
CA ILE C 212 -55.97 56.39 -32.19
C ILE C 212 -56.14 54.88 -32.26
N HIS C 213 -57.14 54.42 -33.01
CA HIS C 213 -57.36 52.99 -33.20
C HIS C 213 -56.14 52.28 -33.77
N CYS C 214 -55.27 52.98 -34.46
CA CYS C 214 -54.08 52.42 -35.07
C CYS C 214 -52.81 53.00 -34.45
N PHE C 215 -52.78 53.08 -33.13
CA PHE C 215 -51.63 53.62 -32.40
C PHE C 215 -51.19 52.64 -31.32
N GLU C 216 -51.06 51.37 -31.68
CA GLU C 216 -50.63 50.35 -30.74
C GLU C 216 -49.11 50.26 -30.72
N GLY C 217 -48.55 50.12 -29.52
CA GLY C 217 -47.13 50.06 -29.34
C GLY C 217 -46.48 51.27 -28.68
N VAL C 218 -47.27 52.13 -28.03
CA VAL C 218 -46.74 53.33 -27.40
C VAL C 218 -46.54 53.04 -25.91
N THR C 219 -45.54 53.70 -25.33
CA THR C 219 -45.24 53.49 -23.92
C THR C 219 -46.20 54.28 -23.02
N ALA C 220 -46.44 55.55 -23.35
CA ALA C 220 -47.29 56.41 -22.53
C ALA C 220 -47.84 57.52 -23.41
N ILE C 221 -48.82 58.24 -22.86
CA ILE C 221 -49.40 59.40 -23.53
C ILE C 221 -49.31 60.58 -22.58
N ILE C 222 -49.50 61.78 -23.14
CA ILE C 222 -49.46 63.01 -22.38
C ILE C 222 -50.79 63.74 -22.57
N PHE C 223 -51.33 64.26 -21.49
CA PHE C 223 -52.60 65.00 -21.50
C PHE C 223 -52.33 66.38 -20.93
N CYS C 224 -52.30 67.39 -21.80
CA CYS C 224 -52.01 68.76 -21.40
C CYS C 224 -53.31 69.51 -21.20
N VAL C 225 -53.54 70.02 -19.99
CA VAL C 225 -54.73 70.79 -19.67
C VAL C 225 -54.33 72.00 -18.85
N ALA C 226 -55.23 72.97 -18.79
CA ALA C 226 -55.05 74.18 -18.01
C ALA C 226 -56.17 74.24 -16.98
N LEU C 227 -55.80 74.29 -15.70
CA LEU C 227 -56.80 74.33 -14.64
C LEU C 227 -57.61 75.62 -14.67
N SER C 228 -57.06 76.68 -15.28
CA SER C 228 -57.79 77.95 -15.39
C SER C 228 -58.95 77.88 -16.37
N ASP C 229 -59.08 76.80 -17.13
CA ASP C 229 -60.17 76.65 -18.08
C ASP C 229 -61.38 75.95 -17.46
N TYR C 230 -61.83 76.48 -16.32
CA TYR C 230 -63.01 75.95 -15.63
C TYR C 230 -64.16 76.94 -15.58
N ASP C 231 -63.87 78.24 -15.55
CA ASP C 231 -64.91 79.26 -15.60
C ASP C 231 -65.25 79.67 -17.03
N LEU C 232 -64.47 79.23 -18.01
CA LEU C 232 -64.71 79.57 -19.40
C LEU C 232 -65.52 78.47 -20.09
N VAL C 233 -66.16 78.83 -21.20
CA VAL C 233 -66.94 77.91 -22.01
C VAL C 233 -66.38 77.94 -23.43
N LEU C 234 -66.15 76.77 -24.00
CA LEU C 234 -65.62 76.69 -25.35
C LEU C 234 -66.64 77.17 -26.37
N ALA C 235 -66.14 77.67 -27.50
CA ALA C 235 -66.99 78.21 -28.55
C ALA C 235 -67.44 77.12 -29.53
N GLU C 236 -68.02 76.06 -29.00
CA GLU C 236 -68.54 74.95 -29.81
C GLU C 236 -70.02 74.69 -29.57
N ASP C 237 -70.47 74.73 -28.31
CA ASP C 237 -71.88 74.53 -28.01
C ASP C 237 -72.45 75.53 -27.02
N GLU C 238 -71.62 76.29 -26.29
CA GLU C 238 -72.08 77.28 -25.32
C GLU C 238 -72.96 76.65 -24.24
N GLU C 239 -72.79 75.35 -24.00
CA GLU C 239 -73.56 74.64 -22.98
C GLU C 239 -72.74 73.75 -22.08
N MET C 240 -71.54 73.34 -22.49
CA MET C 240 -70.68 72.48 -21.69
C MET C 240 -69.40 73.23 -21.32
N ASN C 241 -68.85 72.90 -20.16
CA ASN C 241 -67.63 73.54 -19.68
C ASN C 241 -66.42 72.92 -20.34
N ARG C 242 -65.31 73.66 -20.33
CA ARG C 242 -64.06 73.14 -20.87
C ARG C 242 -63.53 71.98 -20.03
N MET C 243 -63.69 72.07 -18.70
CA MET C 243 -63.30 70.96 -17.84
C MET C 243 -64.15 69.74 -18.10
N HIS C 244 -65.44 69.93 -18.39
CA HIS C 244 -66.31 68.81 -18.71
C HIS C 244 -65.86 68.13 -20.01
N ALA C 245 -65.49 68.93 -21.01
CA ALA C 245 -65.00 68.37 -22.26
C ALA C 245 -63.68 67.63 -22.04
N SER C 246 -62.80 68.17 -21.21
CA SER C 246 -61.54 67.49 -20.91
C SER C 246 -61.79 66.17 -20.19
N MET C 247 -62.74 66.16 -19.24
CA MET C 247 -63.07 64.92 -18.54
C MET C 247 -63.70 63.89 -19.49
N LYS C 248 -64.52 64.36 -20.43
CA LYS C 248 -65.08 63.44 -21.42
C LYS C 248 -64.00 62.85 -22.31
N LEU C 249 -63.05 63.68 -22.75
CA LEU C 249 -61.93 63.20 -23.55
C LEU C 249 -61.09 62.20 -22.76
N PHE C 250 -60.89 62.46 -21.47
CA PHE C 250 -60.11 61.54 -20.63
C PHE C 250 -60.82 60.21 -20.47
N ASP C 251 -62.14 60.24 -20.20
CA ASP C 251 -62.90 59.01 -20.07
C ASP C 251 -62.97 58.25 -21.39
N SER C 252 -62.90 58.97 -22.52
CA SER C 252 -62.90 58.30 -23.81
C SER C 252 -61.57 57.63 -24.10
N ILE C 253 -60.46 58.32 -23.81
CA ILE C 253 -59.14 57.74 -24.06
C ILE C 253 -58.71 56.75 -23.00
N CYS C 254 -59.43 56.65 -21.89
CA CYS C 254 -59.10 55.69 -20.83
C CYS C 254 -60.00 54.46 -20.84
N ASN C 255 -61.13 54.50 -21.57
CA ASN C 255 -62.05 53.38 -21.62
C ASN C 255 -62.06 52.72 -23.00
N ASN C 256 -60.95 52.81 -23.73
CA ASN C 256 -60.81 52.19 -25.04
C ASN C 256 -59.95 50.94 -24.94
N LYS C 257 -60.14 50.04 -25.90
CA LYS C 257 -59.45 48.75 -25.90
C LYS C 257 -57.99 48.85 -26.33
N TRP C 258 -57.50 50.06 -26.65
CA TRP C 258 -56.13 50.23 -27.09
C TRP C 258 -55.22 50.90 -26.07
N PHE C 259 -55.78 51.61 -25.10
CA PHE C 259 -55.00 52.30 -24.07
C PHE C 259 -55.30 51.73 -22.69
N THR C 260 -55.49 50.41 -22.62
CA THR C 260 -55.74 49.77 -21.33
C THR C 260 -54.45 49.61 -20.53
N ASP C 261 -53.35 49.32 -21.22
CA ASP C 261 -52.05 49.15 -20.57
C ASP C 261 -51.13 50.36 -20.77
N THR C 262 -51.68 51.48 -21.21
CA THR C 262 -50.91 52.69 -21.46
C THR C 262 -51.15 53.70 -20.36
N SER C 263 -50.06 54.32 -19.88
CA SER C 263 -50.16 55.31 -18.82
C SER C 263 -50.35 56.70 -19.41
N ILE C 264 -50.81 57.62 -18.56
CA ILE C 264 -51.08 58.99 -18.94
C ILE C 264 -50.30 59.91 -18.00
N ILE C 265 -49.60 60.89 -18.58
CA ILE C 265 -48.89 61.91 -17.80
C ILE C 265 -49.65 63.21 -18.00
N LEU C 266 -50.19 63.75 -16.92
CA LEU C 266 -50.98 64.97 -16.98
C LEU C 266 -50.09 66.18 -16.77
N PHE C 267 -50.10 67.10 -17.74
CA PHE C 267 -49.42 68.38 -17.62
C PHE C 267 -50.46 69.45 -17.31
N LEU C 268 -50.17 70.26 -16.30
CA LEU C 268 -51.06 71.33 -15.85
C LEU C 268 -50.38 72.66 -16.18
N ASN C 269 -50.82 73.29 -17.27
CA ASN C 269 -50.22 74.51 -17.75
C ASN C 269 -50.90 75.74 -17.14
N LYS C 270 -50.11 76.79 -16.94
CA LYS C 270 -50.59 78.07 -16.41
C LYS C 270 -51.27 77.90 -15.06
N LYS C 271 -50.48 77.44 -14.08
CA LYS C 271 -51.01 77.28 -12.73
C LYS C 271 -51.19 78.64 -12.05
N ASP C 272 -50.44 79.65 -12.47
CA ASP C 272 -50.65 80.99 -11.92
C ASP C 272 -51.98 81.58 -12.38
N LEU C 273 -52.36 81.31 -13.63
CA LEU C 273 -53.68 81.73 -14.10
C LEU C 273 -54.78 81.03 -13.31
N PHE C 274 -54.58 79.75 -12.99
CA PHE C 274 -55.56 79.03 -12.19
C PHE C 274 -55.63 79.59 -10.77
N GLU C 275 -54.49 79.98 -10.21
CA GLU C 275 -54.49 80.60 -8.88
C GLU C 275 -55.23 81.92 -8.90
N GLU C 276 -55.00 82.74 -9.93
CA GLU C 276 -55.72 84.00 -10.05
C GLU C 276 -57.22 83.78 -10.21
N LYS C 277 -57.60 82.77 -11.01
CA LYS C 277 -59.02 82.49 -11.21
C LYS C 277 -59.68 82.00 -9.93
N ILE C 278 -59.02 81.11 -9.20
CA ILE C 278 -59.60 80.59 -7.96
C ILE C 278 -59.60 81.65 -6.87
N LYS C 279 -58.70 82.64 -6.94
CA LYS C 279 -58.79 83.79 -6.05
C LYS C 279 -59.88 84.76 -6.45
N LYS C 280 -60.26 84.78 -7.74
CA LYS C 280 -61.35 85.63 -8.20
C LYS C 280 -62.68 84.90 -8.25
N SER C 281 -62.68 83.60 -8.61
CA SER C 281 -63.90 82.82 -8.72
C SER C 281 -63.93 81.72 -7.65
N PRO C 282 -65.11 81.46 -7.06
CA PRO C 282 -65.19 80.46 -6.00
C PRO C 282 -65.28 79.02 -6.49
N LEU C 283 -65.30 78.79 -7.81
CA LEU C 283 -65.37 77.49 -8.46
C LEU C 283 -66.72 76.81 -8.28
N THR C 284 -67.64 77.39 -7.50
CA THR C 284 -68.94 76.77 -7.29
C THR C 284 -69.80 76.77 -8.55
N ILE C 285 -69.49 77.63 -9.52
CA ILE C 285 -70.28 77.66 -10.75
C ILE C 285 -69.90 76.51 -11.67
N CYS C 286 -68.62 76.10 -11.68
CA CYS C 286 -68.19 75.01 -12.54
C CYS C 286 -68.56 73.65 -11.97
N TYR C 287 -68.36 73.47 -10.66
CA TYR C 287 -68.69 72.21 -9.98
C TYR C 287 -69.72 72.48 -8.89
N PRO C 288 -70.98 72.09 -9.11
CA PRO C 288 -72.00 72.34 -8.07
C PRO C 288 -71.87 71.41 -6.87
N GLU C 289 -71.39 70.19 -7.08
CA GLU C 289 -71.26 69.23 -5.99
C GLU C 289 -70.02 69.47 -5.13
N TYR C 290 -69.12 70.36 -5.55
CA TYR C 290 -67.91 70.63 -4.78
C TYR C 290 -68.22 71.52 -3.58
N ALA C 291 -67.49 71.28 -2.49
CA ALA C 291 -67.64 72.07 -1.28
C ALA C 291 -66.28 72.23 -0.61
N GLY C 292 -65.89 73.46 -0.35
CA GLY C 292 -64.61 73.72 0.28
C GLY C 292 -64.38 75.19 0.48
N SER C 293 -63.20 75.52 0.97
CA SER C 293 -62.83 76.91 1.24
C SER C 293 -62.32 77.55 -0.05
N ASN C 294 -61.77 78.76 0.07
CA ASN C 294 -61.28 79.52 -1.08
C ASN C 294 -59.75 79.61 -0.96
N THR C 295 -59.06 78.73 -1.68
CA THR C 295 -57.60 78.71 -1.72
C THR C 295 -57.17 77.96 -2.97
N TYR C 296 -55.86 77.68 -3.07
CA TYR C 296 -55.29 77.03 -4.23
C TYR C 296 -54.82 75.61 -3.97
N GLU C 297 -54.36 75.30 -2.75
CA GLU C 297 -53.81 73.99 -2.47
C GLU C 297 -54.89 72.91 -2.52
N GLU C 298 -56.01 73.14 -1.84
CA GLU C 298 -57.07 72.14 -1.81
C GLU C 298 -57.73 71.99 -3.19
N ALA C 299 -57.78 73.07 -3.98
CA ALA C 299 -58.32 72.95 -5.33
C ALA C 299 -57.40 72.11 -6.21
N ALA C 300 -56.09 72.33 -6.11
CA ALA C 300 -55.14 71.50 -6.85
C ALA C 300 -55.22 70.04 -6.40
N ALA C 301 -55.43 69.81 -5.10
CA ALA C 301 -55.57 68.44 -4.62
C ALA C 301 -56.85 67.80 -5.15
N TYR C 302 -57.93 68.57 -5.23
CA TYR C 302 -59.17 68.04 -5.78
C TYR C 302 -59.03 67.74 -7.27
N ILE C 303 -58.24 68.55 -7.98
CA ILE C 303 -57.95 68.26 -9.38
C ILE C 303 -57.11 66.99 -9.49
N GLN C 304 -56.15 66.80 -8.59
CA GLN C 304 -55.34 65.60 -8.58
C GLN C 304 -56.17 64.35 -8.30
N CYS C 305 -57.34 64.50 -7.69
CA CYS C 305 -58.22 63.38 -7.41
C CYS C 305 -59.46 63.36 -8.30
N GLN C 306 -59.56 64.28 -9.27
CA GLN C 306 -60.70 64.34 -10.18
C GLN C 306 -60.41 63.67 -11.52
N PHE C 307 -59.17 63.75 -12.01
CA PHE C 307 -58.79 63.10 -13.25
C PHE C 307 -58.12 61.75 -13.04
N GLU C 308 -57.94 61.33 -11.78
CA GLU C 308 -57.27 60.08 -11.46
C GLU C 308 -58.24 59.01 -10.96
N ASP C 309 -59.53 59.15 -11.27
CA ASP C 309 -60.52 58.16 -10.87
C ASP C 309 -61.50 57.81 -11.98
N LEU C 310 -61.39 58.42 -13.16
CA LEU C 310 -62.29 58.08 -14.26
C LEU C 310 -61.97 56.71 -14.85
N ASN C 311 -60.72 56.26 -14.72
CA ASN C 311 -60.33 54.95 -15.22
C ASN C 311 -60.93 53.85 -14.37
N LYS C 312 -61.01 52.65 -14.96
CA LYS C 312 -61.62 51.52 -14.26
C LYS C 312 -60.65 50.88 -13.27
N ARG C 313 -59.35 50.93 -13.55
CA ARG C 313 -58.35 50.38 -12.63
C ARG C 313 -57.11 51.26 -12.67
N LYS C 314 -56.36 51.23 -11.57
CA LYS C 314 -55.15 52.02 -11.43
C LYS C 314 -53.88 51.18 -11.39
N ASP C 315 -54.00 49.84 -11.44
CA ASP C 315 -52.81 49.00 -11.42
C ASP C 315 -52.08 49.04 -12.76
N THR C 316 -52.82 49.11 -13.86
CA THR C 316 -52.24 49.16 -15.19
C THR C 316 -52.45 50.50 -15.89
N LYS C 317 -53.08 51.46 -15.22
CA LYS C 317 -53.37 52.77 -15.79
C LYS C 317 -52.85 53.88 -14.87
N GLU C 318 -51.59 53.74 -14.46
CA GLU C 318 -50.99 54.73 -13.57
C GLU C 318 -50.92 56.09 -14.25
N ILE C 319 -51.07 57.14 -13.45
CA ILE C 319 -51.13 58.52 -13.93
C ILE C 319 -50.12 59.35 -13.16
N TYR C 320 -49.35 60.17 -13.86
CA TYR C 320 -48.36 61.06 -13.26
C TYR C 320 -48.74 62.50 -13.60
N THR C 321 -49.10 63.27 -12.58
CA THR C 321 -49.55 64.65 -12.77
C THR C 321 -48.44 65.61 -12.37
N HIS C 322 -48.29 66.67 -13.16
CA HIS C 322 -47.26 67.68 -12.90
C HIS C 322 -47.79 69.04 -13.30
N PHE C 323 -47.32 70.06 -12.60
CA PHE C 323 -47.70 71.45 -12.88
C PHE C 323 -46.66 72.11 -13.78
N THR C 324 -47.10 73.14 -14.50
CA THR C 324 -46.24 73.86 -15.42
C THR C 324 -46.74 75.28 -15.56
N CYS C 325 -45.81 76.23 -15.55
CA CYS C 325 -46.14 77.65 -15.70
C CYS C 325 -44.96 78.35 -16.35
N SER C 326 -44.98 79.69 -16.32
CA SER C 326 -43.87 80.46 -16.86
C SER C 326 -42.59 80.22 -16.07
N THR C 327 -42.70 79.98 -14.77
CA THR C 327 -41.54 79.66 -13.95
C THR C 327 -41.36 78.14 -13.92
N ASP C 328 -40.47 77.66 -13.05
CA ASP C 328 -40.18 76.23 -12.89
C ASP C 328 -39.74 75.62 -14.22
N THR C 329 -38.65 76.15 -14.76
CA THR C 329 -38.12 75.69 -16.03
C THR C 329 -37.47 74.32 -15.86
N LYS C 330 -37.24 73.65 -16.99
CA LYS C 330 -36.60 72.33 -17.04
C LYS C 330 -37.46 71.29 -16.30
N ASN C 331 -38.70 71.17 -16.75
CA ASN C 331 -39.62 70.18 -16.24
C ASN C 331 -39.49 68.84 -16.95
N VAL C 332 -38.43 68.63 -17.72
CA VAL C 332 -38.24 67.38 -18.44
C VAL C 332 -37.84 66.25 -17.49
N GLN C 333 -37.36 66.58 -16.28
CA GLN C 333 -37.03 65.54 -15.32
C GLN C 333 -38.26 64.73 -14.93
N PHE C 334 -39.42 65.40 -14.80
CA PHE C 334 -40.63 64.70 -14.43
C PHE C 334 -41.05 63.70 -15.51
N VAL C 335 -41.09 64.14 -16.77
CA VAL C 335 -41.49 63.24 -17.84
C VAL C 335 -40.46 62.14 -18.04
N PHE C 336 -39.18 62.44 -17.78
CA PHE C 336 -38.14 61.41 -17.86
C PHE C 336 -38.37 60.33 -16.80
N ASP C 337 -38.61 60.74 -15.55
CA ASP C 337 -38.90 59.78 -14.50
C ASP C 337 -40.16 58.98 -14.84
N ALA C 338 -41.18 59.65 -15.38
CA ALA C 338 -42.43 58.98 -15.69
C ALA C 338 -42.25 57.93 -16.78
N VAL C 339 -41.51 58.26 -17.84
CA VAL C 339 -41.34 57.30 -18.92
C VAL C 339 -40.46 56.14 -18.47
N THR C 340 -39.44 56.42 -17.66
CA THR C 340 -38.64 55.33 -17.12
C THR C 340 -39.49 54.41 -16.26
N ASP C 341 -40.35 54.97 -15.41
CA ASP C 341 -41.20 54.15 -14.56
C ASP C 341 -42.16 53.31 -15.38
N VAL C 342 -42.78 53.89 -16.41
CA VAL C 342 -43.78 53.14 -17.15
C VAL C 342 -43.12 52.06 -18.01
N ILE C 343 -41.93 52.33 -18.56
CA ILE C 343 -41.28 51.28 -19.34
C ILE C 343 -40.76 50.18 -18.43
N ILE C 344 -40.35 50.52 -17.21
CA ILE C 344 -39.97 49.48 -16.26
C ILE C 344 -41.16 48.61 -15.89
N LYS C 345 -42.31 49.25 -15.63
CA LYS C 345 -43.51 48.48 -15.30
C LYS C 345 -43.94 47.61 -16.47
N ASN C 346 -43.79 48.11 -17.70
CA ASN C 346 -44.11 47.31 -18.88
C ASN C 346 -43.18 46.11 -19.01
N ASN C 347 -41.88 46.32 -18.83
CA ASN C 347 -40.93 45.21 -18.90
C ASN C 347 -41.19 44.18 -17.81
N LEU C 348 -41.63 44.62 -16.63
CA LEU C 348 -41.95 43.66 -15.58
C LEU C 348 -43.25 42.92 -15.87
N LYS C 349 -44.25 43.60 -16.42
CA LYS C 349 -45.48 42.92 -16.82
C LYS C 349 -45.25 41.96 -17.98
N ASP C 350 -44.22 42.19 -18.79
CA ASP C 350 -43.89 41.27 -19.87
C ASP C 350 -43.48 39.91 -19.31
N CYS C 351 -42.63 39.90 -18.29
CA CYS C 351 -42.16 38.67 -17.67
C CYS C 351 -42.97 38.27 -16.45
N GLY C 352 -44.08 38.95 -16.18
CA GLY C 352 -44.90 38.63 -15.03
C GLY C 352 -44.34 39.09 -13.71
N LEU C 353 -43.27 39.89 -13.71
CA LEU C 353 -42.67 40.35 -12.46
C LEU C 353 -43.51 41.40 -11.75
N PHE C 354 -44.56 41.91 -12.38
CA PHE C 354 -45.42 42.91 -11.76
C PHE C 354 -46.83 42.39 -11.60
N LEU D 41 -82.86 40.32 -55.03
CA LEU D 41 -83.21 38.94 -55.39
C LEU D 41 -82.37 37.95 -54.61
N SER D 42 -83.03 37.00 -53.94
CA SER D 42 -82.35 35.99 -53.15
C SER D 42 -82.86 34.57 -53.43
N GLN D 43 -83.83 34.41 -54.33
CA GLN D 43 -84.36 33.09 -54.62
C GLN D 43 -83.66 32.42 -55.79
N ILE D 44 -83.18 33.19 -56.76
CA ILE D 44 -82.49 32.62 -57.92
C ILE D 44 -81.07 32.17 -57.57
N THR D 45 -80.48 32.73 -56.51
CA THR D 45 -79.13 32.36 -56.10
C THR D 45 -79.10 31.14 -55.19
N ASN D 46 -80.25 30.51 -54.93
CA ASN D 46 -80.32 29.34 -54.07
C ASN D 46 -80.38 28.04 -54.86
N ASN D 47 -80.31 28.10 -56.19
CA ASN D 47 -80.32 26.90 -57.03
C ASN D 47 -78.93 26.47 -57.46
N ILE D 48 -77.92 27.33 -57.29
CA ILE D 48 -76.56 26.97 -57.67
C ILE D 48 -76.00 25.95 -56.70
N ASP D 49 -75.25 24.99 -57.23
CA ASP D 49 -74.65 23.95 -56.40
C ASP D 49 -73.57 24.57 -55.51
N PRO D 50 -73.55 24.27 -54.21
CA PRO D 50 -72.54 24.87 -53.33
C PRO D 50 -71.15 24.38 -53.68
N VAL D 51 -70.18 25.29 -53.53
CA VAL D 51 -68.79 24.94 -53.80
C VAL D 51 -68.22 24.04 -52.72
N GLY D 52 -68.82 24.02 -51.54
CA GLY D 52 -68.35 23.18 -50.46
C GLY D 52 -67.32 23.88 -49.59
N ARG D 53 -66.88 23.13 -48.58
CA ARG D 53 -65.88 23.65 -47.64
C ARG D 53 -64.49 23.58 -48.27
N ILE D 54 -63.87 24.74 -48.45
CA ILE D 54 -62.53 24.84 -49.03
C ILE D 54 -61.55 25.17 -47.90
N GLN D 55 -60.40 24.49 -47.92
CA GLN D 55 -59.37 24.69 -46.91
C GLN D 55 -58.04 24.92 -47.61
N MET D 56 -57.41 26.06 -47.31
CA MET D 56 -56.12 26.42 -47.89
C MET D 56 -55.16 26.77 -46.77
N ARG D 57 -53.89 26.42 -46.96
CA ARG D 57 -52.85 26.66 -45.96
C ARG D 57 -51.93 27.78 -46.43
N THR D 58 -51.06 28.21 -45.51
CA THR D 58 -50.10 29.25 -45.83
C THR D 58 -49.04 28.73 -46.80
N ARG D 59 -48.41 29.66 -47.51
CA ARG D 59 -47.36 29.33 -48.45
C ARG D 59 -46.01 29.92 -48.05
N ARG D 60 -45.97 31.21 -47.75
CA ARG D 60 -44.73 31.88 -47.35
C ARG D 60 -44.97 32.61 -46.04
N THR D 61 -43.93 32.64 -45.19
CA THR D 61 -43.97 33.33 -43.91
C THR D 61 -43.02 34.53 -44.01
N LEU D 62 -43.58 35.67 -44.40
CA LEU D 62 -42.79 36.88 -44.62
C LEU D 62 -42.43 37.48 -43.26
N ARG D 63 -41.29 37.06 -42.73
CA ARG D 63 -40.78 37.56 -41.46
C ARG D 63 -39.69 38.60 -41.70
N GLY D 64 -39.58 39.53 -40.77
CA GLY D 64 -38.59 40.60 -40.88
C GLY D 64 -39.13 41.92 -40.39
N HIS D 65 -40.44 42.10 -40.45
CA HIS D 65 -41.06 43.30 -39.91
C HIS D 65 -41.06 43.25 -38.38
N LEU D 66 -40.80 44.40 -37.75
CA LEU D 66 -40.79 44.50 -36.30
C LEU D 66 -41.87 45.45 -35.78
N ALA D 67 -42.75 45.94 -36.65
CA ALA D 67 -43.83 46.82 -36.25
C ALA D 67 -45.14 46.38 -36.87
N LYS D 68 -46.19 47.17 -36.70
CA LYS D 68 -47.51 46.81 -37.20
C LYS D 68 -47.59 46.96 -38.71
N ILE D 69 -48.48 46.21 -39.32
CA ILE D 69 -48.73 46.25 -40.76
C ILE D 69 -50.17 46.71 -40.96
N TYR D 70 -50.35 47.79 -41.72
CA TYR D 70 -51.68 48.35 -41.94
C TYR D 70 -52.18 48.17 -43.36
N ALA D 71 -51.31 48.09 -44.36
CA ALA D 71 -51.73 47.87 -45.73
C ALA D 71 -50.60 47.19 -46.49
N MET D 72 -50.94 46.10 -47.20
CA MET D 72 -50.00 45.36 -48.03
C MET D 72 -50.64 45.21 -49.41
N HIS D 73 -50.43 46.20 -50.26
CA HIS D 73 -51.00 46.17 -51.61
C HIS D 73 -50.16 45.28 -52.52
N TRP D 74 -50.84 44.62 -53.44
CA TRP D 74 -50.21 43.67 -54.35
C TRP D 74 -50.01 44.31 -55.73
N GLY D 75 -48.95 43.88 -56.40
CA GLY D 75 -48.65 44.35 -57.73
C GLY D 75 -49.52 43.69 -58.78
N THR D 76 -49.21 43.99 -60.05
CA THR D 76 -49.95 43.42 -61.16
C THR D 76 -49.27 42.19 -61.75
N ASP D 77 -47.95 42.07 -61.61
CA ASP D 77 -47.23 40.91 -62.11
C ASP D 77 -47.38 39.70 -61.20
N SER D 78 -48.17 39.80 -60.13
CA SER D 78 -48.46 38.69 -59.20
C SER D 78 -47.20 38.15 -58.55
N ARG D 79 -46.10 38.90 -58.56
CA ARG D 79 -44.84 38.45 -57.99
C ARG D 79 -44.36 39.31 -56.84
N LEU D 80 -44.33 40.63 -57.01
CA LEU D 80 -43.90 41.54 -55.97
C LEU D 80 -45.11 42.08 -55.22
N LEU D 81 -44.91 42.38 -53.94
CA LEU D 81 -45.93 43.06 -53.14
C LEU D 81 -45.24 44.11 -52.29
N VAL D 82 -46.00 45.10 -51.85
CA VAL D 82 -45.46 46.15 -51.00
C VAL D 82 -46.11 46.06 -49.63
N SER D 83 -45.35 46.33 -48.58
CA SER D 83 -45.81 46.25 -47.20
C SER D 83 -45.36 47.49 -46.45
N ALA D 84 -46.29 48.11 -45.73
CA ALA D 84 -46.06 49.36 -45.01
C ALA D 84 -45.82 49.03 -43.54
N SER D 85 -44.58 49.20 -43.09
CA SER D 85 -44.25 49.02 -41.69
C SER D 85 -44.80 50.21 -40.90
N GLN D 86 -44.51 50.24 -39.60
CA GLN D 86 -45.00 51.31 -38.74
C GLN D 86 -43.91 52.14 -38.09
N ASP D 87 -42.66 51.67 -38.06
CA ASP D 87 -41.61 52.44 -37.40
C ASP D 87 -41.07 53.53 -38.33
N GLY D 88 -40.37 53.14 -39.39
CA GLY D 88 -39.91 54.10 -40.37
C GLY D 88 -39.82 53.60 -41.79
N LYS D 89 -40.18 52.34 -42.04
CA LYS D 89 -39.76 51.65 -43.25
C LYS D 89 -40.96 51.25 -44.12
N LEU D 90 -40.66 51.03 -45.39
CA LEU D 90 -41.63 50.55 -46.38
C LEU D 90 -40.92 49.53 -47.24
N ILE D 91 -41.29 48.25 -47.12
CA ILE D 91 -40.53 47.17 -47.74
C ILE D 91 -41.33 46.60 -48.90
N ILE D 92 -40.70 46.50 -50.07
CA ILE D 92 -41.31 45.82 -51.21
C ILE D 92 -40.81 44.38 -51.19
N TRP D 93 -41.65 43.49 -50.66
CA TRP D 93 -41.34 42.09 -50.51
C TRP D 93 -41.54 41.33 -51.83
N ASP D 94 -40.87 40.19 -51.92
CA ASP D 94 -41.06 39.23 -53.00
C ASP D 94 -41.86 38.05 -52.48
N SER D 95 -42.66 37.45 -53.36
CA SER D 95 -43.59 36.40 -52.96
C SER D 95 -43.05 35.00 -53.23
N TYR D 96 -42.43 34.78 -54.39
CA TYR D 96 -41.92 33.45 -54.72
C TYR D 96 -40.67 33.12 -53.93
N THR D 97 -39.61 33.91 -54.11
CA THR D 97 -38.35 33.66 -53.42
C THR D 97 -38.35 34.15 -51.98
N THR D 98 -39.30 35.03 -51.61
CA THR D 98 -39.42 35.58 -50.27
C THR D 98 -38.09 36.21 -49.83
N ASN D 99 -37.73 37.27 -50.55
CA ASN D 99 -36.52 38.01 -50.27
C ASN D 99 -36.77 39.48 -50.57
N LYS D 100 -36.43 40.34 -49.61
CA LYS D 100 -36.68 41.77 -49.77
C LYS D 100 -35.67 42.39 -50.73
N VAL D 101 -36.10 43.47 -51.40
CA VAL D 101 -35.27 44.18 -52.35
C VAL D 101 -35.06 45.63 -51.96
N HIS D 102 -36.13 46.34 -51.58
CA HIS D 102 -36.04 47.73 -51.14
C HIS D 102 -36.85 47.89 -49.87
N ALA D 103 -36.15 48.19 -48.77
CA ALA D 103 -36.76 48.57 -47.50
C ALA D 103 -36.37 50.02 -47.27
N ILE D 104 -37.18 50.93 -47.81
CA ILE D 104 -36.83 52.35 -47.85
C ILE D 104 -37.38 53.07 -46.62
N PRO D 105 -36.62 53.96 -46.01
CA PRO D 105 -37.14 54.76 -44.89
C PRO D 105 -38.07 55.85 -45.41
N LEU D 106 -38.79 56.46 -44.47
CA LEU D 106 -39.73 57.53 -44.78
C LEU D 106 -39.54 58.68 -43.80
N ARG D 107 -39.80 59.90 -44.27
CA ARG D 107 -39.79 61.05 -43.38
C ARG D 107 -40.91 60.95 -42.35
N SER D 108 -42.02 60.34 -42.70
CA SER D 108 -43.13 60.12 -41.78
C SER D 108 -42.97 58.74 -41.15
N SER D 109 -42.91 58.71 -39.81
CA SER D 109 -42.78 57.43 -39.11
C SER D 109 -44.02 56.57 -39.28
N TRP D 110 -45.20 57.19 -39.28
CA TRP D 110 -46.45 56.46 -39.39
C TRP D 110 -46.87 56.39 -40.86
N VAL D 111 -47.09 55.18 -41.36
CA VAL D 111 -47.52 54.95 -42.72
C VAL D 111 -48.85 54.23 -42.66
N MET D 112 -49.93 54.94 -42.99
CA MET D 112 -51.28 54.39 -42.85
C MET D 112 -51.59 53.38 -43.94
N THR D 113 -51.09 53.60 -45.15
CA THR D 113 -51.41 52.72 -46.27
C THR D 113 -50.26 52.76 -47.28
N CYS D 114 -50.41 51.96 -48.33
CA CYS D 114 -49.44 51.94 -49.41
C CYS D 114 -50.12 51.48 -50.69
N ALA D 115 -49.51 51.84 -51.81
CA ALA D 115 -50.00 51.46 -53.13
C ALA D 115 -48.81 51.20 -54.05
N TYR D 116 -48.93 50.14 -54.84
CA TYR D 116 -47.91 49.75 -55.80
C TYR D 116 -48.41 50.04 -57.21
N ALA D 117 -47.57 50.71 -58.00
CA ALA D 117 -47.96 51.11 -59.34
C ALA D 117 -48.22 49.89 -60.21
N PRO D 118 -49.18 49.98 -61.14
CA PRO D 118 -49.39 48.87 -62.08
C PRO D 118 -48.19 48.60 -62.97
N SER D 119 -47.34 49.60 -63.20
CA SER D 119 -46.13 49.40 -63.99
C SER D 119 -44.95 48.94 -63.16
N GLY D 120 -45.02 49.04 -61.84
CA GLY D 120 -43.93 48.62 -60.99
C GLY D 120 -42.77 49.59 -60.96
N ASN D 121 -43.05 50.89 -61.03
CA ASN D 121 -42.01 51.91 -61.04
C ASN D 121 -42.11 52.90 -59.90
N TYR D 122 -43.30 53.12 -59.34
CA TYR D 122 -43.50 54.07 -58.25
C TYR D 122 -44.36 53.43 -57.17
N VAL D 123 -44.23 53.94 -55.95
CA VAL D 123 -45.05 53.52 -54.84
C VAL D 123 -45.59 54.74 -54.12
N ALA D 124 -46.81 54.63 -53.62
CA ALA D 124 -47.44 55.69 -52.84
C ALA D 124 -47.56 55.26 -51.39
N CYS D 125 -47.34 56.22 -50.49
CA CYS D 125 -47.35 55.95 -49.06
C CYS D 125 -48.39 56.84 -48.40
N GLY D 126 -49.09 56.30 -47.41
CA GLY D 126 -50.08 57.07 -46.68
C GLY D 126 -49.47 57.87 -45.55
N GLY D 127 -50.06 57.77 -44.37
CA GLY D 127 -49.55 58.44 -43.19
C GLY D 127 -50.55 59.44 -42.63
N LEU D 128 -50.10 60.14 -41.58
CA LEU D 128 -50.90 61.15 -40.92
C LEU D 128 -50.42 62.57 -41.16
N ASP D 129 -49.23 62.75 -41.74
CA ASP D 129 -48.67 64.06 -41.98
C ASP D 129 -49.13 64.66 -43.31
N ASN D 130 -50.10 64.02 -43.98
CA ASN D 130 -50.64 64.52 -45.25
C ASN D 130 -49.56 64.65 -46.31
N ILE D 131 -48.63 63.70 -46.33
CA ILE D 131 -47.54 63.67 -47.30
C ILE D 131 -47.59 62.31 -47.98
N CYS D 132 -48.26 62.26 -49.14
CA CYS D 132 -48.34 61.02 -49.93
C CYS D 132 -47.11 60.96 -50.83
N SER D 133 -46.00 60.54 -50.23
CA SER D 133 -44.73 60.52 -50.94
C SER D 133 -44.73 59.46 -52.04
N ILE D 134 -44.19 59.83 -53.19
CA ILE D 134 -44.09 58.94 -54.35
C ILE D 134 -42.62 58.63 -54.57
N TYR D 135 -42.21 57.42 -54.20
CA TYR D 135 -40.83 56.98 -54.36
C TYR D 135 -40.64 56.35 -55.74
N ASN D 136 -39.54 56.69 -56.39
CA ASN D 136 -39.20 56.15 -57.69
C ASN D 136 -38.40 54.86 -57.51
N LEU D 137 -38.93 53.75 -57.99
CA LEU D 137 -38.29 52.46 -57.78
C LEU D 137 -37.17 52.23 -58.81
N LYS D 138 -37.52 52.20 -60.09
CA LYS D 138 -36.55 51.98 -61.16
C LYS D 138 -35.88 53.32 -61.49
N THR D 139 -34.86 53.64 -60.71
CA THR D 139 -34.11 54.89 -60.86
C THR D 139 -32.67 54.60 -61.23
N ARG D 140 -32.01 55.61 -61.80
CA ARG D 140 -30.62 55.51 -62.19
C ARG D 140 -29.73 56.06 -61.09
N GLU D 141 -28.58 55.41 -60.89
CA GLU D 141 -27.59 55.82 -59.89
C GLU D 141 -28.20 55.85 -58.49
N GLY D 142 -28.66 54.69 -58.06
CA GLY D 142 -29.26 54.55 -56.74
C GLY D 142 -30.29 53.46 -56.73
N ASN D 143 -30.71 53.09 -55.51
CA ASN D 143 -31.71 52.04 -55.35
C ASN D 143 -33.13 52.59 -55.54
N VAL D 144 -33.54 53.50 -54.67
CA VAL D 144 -34.88 54.10 -54.71
C VAL D 144 -34.78 55.53 -54.21
N ARG D 145 -35.31 56.48 -54.99
CA ARG D 145 -35.31 57.89 -54.62
C ARG D 145 -36.73 58.42 -54.68
N VAL D 146 -37.06 59.33 -53.75
CA VAL D 146 -38.39 59.93 -53.73
C VAL D 146 -38.52 60.89 -54.91
N SER D 147 -39.69 60.86 -55.57
CA SER D 147 -39.93 61.70 -56.73
C SER D 147 -40.63 63.01 -56.33
N ARG D 148 -41.81 62.91 -55.72
CA ARG D 148 -42.57 64.07 -55.32
C ARG D 148 -43.29 63.78 -54.01
N GLU D 149 -43.48 64.82 -53.21
CA GLU D 149 -44.23 64.73 -51.96
C GLU D 149 -45.58 65.40 -52.16
N LEU D 150 -46.66 64.64 -51.98
CA LEU D 150 -48.01 65.13 -52.22
C LEU D 150 -48.53 65.77 -50.94
N ALA D 151 -48.68 67.09 -50.95
CA ALA D 151 -49.16 67.84 -49.80
C ALA D 151 -50.32 68.74 -50.23
N GLY D 152 -51.12 69.14 -49.24
CA GLY D 152 -52.26 69.99 -49.51
C GLY D 152 -53.56 69.47 -48.96
N HIS D 153 -53.48 68.54 -48.00
CA HIS D 153 -54.65 67.99 -47.33
C HIS D 153 -54.58 68.31 -45.83
N THR D 154 -55.71 68.12 -45.16
CA THR D 154 -55.82 68.40 -43.74
C THR D 154 -56.17 67.18 -42.90
N GLY D 155 -56.61 66.08 -43.52
CA GLY D 155 -56.94 64.88 -42.78
C GLY D 155 -55.75 63.93 -42.66
N TYR D 156 -55.90 62.73 -43.21
CA TYR D 156 -54.82 61.75 -43.20
C TYR D 156 -54.98 60.82 -44.39
N LEU D 157 -53.88 60.54 -45.08
CA LEU D 157 -53.90 59.63 -46.21
C LEU D 157 -54.24 58.22 -45.75
N SER D 158 -55.43 57.74 -46.13
CA SER D 158 -55.92 56.46 -45.63
C SER D 158 -55.80 55.33 -46.63
N CYS D 159 -56.00 55.60 -47.92
CA CYS D 159 -55.91 54.56 -48.94
C CYS D 159 -55.55 55.21 -50.27
N CYS D 160 -54.31 55.00 -50.72
CA CYS D 160 -53.85 55.50 -52.00
C CYS D 160 -53.97 54.40 -53.06
N ARG D 161 -54.20 54.81 -54.30
CA ARG D 161 -54.28 53.90 -55.42
C ARG D 161 -53.68 54.57 -56.65
N PHE D 162 -53.31 53.75 -57.64
CA PHE D 162 -52.71 54.23 -58.87
C PHE D 162 -53.59 53.85 -60.04
N LEU D 163 -54.03 54.86 -60.80
CA LEU D 163 -54.75 54.59 -62.05
C LEU D 163 -53.77 54.26 -63.18
N ASP D 164 -52.69 55.03 -63.29
CA ASP D 164 -51.66 54.79 -64.29
C ASP D 164 -50.33 55.25 -63.71
N ASP D 165 -49.34 55.45 -64.58
CA ASP D 165 -48.01 55.85 -64.13
C ASP D 165 -48.04 57.23 -63.47
N ASN D 166 -48.79 58.16 -64.04
CA ASN D 166 -48.83 59.54 -63.56
C ASN D 166 -50.10 59.89 -62.82
N GLN D 167 -51.26 59.69 -63.44
CA GLN D 167 -52.54 60.06 -62.84
C GLN D 167 -52.88 59.08 -61.73
N ILE D 168 -52.79 59.54 -60.48
CA ILE D 168 -53.03 58.69 -59.32
C ILE D 168 -54.18 59.28 -58.51
N VAL D 169 -54.71 58.47 -57.60
CA VAL D 169 -55.85 58.84 -56.77
C VAL D 169 -55.55 58.47 -55.32
N THR D 170 -55.92 59.36 -54.41
CA THR D 170 -55.73 59.16 -52.98
C THR D 170 -57.07 59.23 -52.26
N SER D 171 -57.05 58.98 -50.95
CA SER D 171 -58.25 59.05 -50.12
C SER D 171 -57.81 59.60 -48.76
N SER D 172 -57.95 60.92 -48.58
CA SER D 172 -57.53 61.57 -47.36
C SER D 172 -58.55 61.37 -46.25
N GLY D 173 -58.19 61.82 -45.05
CA GLY D 173 -59.04 61.71 -43.89
C GLY D 173 -59.96 62.88 -43.63
N ASP D 174 -59.87 63.94 -44.42
CA ASP D 174 -60.74 65.11 -44.29
C ASP D 174 -61.83 65.12 -45.35
N THR D 175 -62.34 63.94 -45.71
CA THR D 175 -63.41 63.79 -46.69
C THR D 175 -63.02 64.40 -48.04
N THR D 176 -61.79 64.13 -48.47
CA THR D 176 -61.28 64.58 -49.77
C THR D 176 -60.48 63.44 -50.38
N CYS D 177 -61.15 62.60 -51.15
CA CYS D 177 -60.48 61.54 -51.91
C CYS D 177 -60.08 62.01 -53.31
N ALA D 178 -59.38 63.15 -53.34
CA ALA D 178 -59.09 63.83 -54.58
C ALA D 178 -58.07 63.05 -55.43
N LEU D 179 -58.04 63.40 -56.71
CA LEU D 179 -57.10 62.81 -57.66
C LEU D 179 -55.85 63.68 -57.74
N TRP D 180 -54.72 63.03 -58.03
CA TRP D 180 -53.42 63.70 -58.01
C TRP D 180 -52.66 63.42 -59.30
N ASP D 181 -51.66 64.27 -59.55
CA ASP D 181 -50.70 64.09 -60.63
C ASP D 181 -49.29 64.04 -60.04
N ILE D 182 -48.39 63.44 -60.79
CA ILE D 182 -47.00 63.29 -60.35
C ILE D 182 -46.09 64.36 -60.95
N GLU D 183 -46.33 64.73 -62.21
CA GLU D 183 -45.48 65.71 -62.88
C GLU D 183 -45.59 67.08 -62.21
N THR D 184 -46.83 67.53 -61.97
CA THR D 184 -47.05 68.83 -61.35
C THR D 184 -47.19 68.76 -59.84
N GLY D 185 -47.55 67.60 -59.30
CA GLY D 185 -47.72 67.45 -57.86
C GLY D 185 -48.89 68.20 -57.29
N GLN D 186 -49.92 68.48 -58.09
CA GLN D 186 -51.10 69.19 -57.64
C GLN D 186 -52.34 68.39 -58.02
N GLN D 187 -53.43 68.68 -57.31
CA GLN D 187 -54.69 67.98 -57.55
C GLN D 187 -55.33 68.50 -58.84
N THR D 188 -56.11 67.62 -59.47
CA THR D 188 -56.87 67.97 -60.66
C THR D 188 -58.37 67.85 -60.46
N THR D 189 -58.81 66.87 -59.67
CA THR D 189 -60.23 66.67 -59.40
C THR D 189 -60.41 66.38 -57.90
N THR D 190 -61.42 67.00 -57.31
CA THR D 190 -61.75 66.81 -55.90
C THR D 190 -63.15 66.22 -55.79
N PHE D 191 -63.29 65.17 -55.00
CA PHE D 191 -64.55 64.44 -54.86
C PHE D 191 -65.14 64.76 -53.49
N THR D 192 -66.35 65.32 -53.50
CA THR D 192 -67.07 65.64 -52.27
C THR D 192 -68.47 65.03 -52.34
N GLY D 193 -69.07 64.85 -51.17
CA GLY D 193 -70.39 64.26 -51.09
C GLY D 193 -70.55 63.26 -49.96
N HIS D 194 -69.51 63.10 -49.14
CA HIS D 194 -69.58 62.26 -47.96
C HIS D 194 -69.76 63.14 -46.72
N THR D 195 -70.64 62.70 -45.82
CA THR D 195 -70.90 63.49 -44.61
C THR D 195 -69.74 63.38 -43.63
N GLY D 196 -69.33 62.17 -43.28
CA GLY D 196 -68.22 61.97 -42.38
C GLY D 196 -66.89 61.98 -43.11
N ASP D 197 -65.96 61.13 -42.67
CA ASP D 197 -64.66 60.99 -43.31
C ASP D 197 -64.59 59.67 -44.05
N VAL D 198 -63.69 59.61 -45.03
CA VAL D 198 -63.51 58.44 -45.87
C VAL D 198 -62.20 57.75 -45.50
N MET D 199 -62.22 56.41 -45.46
CA MET D 199 -61.02 55.66 -45.12
C MET D 199 -60.85 54.41 -45.99
N SER D 200 -61.43 54.38 -47.18
CA SER D 200 -61.30 53.25 -48.07
C SER D 200 -61.46 53.71 -49.50
N LEU D 201 -60.79 53.02 -50.42
CA LEU D 201 -60.87 53.35 -51.83
C LEU D 201 -60.52 52.12 -52.65
N SER D 202 -61.24 51.93 -53.76
CA SER D 202 -61.00 50.82 -54.67
C SER D 202 -61.24 51.31 -56.09
N LEU D 203 -60.46 50.77 -57.02
CA LEU D 203 -60.52 51.16 -58.42
C LEU D 203 -61.22 50.10 -59.25
N ALA D 204 -61.35 50.40 -60.54
CA ALA D 204 -61.96 49.49 -61.50
C ALA D 204 -60.96 49.13 -62.59
N PRO D 205 -61.07 47.94 -63.17
CA PRO D 205 -60.21 47.60 -64.32
C PRO D 205 -60.41 48.53 -65.49
N ASP D 206 -61.60 49.13 -65.63
CA ASP D 206 -61.82 50.13 -66.67
C ASP D 206 -61.15 51.46 -66.33
N THR D 207 -60.81 51.69 -65.05
CA THR D 207 -60.03 52.84 -64.59
C THR D 207 -60.84 54.13 -64.72
N ARG D 208 -62.04 54.04 -65.31
CA ARG D 208 -62.86 55.23 -65.50
C ARG D 208 -63.72 55.54 -64.27
N LEU D 209 -64.14 54.52 -63.53
CA LEU D 209 -64.96 54.69 -62.34
C LEU D 209 -64.24 54.06 -61.16
N PHE D 210 -64.63 54.47 -59.95
CA PHE D 210 -64.08 53.87 -58.75
C PHE D 210 -65.03 54.13 -57.58
N VAL D 211 -65.23 53.11 -56.75
CA VAL D 211 -66.12 53.22 -55.60
C VAL D 211 -65.27 53.35 -54.35
N SER D 212 -65.78 54.10 -53.38
CA SER D 212 -65.06 54.34 -52.15
C SER D 212 -66.05 54.53 -51.01
N GLY D 213 -65.78 53.87 -49.89
CA GLY D 213 -66.67 53.88 -48.74
C GLY D 213 -66.11 54.74 -47.63
N ALA D 214 -66.98 55.52 -46.99
CA ALA D 214 -66.61 56.42 -45.92
C ALA D 214 -67.11 55.87 -44.58
N CYS D 215 -66.78 56.58 -43.50
CA CYS D 215 -67.15 56.17 -42.16
C CYS D 215 -68.59 56.52 -41.81
N ASP D 216 -69.37 57.08 -42.74
CA ASP D 216 -70.76 57.41 -42.51
C ASP D 216 -71.71 56.31 -42.99
N ALA D 217 -71.22 55.07 -43.04
CA ALA D 217 -72.00 53.92 -43.50
C ALA D 217 -72.52 54.14 -44.91
N SER D 218 -71.66 54.61 -45.80
CA SER D 218 -72.07 54.90 -47.17
C SER D 218 -70.86 54.77 -48.09
N ALA D 219 -71.06 54.10 -49.22
CA ALA D 219 -70.06 53.97 -50.26
C ALA D 219 -70.56 54.71 -51.50
N LYS D 220 -69.75 55.64 -52.00
CA LYS D 220 -70.09 56.43 -53.16
C LYS D 220 -69.28 55.96 -54.37
N LEU D 221 -69.94 55.89 -55.52
CA LEU D 221 -69.29 55.49 -56.77
C LEU D 221 -68.94 56.75 -57.55
N TRP D 222 -67.68 57.16 -57.47
CA TRP D 222 -67.22 58.35 -58.18
C TRP D 222 -66.76 57.97 -59.59
N ASP D 223 -66.80 58.96 -60.47
CA ASP D 223 -66.34 58.81 -61.84
C ASP D 223 -65.13 59.71 -62.04
N VAL D 224 -64.06 59.15 -62.62
CA VAL D 224 -62.83 59.91 -62.79
C VAL D 224 -63.02 60.99 -63.86
N ARG D 225 -63.85 60.73 -64.85
CA ARG D 225 -64.03 61.67 -65.95
C ARG D 225 -64.74 62.94 -65.48
N GLU D 226 -65.97 62.80 -64.97
CA GLU D 226 -66.74 63.98 -64.57
C GLU D 226 -66.39 64.48 -63.18
N GLY D 227 -65.87 63.61 -62.31
CA GLY D 227 -65.53 64.01 -60.96
C GLY D 227 -66.66 64.01 -59.97
N MET D 228 -67.89 63.75 -60.42
CA MET D 228 -69.04 63.75 -59.52
C MET D 228 -69.33 62.33 -59.01
N CYS D 229 -70.23 62.26 -58.04
CA CYS D 229 -70.64 60.98 -57.47
C CYS D 229 -71.83 60.43 -58.24
N ARG D 230 -71.67 59.22 -58.78
CA ARG D 230 -72.76 58.61 -59.53
C ARG D 230 -73.90 58.20 -58.60
N GLN D 231 -73.59 57.43 -57.55
CA GLN D 231 -74.61 56.99 -56.61
C GLN D 231 -73.95 56.65 -55.28
N THR D 232 -74.65 56.96 -54.20
CA THR D 232 -74.24 56.62 -52.85
C THR D 232 -75.15 55.52 -52.31
N PHE D 233 -74.54 54.43 -51.85
CA PHE D 233 -75.29 53.25 -51.44
C PHE D 233 -75.58 53.29 -49.94
N THR D 234 -76.72 52.71 -49.56
CA THR D 234 -77.21 52.75 -48.20
C THR D 234 -77.79 51.39 -47.84
N GLY D 235 -77.69 51.02 -46.58
CA GLY D 235 -78.20 49.74 -46.12
C GLY D 235 -77.37 49.11 -45.02
N HIS D 236 -76.21 49.70 -44.73
CA HIS D 236 -75.36 49.26 -43.64
C HIS D 236 -75.42 50.26 -42.49
N GLU D 237 -75.22 49.75 -41.27
CA GLU D 237 -75.30 50.56 -40.07
C GLU D 237 -73.94 51.08 -39.62
N SER D 238 -72.96 50.18 -39.47
CA SER D 238 -71.64 50.56 -39.01
C SER D 238 -70.85 51.22 -40.15
N ASP D 239 -69.68 51.73 -39.80
CA ASP D 239 -68.83 52.41 -40.78
C ASP D 239 -68.19 51.42 -41.73
N ILE D 240 -67.84 51.90 -42.92
CA ILE D 240 -67.22 51.08 -43.95
C ILE D 240 -65.70 51.12 -43.73
N ASN D 241 -65.14 50.01 -43.27
CA ASN D 241 -63.70 49.96 -42.99
C ASN D 241 -62.89 49.93 -44.29
N ALA D 242 -63.11 48.91 -45.12
CA ALA D 242 -62.43 48.80 -46.40
C ALA D 242 -63.40 48.25 -47.43
N ILE D 243 -63.11 48.53 -48.69
CA ILE D 243 -64.00 48.17 -49.79
C ILE D 243 -63.19 47.53 -50.90
N CYS D 244 -63.83 46.62 -51.63
CA CYS D 244 -63.22 45.91 -52.76
C CYS D 244 -64.02 46.22 -54.03
N PHE D 245 -63.70 45.50 -55.10
CA PHE D 245 -64.35 45.73 -56.38
C PHE D 245 -64.40 44.42 -57.16
N PHE D 246 -65.52 44.21 -57.86
CA PHE D 246 -65.70 43.00 -58.64
C PHE D 246 -64.81 43.01 -59.87
N PRO D 247 -64.28 41.86 -60.28
CA PRO D 247 -63.37 41.84 -61.44
C PRO D 247 -63.97 42.37 -62.72
N ASN D 248 -65.25 42.09 -62.98
CA ASN D 248 -65.85 42.51 -64.25
C ASN D 248 -66.08 44.02 -64.26
N GLY D 249 -66.50 44.59 -63.14
CA GLY D 249 -66.77 46.01 -63.06
C GLY D 249 -68.24 46.34 -62.94
N ASN D 250 -69.00 45.45 -62.30
CA ASN D 250 -70.44 45.63 -62.16
C ASN D 250 -70.92 45.47 -60.73
N ALA D 251 -70.05 45.22 -59.77
CA ALA D 251 -70.44 45.04 -58.38
C ALA D 251 -69.25 45.34 -57.49
N PHE D 252 -69.48 45.24 -56.18
CA PHE D 252 -68.44 45.44 -55.17
C PHE D 252 -68.97 44.94 -53.84
N ALA D 253 -68.08 44.92 -52.85
CA ALA D 253 -68.43 44.49 -51.50
C ALA D 253 -67.77 45.45 -50.51
N THR D 254 -68.54 45.86 -49.50
CA THR D 254 -68.06 46.81 -48.49
C THR D 254 -67.79 46.09 -47.18
N GLY D 255 -66.79 46.59 -46.45
CA GLY D 255 -66.45 46.03 -45.17
C GLY D 255 -66.96 46.85 -44.00
N SER D 256 -68.05 46.39 -43.38
CA SER D 256 -68.68 47.09 -42.27
C SER D 256 -68.23 46.53 -40.94
N ASP D 257 -68.12 47.40 -39.94
CA ASP D 257 -67.73 47.00 -38.60
C ASP D 257 -68.86 46.36 -37.81
N ASP D 258 -69.97 46.02 -38.47
CA ASP D 258 -71.11 45.39 -37.82
C ASP D 258 -71.18 43.89 -38.08
N ALA D 259 -70.04 43.26 -38.38
CA ALA D 259 -69.97 41.83 -38.65
C ALA D 259 -70.90 41.42 -39.79
N THR D 260 -71.00 42.29 -40.80
CA THR D 260 -71.88 42.07 -41.93
C THR D 260 -71.21 42.56 -43.21
N CYS D 261 -71.27 41.73 -44.26
CA CYS D 261 -70.78 42.10 -45.57
C CYS D 261 -71.94 42.14 -46.54
N ARG D 262 -71.85 43.01 -47.55
CA ARG D 262 -72.90 43.15 -48.55
C ARG D 262 -72.29 43.17 -49.94
N LEU D 263 -73.03 42.62 -50.90
CA LEU D 263 -72.62 42.59 -52.30
C LEU D 263 -73.51 43.56 -53.06
N PHE D 264 -73.03 44.79 -53.24
CA PHE D 264 -73.80 45.84 -53.90
C PHE D 264 -73.35 46.01 -55.33
N ASP D 265 -74.31 46.03 -56.25
CA ASP D 265 -74.02 46.16 -57.67
C ASP D 265 -73.92 47.64 -58.05
N LEU D 266 -73.66 47.88 -59.34
CA LEU D 266 -73.57 49.24 -59.85
C LEU D 266 -74.76 49.65 -60.71
N ARG D 267 -75.48 48.70 -61.30
CA ARG D 267 -76.63 48.99 -62.13
C ARG D 267 -77.94 48.52 -61.52
N ALA D 268 -77.89 47.86 -60.35
CA ALA D 268 -79.10 47.38 -59.69
C ALA D 268 -79.61 48.34 -58.63
N ASP D 269 -78.73 49.14 -58.03
CA ASP D 269 -79.09 50.12 -57.01
C ASP D 269 -79.81 49.46 -55.83
N GLN D 270 -79.40 48.25 -55.48
CA GLN D 270 -80.03 47.50 -54.40
C GLN D 270 -79.07 46.42 -53.94
N GLU D 271 -79.04 46.17 -52.63
CA GLU D 271 -78.19 45.13 -52.09
C GLU D 271 -78.68 43.76 -52.55
N LEU D 272 -77.77 42.97 -53.13
CA LEU D 272 -78.12 41.65 -53.66
C LEU D 272 -78.02 40.58 -52.59
N MET D 273 -76.84 40.43 -51.99
CA MET D 273 -76.60 39.38 -51.01
C MET D 273 -75.93 39.98 -49.78
N THR D 274 -76.16 39.35 -48.64
CA THR D 274 -75.57 39.75 -47.38
C THR D 274 -74.96 38.52 -46.70
N TYR D 275 -73.90 38.75 -45.94
CA TYR D 275 -73.17 37.69 -45.23
C TYR D 275 -73.02 38.13 -43.78
N SER D 276 -73.70 37.43 -42.87
CA SER D 276 -73.65 37.70 -41.45
C SER D 276 -73.29 36.43 -40.68
N HIS D 277 -72.63 36.61 -39.54
CA HIS D 277 -72.30 35.51 -38.66
C HIS D 277 -72.80 35.83 -37.26
N ASP D 278 -73.21 34.79 -36.54
CA ASP D 278 -73.83 34.95 -35.22
C ASP D 278 -72.81 34.89 -34.10
N ASN D 279 -71.89 33.93 -34.14
CA ASN D 279 -70.95 33.70 -33.06
C ASN D 279 -69.78 34.69 -33.05
N ILE D 280 -69.84 35.75 -33.85
CA ILE D 280 -68.81 36.78 -33.84
C ILE D 280 -69.47 38.14 -33.60
N ILE D 281 -68.66 39.07 -33.07
CA ILE D 281 -69.14 40.42 -32.81
C ILE D 281 -68.29 41.48 -33.50
N CYS D 282 -67.03 41.21 -33.81
CA CYS D 282 -66.17 42.18 -34.47
C CYS D 282 -66.55 42.30 -35.94
N GLY D 283 -66.06 43.38 -36.56
CA GLY D 283 -66.39 43.65 -37.95
C GLY D 283 -65.23 43.49 -38.91
N ILE D 284 -65.54 43.34 -40.19
CA ILE D 284 -64.52 43.18 -41.22
C ILE D 284 -63.77 44.49 -41.42
N THR D 285 -62.44 44.40 -41.57
CA THR D 285 -61.59 45.55 -41.81
C THR D 285 -60.95 45.55 -43.19
N SER D 286 -61.16 44.52 -44.00
CA SER D 286 -60.60 44.48 -45.34
C SER D 286 -61.29 43.39 -46.15
N VAL D 287 -61.78 43.75 -47.33
CA VAL D 287 -62.48 42.82 -48.21
C VAL D 287 -61.76 42.79 -49.55
N SER D 288 -61.73 41.61 -50.16
CA SER D 288 -61.08 41.45 -51.46
C SER D 288 -61.78 40.35 -52.23
N PHE D 289 -61.56 40.35 -53.54
CA PHE D 289 -62.12 39.35 -54.44
C PHE D 289 -60.99 38.58 -55.13
N SER D 290 -61.34 37.40 -55.64
CA SER D 290 -60.40 36.57 -56.36
C SER D 290 -60.47 36.90 -57.85
N LYS D 291 -59.82 36.09 -58.68
CA LYS D 291 -59.85 36.32 -60.12
C LYS D 291 -61.22 36.04 -60.73
N SER D 292 -62.04 35.23 -60.06
CA SER D 292 -63.38 34.90 -60.55
C SER D 292 -64.47 35.72 -59.86
N GLY D 293 -64.31 36.03 -58.58
CA GLY D 293 -65.27 36.82 -57.85
C GLY D 293 -66.17 36.03 -56.91
N ARG D 294 -66.11 34.69 -56.97
CA ARG D 294 -66.95 33.89 -56.09
C ARG D 294 -66.41 33.89 -54.66
N LEU D 295 -65.10 33.73 -54.51
CA LEU D 295 -64.47 33.69 -53.20
C LEU D 295 -64.27 35.12 -52.70
N LEU D 296 -65.04 35.52 -51.70
CA LEU D 296 -64.90 36.83 -51.07
C LEU D 296 -63.97 36.67 -49.87
N LEU D 297 -62.74 37.17 -49.99
CA LEU D 297 -61.80 37.12 -48.89
C LEU D 297 -62.06 38.28 -47.94
N ALA D 298 -62.69 37.97 -46.80
CA ALA D 298 -62.99 38.97 -45.78
C ALA D 298 -62.02 38.83 -44.62
N GLY D 299 -61.69 39.96 -43.99
CA GLY D 299 -60.82 39.92 -42.83
C GLY D 299 -61.46 40.53 -41.60
N TYR D 300 -61.74 39.69 -40.60
CA TYR D 300 -62.38 40.15 -39.38
C TYR D 300 -61.32 40.54 -38.35
N ASP D 301 -61.76 40.87 -37.14
CA ASP D 301 -60.86 41.15 -36.02
C ASP D 301 -60.77 39.99 -35.05
N ASP D 302 -61.11 38.78 -35.49
CA ASP D 302 -60.96 37.57 -34.70
C ASP D 302 -59.59 36.93 -34.88
N PHE D 303 -58.58 37.74 -35.24
CA PHE D 303 -57.22 37.27 -35.48
C PHE D 303 -57.15 36.24 -36.60
N ASN D 304 -58.08 36.34 -37.56
CA ASN D 304 -58.14 35.41 -38.68
C ASN D 304 -58.94 36.06 -39.80
N CYS D 305 -59.15 35.31 -40.88
CA CYS D 305 -59.95 35.77 -42.01
C CYS D 305 -60.98 34.71 -42.41
N ASN D 306 -61.79 35.01 -43.40
CA ASN D 306 -62.83 34.08 -43.84
C ASN D 306 -62.98 34.19 -45.35
N VAL D 307 -63.49 33.11 -45.95
CA VAL D 307 -63.74 33.06 -47.39
C VAL D 307 -65.24 32.82 -47.58
N TRP D 308 -65.96 33.85 -47.98
CA TRP D 308 -67.39 33.75 -48.21
C TRP D 308 -67.67 33.38 -49.66
N ASP D 309 -68.87 32.86 -49.89
CA ASP D 309 -69.33 32.51 -51.23
C ASP D 309 -70.30 33.57 -51.71
N ALA D 310 -70.03 34.14 -52.89
CA ALA D 310 -70.85 35.22 -53.43
C ALA D 310 -72.23 34.75 -53.88
N LEU D 311 -72.48 33.44 -53.91
CA LEU D 311 -73.77 32.91 -54.34
C LEU D 311 -74.48 32.12 -53.25
N LYS D 312 -73.75 31.30 -52.49
CA LYS D 312 -74.37 30.51 -51.43
C LYS D 312 -74.54 31.29 -50.14
N ALA D 313 -73.81 32.40 -49.97
CA ALA D 313 -73.88 33.24 -48.78
C ALA D 313 -73.56 32.43 -47.52
N ASP D 314 -72.53 31.60 -47.59
CA ASP D 314 -72.10 30.78 -46.47
C ASP D 314 -70.59 30.82 -46.36
N ARG D 315 -70.08 30.76 -45.13
CA ARG D 315 -68.65 30.79 -44.89
C ARG D 315 -68.02 29.50 -45.36
N ALA D 316 -67.27 29.57 -46.45
CA ALA D 316 -66.64 28.37 -47.01
C ALA D 316 -65.50 27.89 -46.12
N GLY D 317 -64.56 28.77 -45.81
CA GLY D 317 -63.40 28.39 -45.01
C GLY D 317 -62.97 29.52 -44.10
N VAL D 318 -62.33 29.15 -43.00
CA VAL D 318 -61.79 30.09 -42.03
C VAL D 318 -60.26 30.00 -42.08
N LEU D 319 -59.62 31.14 -42.33
CA LEU D 319 -58.16 31.19 -42.46
C LEU D 319 -57.58 31.74 -41.16
N ALA D 320 -57.22 30.82 -40.27
CA ALA D 320 -56.61 31.18 -39.00
C ALA D 320 -55.09 31.07 -39.09
N GLY D 321 -54.42 31.65 -38.10
CA GLY D 321 -52.98 31.58 -38.05
C GLY D 321 -52.30 32.91 -37.78
N HIS D 322 -53.09 33.92 -37.41
CA HIS D 322 -52.58 35.24 -37.11
C HIS D 322 -52.67 35.52 -35.61
N ASP D 323 -51.60 36.06 -35.05
CA ASP D 323 -51.61 36.38 -33.63
C ASP D 323 -52.46 37.61 -33.33
N ASN D 324 -52.49 38.57 -34.23
CA ASN D 324 -53.28 39.79 -34.09
C ASN D 324 -54.31 39.86 -35.21
N ARG D 325 -55.12 40.91 -35.18
CA ARG D 325 -56.17 41.08 -36.18
C ARG D 325 -55.56 41.48 -37.52
N VAL D 326 -56.17 40.98 -38.60
CA VAL D 326 -55.70 41.30 -39.94
C VAL D 326 -56.10 42.73 -40.30
N SER D 327 -55.26 43.37 -41.10
CA SER D 327 -55.48 44.75 -41.52
C SER D 327 -55.69 44.92 -43.02
N CYS D 328 -55.27 43.97 -43.84
CA CYS D 328 -55.43 44.07 -45.29
C CYS D 328 -55.38 42.69 -45.90
N LEU D 329 -56.13 42.51 -46.98
CA LEU D 329 -56.18 41.25 -47.72
C LEU D 329 -55.89 41.53 -49.18
N GLY D 330 -54.69 41.16 -49.63
CA GLY D 330 -54.30 41.39 -51.01
C GLY D 330 -54.35 40.13 -51.86
N VAL D 331 -55.28 40.10 -52.81
CA VAL D 331 -55.43 38.97 -53.72
C VAL D 331 -54.87 39.37 -55.07
N THR D 332 -54.19 38.43 -55.73
CA THR D 332 -53.59 38.71 -57.02
C THR D 332 -54.66 38.85 -58.10
N ASP D 333 -54.23 39.30 -59.27
CA ASP D 333 -55.15 39.43 -60.40
C ASP D 333 -55.56 38.08 -60.97
N ASP D 334 -54.76 37.04 -60.76
CA ASP D 334 -55.05 35.71 -61.26
C ASP D 334 -55.39 34.73 -60.14
N GLY D 335 -55.58 35.20 -58.92
CA GLY D 335 -55.89 34.32 -57.81
C GLY D 335 -54.77 33.39 -57.43
N MET D 336 -53.52 33.83 -57.56
CA MET D 336 -52.38 32.98 -57.25
C MET D 336 -51.90 33.13 -55.81
N ALA D 337 -52.32 34.19 -55.12
CA ALA D 337 -51.85 34.43 -53.76
C ALA D 337 -52.85 35.32 -53.03
N VAL D 338 -53.06 35.04 -51.75
CA VAL D 338 -53.93 35.85 -50.89
C VAL D 338 -53.09 36.21 -49.67
N ALA D 339 -52.44 37.38 -49.72
CA ALA D 339 -51.61 37.81 -48.60
C ALA D 339 -52.45 38.56 -47.57
N THR D 340 -52.00 38.49 -46.32
CA THR D 340 -52.67 39.15 -45.21
C THR D 340 -51.67 39.99 -44.45
N GLY D 341 -52.12 41.13 -43.93
CA GLY D 341 -51.25 42.09 -43.30
C GLY D 341 -51.55 42.34 -41.83
N SER D 342 -51.79 41.27 -41.07
CA SER D 342 -52.15 41.40 -39.67
C SER D 342 -51.09 42.19 -38.90
N TRP D 343 -51.52 42.76 -37.77
CA TRP D 343 -50.68 43.64 -36.96
C TRP D 343 -49.54 42.90 -36.27
N ASP D 344 -49.42 41.58 -36.44
CA ASP D 344 -48.36 40.81 -35.82
C ASP D 344 -47.07 40.78 -36.65
N SER D 345 -46.94 41.71 -37.61
CA SER D 345 -45.75 41.81 -38.46
C SER D 345 -45.51 40.54 -39.27
N PHE D 346 -46.59 39.86 -39.66
CA PHE D 346 -46.50 38.61 -40.40
C PHE D 346 -47.40 38.68 -41.63
N LEU D 347 -46.82 38.44 -42.79
CA LEU D 347 -47.56 38.41 -44.05
C LEU D 347 -47.63 36.95 -44.50
N LYS D 348 -48.84 36.40 -44.52
CA LYS D 348 -49.06 34.99 -44.82
C LYS D 348 -49.84 34.87 -46.12
N ILE D 349 -49.24 34.19 -47.10
CA ILE D 349 -49.88 33.95 -48.39
C ILE D 349 -50.69 32.65 -48.27
N TRP D 350 -52.00 32.77 -48.29
CA TRP D 350 -52.88 31.62 -48.11
C TRP D 350 -53.33 31.06 -49.47
N ASN D 351 -52.36 30.54 -50.21
CA ASN D 351 -52.62 29.91 -51.50
C ASN D 351 -51.53 28.91 -51.87
N LYS E 29 -83.41 45.61 -63.17
CA LYS E 29 -83.88 44.53 -62.31
C LYS E 29 -82.74 43.93 -61.51
N VAL E 30 -83.02 43.56 -60.26
CA VAL E 30 -81.98 42.96 -59.42
C VAL E 30 -81.77 41.50 -59.77
N SER E 31 -82.82 40.81 -60.22
CA SER E 31 -82.68 39.41 -60.61
C SER E 31 -81.77 39.26 -61.81
N LYS E 32 -81.85 40.18 -62.78
CA LYS E 32 -80.98 40.12 -63.94
C LYS E 32 -79.52 40.33 -63.53
N ALA E 33 -79.27 41.28 -62.63
CA ALA E 33 -77.91 41.52 -62.16
C ALA E 33 -77.36 40.32 -61.40
N ALA E 34 -78.20 39.70 -60.56
CA ALA E 34 -77.76 38.53 -59.82
C ALA E 34 -77.47 37.37 -60.76
N ALA E 35 -78.31 37.18 -61.79
CA ALA E 35 -78.07 36.12 -62.75
C ALA E 35 -76.78 36.37 -63.54
N ASP E 36 -76.54 37.63 -63.90
CA ASP E 36 -75.30 37.97 -64.61
C ASP E 36 -74.07 37.72 -63.74
N LEU E 37 -74.15 38.08 -62.46
CA LEU E 37 -73.02 37.84 -61.56
C LEU E 37 -72.79 36.34 -61.37
N MET E 38 -73.87 35.56 -61.24
CA MET E 38 -73.71 34.11 -61.10
C MET E 38 -73.12 33.50 -62.37
N ALA E 39 -73.54 33.99 -63.54
CA ALA E 39 -72.99 33.50 -64.79
C ALA E 39 -71.52 33.84 -64.92
N TYR E 40 -71.13 35.04 -64.48
CA TYR E 40 -69.72 35.41 -64.54
C TYR E 40 -68.89 34.59 -63.56
N CYS E 41 -69.45 34.28 -62.39
CA CYS E 41 -68.72 33.49 -61.41
C CYS E 41 -68.61 32.03 -61.84
N GLU E 42 -69.59 31.53 -62.59
CA GLU E 42 -69.55 30.14 -63.05
C GLU E 42 -68.75 29.98 -64.33
N ALA E 43 -68.65 31.04 -65.14
CA ALA E 43 -67.92 30.94 -66.41
C ALA E 43 -66.43 31.16 -66.24
N HIS E 44 -66.02 31.97 -65.25
CA HIS E 44 -64.63 32.25 -64.99
C HIS E 44 -64.09 31.45 -63.80
N ALA E 45 -64.77 30.37 -63.42
CA ALA E 45 -64.34 29.56 -62.28
C ALA E 45 -63.26 28.57 -62.64
N LYS E 46 -62.94 28.40 -63.92
CA LYS E 46 -61.90 27.45 -64.32
C LYS E 46 -60.51 28.03 -64.12
N GLU E 47 -60.34 29.34 -64.27
CA GLU E 47 -59.05 30.00 -64.10
C GLU E 47 -58.89 30.62 -62.72
N ASP E 48 -59.58 30.10 -61.71
CA ASP E 48 -59.48 30.61 -60.36
C ASP E 48 -58.88 29.54 -59.45
N PRO E 49 -57.62 29.68 -59.03
CA PRO E 49 -57.03 28.67 -58.13
C PRO E 49 -57.66 28.63 -56.75
N LEU E 50 -58.43 29.65 -56.36
CA LEU E 50 -59.08 29.65 -55.06
C LEU E 50 -60.20 28.62 -54.96
N LEU E 51 -60.70 28.15 -56.10
CA LEU E 51 -61.79 27.17 -56.11
C LEU E 51 -61.41 25.86 -56.76
N THR E 52 -60.18 25.72 -57.27
CA THR E 52 -59.74 24.51 -57.94
C THR E 52 -58.53 23.92 -57.22
N PRO E 53 -58.44 22.59 -57.13
CA PRO E 53 -57.28 21.97 -56.47
C PRO E 53 -56.02 22.04 -57.32
N VAL E 54 -55.35 23.19 -57.30
CA VAL E 54 -54.13 23.35 -58.08
C VAL E 54 -53.01 22.51 -57.47
N PRO E 55 -52.20 21.83 -58.28
CA PRO E 55 -51.07 21.08 -57.71
C PRO E 55 -50.04 22.01 -57.09
N ALA E 56 -49.37 21.52 -56.06
CA ALA E 56 -48.38 22.30 -55.34
C ALA E 56 -46.98 22.21 -55.95
N SER E 57 -46.75 21.24 -56.83
CA SER E 57 -45.42 21.10 -57.44
C SER E 57 -45.17 22.19 -58.47
N GLU E 58 -46.05 22.29 -59.48
CA GLU E 58 -45.87 23.30 -60.52
C GLU E 58 -46.19 24.69 -60.03
N ASN E 59 -46.90 24.83 -58.91
CA ASN E 59 -47.22 26.14 -58.39
C ASN E 59 -46.00 26.79 -57.75
N PRO E 60 -45.78 28.09 -57.98
CA PRO E 60 -44.60 28.74 -57.38
C PRO E 60 -44.65 28.80 -55.86
N PHE E 61 -45.84 28.82 -55.27
CA PHE E 61 -45.96 28.85 -53.82
C PHE E 61 -45.99 27.44 -53.24
N VAL F 2 -22.31 58.67 -60.27
CA VAL F 2 -22.70 58.62 -61.67
C VAL F 2 -21.47 58.37 -62.56
N GLN F 3 -20.37 59.03 -62.21
CA GLN F 3 -19.14 58.90 -62.97
C GLN F 3 -18.26 57.80 -62.39
N LEU F 4 -17.42 57.21 -63.25
CA LEU F 4 -16.49 56.15 -62.88
C LEU F 4 -15.16 56.48 -63.56
N VAL F 5 -14.26 57.14 -62.82
CA VAL F 5 -13.01 57.62 -63.39
C VAL F 5 -11.86 56.85 -62.76
N GLU F 6 -10.97 56.32 -63.61
CA GLU F 6 -9.83 55.55 -63.14
C GLU F 6 -8.55 56.35 -63.37
N SER F 7 -7.53 56.02 -62.57
CA SER F 7 -6.25 56.71 -62.63
C SER F 7 -5.19 55.85 -61.95
N GLY F 8 -3.96 55.96 -62.44
CA GLY F 8 -2.86 55.21 -61.88
C GLY F 8 -2.16 54.32 -62.89
N GLY F 9 -2.41 54.58 -64.17
CA GLY F 9 -1.81 53.79 -65.23
C GLY F 9 -0.43 54.29 -65.61
N GLY F 10 0.16 53.60 -66.58
CA GLY F 10 1.48 53.93 -67.08
C GLY F 10 2.25 52.68 -67.38
N LEU F 11 3.57 52.82 -67.46
CA LEU F 11 4.47 51.71 -67.75
C LEU F 11 4.92 51.08 -66.43
N VAL F 12 4.68 49.77 -66.28
CA VAL F 12 5.07 49.05 -65.09
C VAL F 12 5.94 47.86 -65.50
N GLN F 13 6.69 47.34 -64.53
CA GLN F 13 7.56 46.19 -64.74
C GLN F 13 6.90 44.92 -64.21
N PRO F 14 7.16 43.77 -64.85
CA PRO F 14 6.60 42.51 -64.36
C PRO F 14 7.14 42.15 -62.98
N GLY F 15 6.26 42.18 -61.98
CA GLY F 15 6.66 41.92 -60.60
C GLY F 15 6.81 43.16 -59.74
N GLY F 16 6.41 44.33 -60.23
CA GLY F 16 6.53 45.57 -59.49
C GLY F 16 5.37 45.79 -58.55
N SER F 17 5.02 47.07 -58.38
CA SER F 17 3.93 47.45 -57.49
C SER F 17 3.39 48.81 -57.90
N ARG F 18 2.07 48.96 -57.84
CA ARG F 18 1.42 50.22 -58.17
C ARG F 18 0.03 50.23 -57.52
N LYS F 19 -0.54 51.42 -57.41
CA LYS F 19 -1.84 51.61 -56.78
C LYS F 19 -2.84 52.06 -57.83
N LEU F 20 -3.93 51.31 -57.98
CA LEU F 20 -5.00 51.62 -58.91
C LEU F 20 -6.32 51.74 -58.17
N SER F 21 -7.09 52.76 -58.51
CA SER F 21 -8.40 52.99 -57.92
C SER F 21 -9.36 53.47 -59.00
N CYS F 22 -10.65 53.33 -58.69
CA CYS F 22 -11.72 53.84 -59.55
C CYS F 22 -12.64 54.70 -58.69
N SER F 23 -12.60 56.01 -58.91
CA SER F 23 -13.39 56.97 -58.15
C SER F 23 -14.80 57.04 -58.73
N ALA F 24 -15.80 56.89 -57.87
CA ALA F 24 -17.20 56.92 -58.24
C ALA F 24 -17.97 57.74 -57.22
N SER F 25 -18.90 58.56 -57.72
CA SER F 25 -19.72 59.39 -56.84
C SER F 25 -21.00 59.74 -57.57
N GLY F 26 -22.12 59.71 -56.84
CA GLY F 26 -23.40 60.05 -57.41
C GLY F 26 -24.43 58.94 -57.29
N PHE F 27 -24.10 57.91 -56.51
CA PHE F 27 -25.03 56.80 -56.29
C PHE F 27 -24.73 56.17 -54.94
N ALA F 28 -25.58 55.21 -54.56
CA ALA F 28 -25.41 54.47 -53.29
C ALA F 28 -24.35 53.41 -53.51
N PHE F 29 -23.09 53.76 -53.19
CA PHE F 29 -21.98 52.84 -53.35
C PHE F 29 -22.06 51.67 -52.39
N SER F 30 -22.79 51.81 -51.28
CA SER F 30 -22.90 50.76 -50.28
C SER F 30 -23.95 49.70 -50.63
N SER F 31 -24.64 49.83 -51.75
CA SER F 31 -25.67 48.89 -52.17
C SER F 31 -25.52 48.53 -53.63
N PHE F 32 -24.28 48.47 -54.11
CA PHE F 32 -23.99 48.14 -55.51
C PHE F 32 -22.72 47.33 -55.56
N GLY F 33 -22.80 46.13 -56.12
CA GLY F 33 -21.61 45.30 -56.30
C GLY F 33 -20.79 45.78 -57.49
N MET F 34 -19.47 45.65 -57.36
CA MET F 34 -18.55 46.11 -58.39
C MET F 34 -17.80 44.94 -59.00
N HIS F 35 -17.49 45.08 -60.29
CA HIS F 35 -16.71 44.11 -61.04
C HIS F 35 -15.42 44.76 -61.50
N TRP F 36 -14.51 43.94 -62.03
CA TRP F 36 -13.24 44.39 -62.57
C TRP F 36 -12.97 43.75 -63.92
N VAL F 37 -14.01 43.75 -64.77
CA VAL F 37 -13.89 43.14 -66.09
C VAL F 37 -12.92 43.95 -66.94
N ARG F 38 -11.89 43.28 -67.46
CA ARG F 38 -10.88 43.91 -68.29
C ARG F 38 -11.13 43.62 -69.76
N GLN F 39 -10.52 44.43 -70.61
CA GLN F 39 -10.66 44.30 -72.06
C GLN F 39 -9.28 44.42 -72.69
N ALA F 40 -8.78 43.30 -73.24
CA ALA F 40 -7.52 43.31 -73.96
C ALA F 40 -7.72 43.81 -75.39
N PRO F 41 -6.71 44.44 -75.98
CA PRO F 41 -6.86 44.92 -77.37
C PRO F 41 -7.00 43.80 -78.39
N GLU F 42 -6.54 42.58 -78.07
CA GLU F 42 -6.67 41.45 -78.98
C GLU F 42 -7.50 40.31 -78.42
N LYS F 43 -7.81 40.31 -77.13
CA LYS F 43 -8.57 39.26 -76.48
C LYS F 43 -9.87 39.84 -75.93
N GLY F 44 -10.94 39.06 -75.98
CA GLY F 44 -12.22 39.48 -75.44
C GLY F 44 -12.20 39.75 -73.95
N LEU F 45 -13.31 40.26 -73.42
CA LEU F 45 -13.38 40.61 -72.01
C LEU F 45 -13.33 39.37 -71.13
N GLU F 46 -12.91 39.57 -69.88
CA GLU F 46 -12.83 38.48 -68.92
C GLU F 46 -13.02 39.03 -67.52
N TRP F 47 -13.99 38.49 -66.80
CA TRP F 47 -14.24 38.89 -65.43
C TRP F 47 -13.25 38.19 -64.50
N VAL F 48 -12.73 38.95 -63.52
CA VAL F 48 -11.70 38.45 -62.62
C VAL F 48 -12.16 38.41 -61.17
N ALA F 49 -12.88 39.43 -60.70
CA ALA F 49 -13.23 39.51 -59.29
C ALA F 49 -14.56 40.25 -59.15
N TYR F 50 -15.21 40.01 -58.02
CA TYR F 50 -16.50 40.64 -57.72
C TYR F 50 -16.72 40.65 -56.22
N ILE F 51 -17.21 41.79 -55.72
CA ILE F 51 -17.58 41.96 -54.32
C ILE F 51 -19.08 42.17 -54.24
N SER F 52 -19.71 41.56 -53.24
CA SER F 52 -21.14 41.74 -53.04
C SER F 52 -21.44 43.16 -52.54
N SER F 53 -22.72 43.52 -52.59
CA SER F 53 -23.14 44.86 -52.20
C SER F 53 -22.98 45.02 -50.69
N GLY F 54 -21.99 45.82 -50.28
CA GLY F 54 -21.78 46.11 -48.88
C GLY F 54 -20.69 45.28 -48.23
N SER F 55 -19.61 45.05 -48.98
CA SER F 55 -18.46 44.25 -48.50
C SER F 55 -18.91 42.87 -48.02
N GLY F 56 -19.64 42.19 -48.90
CA GLY F 56 -20.19 40.88 -48.57
C GLY F 56 -19.32 39.74 -49.02
N THR F 57 -19.84 38.93 -49.95
CA THR F 57 -19.12 37.77 -50.42
C THR F 57 -18.09 38.15 -51.48
N ILE F 58 -17.18 37.22 -51.76
CA ILE F 58 -16.11 37.40 -52.74
C ILE F 58 -16.29 36.38 -53.85
N TYR F 59 -16.07 36.81 -55.08
CA TYR F 59 -16.11 35.91 -56.23
C TYR F 59 -14.85 36.12 -57.05
N TYR F 60 -14.17 35.03 -57.38
CA TYR F 60 -12.91 35.06 -58.12
C TYR F 60 -13.01 34.12 -59.31
N ALA F 61 -11.95 34.09 -60.11
CA ALA F 61 -11.85 33.22 -61.27
C ALA F 61 -10.98 32.01 -60.92
N ASP F 62 -10.69 31.18 -61.92
CA ASP F 62 -9.92 29.97 -61.69
C ASP F 62 -8.42 30.26 -61.66
N THR F 63 -7.94 31.14 -62.53
CA THR F 63 -6.51 31.44 -62.63
C THR F 63 -6.10 32.64 -61.80
N VAL F 64 -6.97 33.12 -60.90
CA VAL F 64 -6.65 34.28 -60.07
C VAL F 64 -6.80 33.99 -58.58
N LYS F 65 -7.52 32.94 -58.19
CA LYS F 65 -7.71 32.62 -56.78
C LYS F 65 -6.39 32.37 -56.08
N GLY F 66 -6.03 33.25 -55.14
CA GLY F 66 -4.78 33.15 -54.42
C GLY F 66 -3.69 34.08 -54.90
N ARG F 67 -3.99 34.96 -55.86
CA ARG F 67 -3.00 35.88 -56.40
C ARG F 67 -3.36 37.34 -56.16
N PHE F 68 -4.60 37.73 -56.43
CA PHE F 68 -5.05 39.11 -56.32
C PHE F 68 -5.80 39.33 -55.01
N THR F 69 -5.91 40.60 -54.63
CA THR F 69 -6.63 41.01 -53.43
C THR F 69 -7.29 42.35 -53.69
N ILE F 70 -8.58 42.44 -53.39
CA ILE F 70 -9.37 43.64 -53.65
C ILE F 70 -10.13 44.00 -52.38
N SER F 71 -10.13 45.28 -52.03
CA SER F 71 -10.87 45.78 -50.89
C SER F 71 -11.67 47.01 -51.30
N ARG F 72 -12.68 47.34 -50.51
CA ARG F 72 -13.52 48.49 -50.78
C ARG F 72 -13.66 49.34 -49.52
N ASP F 73 -13.94 50.63 -49.73
CA ASP F 73 -14.11 51.57 -48.62
C ASP F 73 -15.35 52.42 -48.90
N ASP F 74 -16.41 52.21 -48.12
CA ASP F 74 -17.64 52.97 -48.32
C ASP F 74 -17.53 54.38 -47.75
N PRO F 75 -17.01 54.62 -46.54
CA PRO F 75 -16.79 56.00 -46.11
C PRO F 75 -15.86 56.77 -47.03
N LYS F 76 -14.80 56.14 -47.53
CA LYS F 76 -13.95 56.77 -48.52
C LYS F 76 -14.48 56.61 -49.94
N ASN F 77 -15.39 55.65 -50.15
CA ASN F 77 -16.02 55.43 -51.46
C ASN F 77 -14.98 55.14 -52.54
N THR F 78 -14.05 54.23 -52.24
CA THR F 78 -12.95 53.92 -53.15
C THR F 78 -12.75 52.41 -53.19
N LEU F 79 -11.93 51.98 -54.15
CA LEU F 79 -11.60 50.57 -54.34
C LEU F 79 -10.09 50.43 -54.29
N PHE F 80 -9.60 49.62 -53.35
CA PHE F 80 -8.17 49.38 -53.17
C PHE F 80 -7.79 48.08 -53.87
N LEU F 81 -6.90 48.18 -54.86
CA LEU F 81 -6.45 47.04 -55.64
C LEU F 81 -4.94 46.92 -55.52
N GLN F 82 -4.47 45.71 -55.22
CA GLN F 82 -3.04 45.42 -55.11
C GLN F 82 -2.66 44.47 -56.23
N MET F 83 -1.84 44.95 -57.16
CA MET F 83 -1.40 44.17 -58.32
C MET F 83 0.01 43.65 -58.05
N THR F 84 0.10 42.37 -57.67
CA THR F 84 1.37 41.71 -57.41
C THR F 84 1.52 40.51 -58.34
N SER F 85 2.77 40.11 -58.56
CA SER F 85 3.13 38.98 -59.43
C SER F 85 2.52 39.15 -60.82
N LEU F 86 2.91 40.25 -61.47
CA LEU F 86 2.39 40.60 -62.78
C LEU F 86 3.15 39.88 -63.89
N ARG F 87 2.41 39.34 -64.85
CA ARG F 87 3.00 38.68 -66.01
C ARG F 87 2.99 39.63 -67.20
N SER F 88 3.70 39.21 -68.25
CA SER F 88 3.87 40.03 -69.45
C SER F 88 2.66 39.95 -70.39
N GLU F 89 1.61 39.23 -70.02
CA GLU F 89 0.43 39.05 -70.86
C GLU F 89 -0.83 39.52 -70.17
N ASP F 90 -0.78 40.71 -69.54
CA ASP F 90 -1.92 41.27 -68.83
C ASP F 90 -2.33 42.63 -69.40
N THR F 91 -1.99 42.91 -70.65
CA THR F 91 -2.35 44.18 -71.28
C THR F 91 -3.84 44.18 -71.58
N ALA F 92 -4.60 44.92 -70.78
CA ALA F 92 -6.05 44.96 -70.93
C ALA F 92 -6.57 46.30 -70.41
N MET F 93 -7.86 46.54 -70.65
CA MET F 93 -8.53 47.76 -70.23
C MET F 93 -9.42 47.43 -69.04
N TYR F 94 -8.92 47.66 -67.84
CA TYR F 94 -9.66 47.33 -66.63
C TYR F 94 -10.79 48.34 -66.41
N TYR F 95 -11.98 47.84 -66.13
CA TYR F 95 -13.15 48.67 -65.89
C TYR F 95 -13.58 48.60 -64.44
N CYS F 96 -14.37 49.59 -64.03
CA CYS F 96 -15.00 49.67 -62.71
C CYS F 96 -16.50 49.72 -62.93
N VAL F 97 -17.12 48.55 -63.07
CA VAL F 97 -18.52 48.45 -63.46
C VAL F 97 -19.36 48.14 -62.22
N ARG F 98 -20.49 48.82 -62.09
CA ARG F 98 -21.43 48.60 -61.00
C ARG F 98 -22.56 47.68 -61.46
N SER F 99 -23.22 47.05 -60.49
CA SER F 99 -24.28 46.11 -60.77
C SER F 99 -25.12 45.90 -59.51
N ILE F 100 -26.39 45.62 -59.70
CA ILE F 100 -27.30 45.27 -58.61
C ILE F 100 -28.21 44.15 -59.09
N TYR F 101 -28.45 43.17 -58.22
CA TYR F 101 -29.17 41.96 -58.59
C TYR F 101 -30.37 41.76 -57.69
N TYR F 102 -31.56 41.77 -58.28
CA TYR F 102 -32.80 41.44 -57.59
C TYR F 102 -33.84 41.09 -58.65
N TYR F 103 -35.09 40.96 -58.23
CA TYR F 103 -36.16 40.62 -59.17
C TYR F 103 -36.39 41.81 -60.11
N GLY F 104 -36.20 41.58 -61.41
CA GLY F 104 -36.38 42.63 -62.38
C GLY F 104 -35.29 43.67 -62.41
N SER F 105 -34.12 43.36 -61.85
CA SER F 105 -33.01 44.30 -61.84
C SER F 105 -32.37 44.40 -63.22
N SER F 106 -31.47 45.36 -63.35
CA SER F 106 -30.71 45.59 -64.58
C SER F 106 -29.23 45.51 -64.25
N PRO F 107 -28.67 44.30 -64.19
CA PRO F 107 -27.24 44.16 -63.86
C PRO F 107 -26.37 44.63 -65.00
N PHE F 108 -25.18 45.13 -64.63
CA PHE F 108 -24.23 45.71 -65.59
C PHE F 108 -24.86 46.82 -66.40
N ASP F 109 -25.55 47.74 -65.71
CA ASP F 109 -26.27 48.80 -66.39
C ASP F 109 -25.31 49.86 -66.94
N PHE F 110 -24.40 50.35 -66.10
CA PHE F 110 -23.46 51.40 -66.48
C PHE F 110 -22.04 50.91 -66.28
N TRP F 111 -21.20 51.10 -67.29
CA TRP F 111 -19.82 50.64 -67.27
C TRP F 111 -18.87 51.84 -67.18
N GLY F 112 -17.73 51.61 -66.55
CA GLY F 112 -16.74 52.65 -66.36
C GLY F 112 -15.91 52.91 -67.61
N GLN F 113 -14.97 53.84 -67.48
CA GLN F 113 -14.08 54.20 -68.58
C GLN F 113 -12.79 53.39 -68.53
N GLY F 114 -12.05 53.48 -67.43
CA GLY F 114 -10.83 52.72 -67.26
C GLY F 114 -9.62 53.40 -67.88
N THR F 115 -8.45 52.93 -67.49
CA THR F 115 -7.18 53.41 -68.00
C THR F 115 -6.39 52.26 -68.60
N THR F 116 -5.49 52.60 -69.52
CA THR F 116 -4.68 51.62 -70.22
C THR F 116 -3.29 51.52 -69.58
N LEU F 117 -2.65 50.37 -69.81
CA LEU F 117 -1.31 50.13 -69.29
C LEU F 117 -0.60 49.14 -70.19
N THR F 118 0.71 49.31 -70.32
CA THR F 118 1.55 48.44 -71.15
C THR F 118 2.67 47.86 -70.31
N VAL F 119 3.16 46.70 -70.73
CA VAL F 119 4.26 46.02 -70.05
C VAL F 119 5.27 45.58 -71.10
N SER F 120 6.52 45.43 -70.64
CA SER F 120 7.61 45.00 -71.50
C SER F 120 7.82 43.49 -71.38
N SER F 121 8.76 42.97 -72.16
CA SER F 121 9.06 41.54 -72.15
C SER F 121 10.31 41.25 -71.34
N SER F 136 -16.52 22.58 -63.80
CA SER F 136 -15.95 23.72 -63.08
C SER F 136 -16.12 25.01 -63.87
N ASP F 137 -15.16 25.30 -64.74
CA ASP F 137 -15.22 26.50 -65.54
C ASP F 137 -16.26 26.36 -66.64
N ILE F 138 -16.98 27.45 -66.91
CA ILE F 138 -18.01 27.49 -67.93
C ILE F 138 -17.47 28.28 -69.12
N VAL F 139 -17.41 27.63 -70.28
CA VAL F 139 -16.94 28.26 -71.51
C VAL F 139 -18.08 28.26 -72.53
N MET F 140 -18.12 29.30 -73.35
CA MET F 140 -19.15 29.45 -74.36
C MET F 140 -18.51 29.93 -75.66
N THR F 141 -18.88 29.31 -76.77
CA THR F 141 -18.36 29.65 -78.08
C THR F 141 -19.31 30.59 -78.80
N GLN F 142 -18.82 31.16 -79.90
CA GLN F 142 -19.58 32.09 -80.72
C GLN F 142 -19.89 31.44 -82.07
N ALA F 143 -20.63 32.17 -82.90
CA ALA F 143 -21.02 31.70 -84.22
C ALA F 143 -20.22 32.34 -85.35
N THR F 144 -20.17 33.67 -85.39
CA THR F 144 -19.44 34.40 -86.40
C THR F 144 -18.35 35.25 -85.74
N SER F 145 -17.46 35.78 -86.57
CA SER F 145 -16.37 36.63 -86.11
C SER F 145 -16.49 38.06 -86.61
N SER F 146 -16.61 38.26 -87.91
CA SER F 146 -16.76 39.60 -88.48
C SER F 146 -17.42 39.47 -89.84
N VAL F 147 -18.66 39.93 -89.95
CA VAL F 147 -19.41 39.86 -91.19
C VAL F 147 -19.86 41.28 -91.58
N PRO F 148 -19.92 41.60 -92.88
CA PRO F 148 -20.39 42.93 -93.29
C PRO F 148 -21.91 43.01 -93.20
N VAL F 149 -22.40 43.98 -92.43
CA VAL F 149 -23.83 44.19 -92.24
C VAL F 149 -24.17 45.62 -92.66
N THR F 150 -25.15 45.74 -93.56
CA THR F 150 -25.55 47.06 -94.02
C THR F 150 -26.56 47.66 -93.03
N PRO F 151 -26.46 48.97 -92.76
CA PRO F 151 -27.40 49.60 -91.82
C PRO F 151 -28.80 49.66 -92.40
N GLY F 152 -29.76 49.09 -91.68
CA GLY F 152 -31.15 49.11 -92.12
C GLY F 152 -31.54 47.86 -92.88
N GLU F 153 -31.22 46.69 -92.32
CA GLU F 153 -31.53 45.42 -92.96
C GLU F 153 -32.15 44.40 -92.01
N SER F 154 -32.53 44.82 -90.80
CA SER F 154 -33.14 43.93 -89.80
C SER F 154 -32.23 42.74 -89.50
N VAL F 155 -31.05 43.05 -88.95
CA VAL F 155 -30.03 42.04 -88.74
C VAL F 155 -30.45 41.09 -87.64
N SER F 156 -30.27 39.79 -87.87
CA SER F 156 -30.63 38.75 -86.91
C SER F 156 -29.35 38.03 -86.51
N ILE F 157 -28.81 38.37 -85.34
CA ILE F 157 -27.57 37.77 -84.84
C ILE F 157 -27.92 36.55 -84.00
N SER F 158 -27.15 35.49 -84.15
CA SER F 158 -27.37 34.24 -83.45
C SER F 158 -26.18 33.93 -82.55
N CYS F 159 -26.42 33.08 -81.56
CA CYS F 159 -25.39 32.68 -80.63
C CYS F 159 -25.75 31.32 -80.03
N ARG F 160 -24.73 30.56 -79.66
CA ARG F 160 -24.90 29.24 -79.08
C ARG F 160 -24.33 29.24 -77.66
N SER F 161 -24.47 28.11 -76.98
CA SER F 161 -23.97 27.95 -75.63
C SER F 161 -23.59 26.49 -75.39
N SER F 162 -22.93 26.25 -74.27
CA SER F 162 -22.52 24.90 -73.87
C SER F 162 -23.37 24.35 -72.73
N LYS F 163 -24.49 24.98 -72.42
CA LYS F 163 -25.35 24.54 -71.34
C LYS F 163 -26.78 24.98 -71.63
N SER F 164 -27.73 24.38 -70.93
CA SER F 164 -29.14 24.67 -71.09
C SER F 164 -29.55 25.76 -70.10
N LEU F 165 -30.10 26.85 -70.61
CA LEU F 165 -30.57 27.96 -69.77
C LEU F 165 -32.00 27.68 -69.31
N LEU F 166 -32.11 26.67 -68.45
CA LEU F 166 -33.38 26.19 -67.92
C LEU F 166 -33.35 26.19 -66.39
N HIS F 167 -32.93 27.30 -65.81
CA HIS F 167 -32.82 27.40 -64.36
C HIS F 167 -34.18 27.20 -63.70
N SER F 168 -34.15 26.87 -62.41
CA SER F 168 -35.37 26.54 -61.69
C SER F 168 -36.29 27.74 -61.49
N ASN F 169 -35.75 28.96 -61.49
CA ASN F 169 -36.59 30.14 -61.30
C ASN F 169 -37.54 30.34 -62.47
N GLY F 170 -37.12 29.99 -63.69
CA GLY F 170 -37.99 30.07 -64.84
C GLY F 170 -37.64 31.20 -65.80
N ASN F 171 -36.36 31.53 -65.92
CA ASN F 171 -35.92 32.56 -66.84
C ASN F 171 -34.47 32.31 -67.23
N THR F 172 -34.10 32.81 -68.40
CA THR F 172 -32.74 32.67 -68.91
C THR F 172 -31.87 33.81 -68.41
N TYR F 173 -30.56 33.58 -68.48
CA TYR F 173 -29.56 34.55 -68.03
C TYR F 173 -28.58 34.80 -69.17
N LEU F 174 -28.92 35.75 -70.04
CA LEU F 174 -28.08 36.11 -71.18
C LEU F 174 -28.13 37.61 -71.36
N TYR F 175 -27.00 38.27 -71.11
CA TYR F 175 -26.87 39.72 -71.27
C TYR F 175 -26.05 40.03 -72.51
N TRP F 176 -26.40 41.10 -73.19
CA TRP F 176 -25.74 41.54 -74.40
C TRP F 176 -25.08 42.88 -74.19
N PHE F 177 -23.87 43.04 -74.71
CA PHE F 177 -23.10 44.27 -74.56
C PHE F 177 -22.49 44.66 -75.88
N LEU F 178 -22.23 45.96 -76.03
CA LEU F 178 -21.62 46.51 -77.23
C LEU F 178 -20.62 47.57 -76.84
N GLN F 179 -19.43 47.51 -77.43
CA GLN F 179 -18.35 48.47 -77.16
C GLN F 179 -18.18 49.36 -78.38
N ARG F 180 -18.75 50.56 -78.32
CA ARG F 180 -18.55 51.53 -79.38
C ARG F 180 -17.15 52.11 -79.30
N PRO F 181 -16.58 52.55 -80.43
CA PRO F 181 -15.22 53.13 -80.41
C PRO F 181 -15.14 54.39 -79.56
N GLY F 182 -14.41 54.31 -78.45
CA GLY F 182 -14.28 55.43 -77.55
C GLY F 182 -15.43 55.61 -76.59
N GLN F 183 -16.41 54.70 -76.59
CA GLN F 183 -17.57 54.80 -75.72
C GLN F 183 -17.64 53.57 -74.84
N SER F 184 -18.12 53.77 -73.60
CA SER F 184 -18.11 52.70 -72.61
C SER F 184 -19.03 51.55 -73.03
N PRO F 185 -18.68 50.31 -72.69
CA PRO F 185 -19.52 49.17 -73.08
C PRO F 185 -20.85 49.15 -72.35
N GLN F 186 -21.77 49.99 -72.78
CA GLN F 186 -23.07 50.10 -72.12
C GLN F 186 -23.88 48.82 -72.34
N LEU F 187 -25.00 48.74 -71.62
CA LEU F 187 -25.89 47.58 -71.68
C LEU F 187 -26.90 47.74 -72.81
N LEU F 188 -27.19 46.64 -73.49
CA LEU F 188 -28.18 46.62 -74.56
C LEU F 188 -29.49 45.99 -74.13
N ILE F 189 -29.44 44.78 -73.60
CA ILE F 189 -30.64 44.07 -73.16
C ILE F 189 -30.26 43.04 -72.10
N TYR F 190 -31.05 42.97 -71.03
CA TYR F 190 -30.82 42.03 -69.94
C TYR F 190 -31.85 40.92 -69.98
N ARG F 191 -31.42 39.73 -69.56
CA ARG F 191 -32.22 38.51 -69.53
C ARG F 191 -32.72 38.09 -70.90
N MET F 192 -32.21 38.70 -71.98
CA MET F 192 -32.50 38.36 -73.36
C MET F 192 -33.97 38.53 -73.73
N SER F 193 -34.79 39.08 -72.83
CA SER F 193 -36.19 39.31 -73.14
C SER F 193 -36.73 40.64 -72.59
N ASN F 194 -35.89 41.46 -71.98
CA ASN F 194 -36.34 42.71 -71.37
C ASN F 194 -35.32 43.79 -71.69
N LEU F 195 -35.76 44.85 -72.38
CA LEU F 195 -34.87 45.92 -72.75
C LEU F 195 -34.47 46.75 -71.53
N ALA F 196 -33.21 47.20 -71.51
CA ALA F 196 -32.69 47.99 -70.41
C ALA F 196 -32.94 49.47 -70.67
N SER F 197 -32.34 50.33 -69.86
CA SER F 197 -32.49 51.77 -70.00
C SER F 197 -31.35 52.34 -70.84
N GLY F 198 -31.69 53.25 -71.75
CA GLY F 198 -30.72 53.85 -72.63
C GLY F 198 -30.66 53.26 -74.03
N VAL F 199 -31.55 52.32 -74.35
CA VAL F 199 -31.56 51.69 -75.67
C VAL F 199 -32.93 51.91 -76.30
N PRO F 200 -33.03 51.96 -77.63
CA PRO F 200 -34.33 52.12 -78.28
C PRO F 200 -35.12 50.83 -78.27
N ASP F 201 -36.38 50.93 -78.71
CA ASP F 201 -37.29 49.79 -78.75
C ASP F 201 -37.21 49.09 -80.12
N ARG F 202 -36.02 48.56 -80.41
CA ARG F 202 -35.77 47.85 -81.65
C ARG F 202 -35.13 46.49 -81.48
N PHE F 203 -34.54 46.19 -80.32
CA PHE F 203 -33.91 44.89 -80.09
C PHE F 203 -34.96 43.90 -79.61
N SER F 204 -34.94 42.69 -80.17
CA SER F 204 -35.87 41.64 -79.77
C SER F 204 -35.07 40.35 -79.61
N GLY F 205 -34.93 39.88 -78.38
CA GLY F 205 -34.17 38.68 -78.08
C GLY F 205 -35.11 37.51 -77.79
N SER F 206 -34.72 36.33 -78.28
CA SER F 206 -35.53 35.13 -78.07
C SER F 206 -34.61 33.92 -78.26
N GLY F 207 -35.22 32.73 -78.30
CA GLY F 207 -34.50 31.49 -78.48
C GLY F 207 -34.83 30.48 -77.42
N SER F 208 -34.24 29.30 -77.56
CA SER F 208 -34.45 28.21 -76.63
C SER F 208 -33.41 28.29 -75.51
N GLY F 209 -33.31 27.24 -74.69
CA GLY F 209 -32.36 27.23 -73.59
C GLY F 209 -30.92 27.10 -74.03
N THR F 210 -30.67 26.58 -75.23
CA THR F 210 -29.31 26.40 -75.74
C THR F 210 -28.93 27.52 -76.71
N ALA F 211 -29.73 27.74 -77.74
CA ALA F 211 -29.44 28.75 -78.75
C ALA F 211 -30.23 30.02 -78.47
N PHE F 212 -29.62 31.16 -78.82
CA PHE F 212 -30.23 32.47 -78.62
C PHE F 212 -30.13 33.26 -79.91
N THR F 213 -31.10 34.15 -80.12
CA THR F 213 -31.14 35.00 -81.29
C THR F 213 -31.60 36.40 -80.89
N LEU F 214 -31.19 37.39 -81.67
CA LEU F 214 -31.50 38.78 -81.41
C LEU F 214 -31.73 39.48 -82.74
N THR F 215 -32.93 40.02 -82.92
CA THR F 215 -33.31 40.73 -84.14
C THR F 215 -33.27 42.24 -83.89
N ILE F 216 -32.73 42.97 -84.85
CA ILE F 216 -32.63 44.42 -84.80
C ILE F 216 -33.22 44.96 -86.10
N SER F 217 -34.34 45.66 -85.99
CA SER F 217 -35.01 46.27 -87.13
C SER F 217 -34.91 47.78 -87.04
N ARG F 218 -34.90 48.44 -88.20
CA ARG F 218 -34.78 49.89 -88.30
C ARG F 218 -33.51 50.38 -87.61
N LEU F 219 -32.37 49.94 -88.15
CA LEU F 219 -31.07 50.28 -87.58
C LEU F 219 -30.81 51.77 -87.71
N GLU F 220 -29.90 52.26 -86.88
CA GLU F 220 -29.50 53.66 -86.85
C GLU F 220 -28.00 53.77 -87.13
N ALA F 221 -27.51 55.01 -87.12
CA ALA F 221 -26.11 55.26 -87.38
C ALA F 221 -25.25 54.89 -86.18
N GLU F 222 -23.93 54.91 -86.38
CA GLU F 222 -22.95 54.60 -85.35
C GLU F 222 -23.13 53.18 -84.79
N ASP F 223 -23.68 52.28 -85.61
CA ASP F 223 -23.88 50.89 -85.21
C ASP F 223 -22.71 50.03 -85.70
N VAL F 224 -21.51 50.39 -85.24
CA VAL F 224 -20.29 49.70 -85.62
C VAL F 224 -19.67 48.94 -84.45
N GLY F 225 -20.31 48.95 -83.29
CA GLY F 225 -19.76 48.25 -82.15
C GLY F 225 -19.84 46.73 -82.30
N VAL F 226 -18.99 46.05 -81.54
CA VAL F 226 -18.94 44.60 -81.52
C VAL F 226 -19.88 44.08 -80.44
N TYR F 227 -20.57 42.98 -80.73
CA TYR F 227 -21.52 42.40 -79.80
C TYR F 227 -20.87 41.31 -78.97
N TYR F 228 -21.23 41.27 -77.68
CA TYR F 228 -20.71 40.28 -76.75
C TYR F 228 -21.85 39.76 -75.89
N CYS F 229 -21.73 38.50 -75.48
CA CYS F 229 -22.74 37.83 -74.69
C CYS F 229 -22.15 37.45 -73.33
N MET F 230 -23.04 37.32 -72.34
CA MET F 230 -22.61 37.01 -70.98
C MET F 230 -23.68 36.18 -70.28
N GLN F 231 -23.25 35.17 -69.53
CA GLN F 231 -24.14 34.32 -68.75
C GLN F 231 -23.81 34.46 -67.27
N HIS F 232 -24.83 34.44 -66.43
CA HIS F 232 -24.66 34.60 -64.98
C HIS F 232 -25.25 33.42 -64.23
N LEU F 233 -25.02 32.20 -64.73
CA LEU F 233 -25.47 31.01 -64.02
C LEU F 233 -24.49 30.60 -62.92
N GLU F 234 -23.20 30.87 -63.11
CA GLU F 234 -22.18 30.49 -62.15
C GLU F 234 -21.24 31.68 -61.93
N TYR F 235 -20.26 31.48 -61.04
CA TYR F 235 -19.27 32.53 -60.77
C TYR F 235 -18.43 32.88 -62.00
N PRO F 236 -17.86 31.93 -62.75
CA PRO F 236 -17.05 32.32 -63.91
C PRO F 236 -17.89 33.04 -64.96
N LEU F 237 -17.40 34.19 -65.40
CA LEU F 237 -18.07 35.03 -66.39
C LEU F 237 -17.16 35.16 -67.60
N THR F 238 -17.53 34.51 -68.70
CA THR F 238 -16.73 34.51 -69.92
C THR F 238 -17.53 35.17 -71.03
N PHE F 239 -16.91 36.16 -71.68
CA PHE F 239 -17.57 36.88 -72.76
C PHE F 239 -17.40 36.16 -74.11
N GLY F 240 -16.22 35.61 -74.35
CA GLY F 240 -15.94 34.91 -75.58
C GLY F 240 -15.04 35.70 -76.52
N ALA F 241 -15.04 35.27 -77.78
CA ALA F 241 -14.21 35.92 -78.79
C ALA F 241 -14.79 37.27 -79.20
N GLY F 242 -16.02 37.26 -79.72
CA GLY F 242 -16.67 38.49 -80.14
C GLY F 242 -17.10 38.47 -81.58
N THR F 243 -18.33 38.92 -81.85
CA THR F 243 -18.88 38.99 -83.20
C THR F 243 -18.92 40.44 -83.62
N LYS F 244 -17.98 40.84 -84.48
CA LYS F 244 -17.88 42.22 -84.93
C LYS F 244 -18.78 42.45 -86.14
N LEU F 245 -19.24 43.69 -86.27
CA LEU F 245 -20.10 44.11 -87.38
C LEU F 245 -19.41 45.19 -88.18
N GLU F 246 -19.46 45.07 -89.49
CA GLU F 246 -18.83 46.02 -90.40
C GLU F 246 -19.90 46.93 -91.01
N LEU F 247 -19.47 47.81 -91.90
CA LEU F 247 -20.36 48.74 -92.57
C LEU F 247 -21.12 48.05 -93.71
N VAL G 2 44.74 -34.11 41.94
CA VAL G 2 45.40 -33.45 43.06
C VAL G 2 45.77 -34.46 44.13
N GLN G 3 46.99 -34.35 44.65
CA GLN G 3 47.48 -35.22 45.71
C GLN G 3 47.47 -34.47 47.04
N LEU G 4 47.26 -35.23 48.12
CA LEU G 4 47.11 -34.67 49.45
C LEU G 4 48.22 -35.21 50.35
N VAL G 5 48.85 -34.32 51.12
CA VAL G 5 49.85 -34.69 52.10
C VAL G 5 49.41 -34.20 53.46
N GLN G 6 49.76 -34.95 54.50
CA GLN G 6 49.32 -34.65 55.86
C GLN G 6 50.51 -34.62 56.80
N SER G 7 50.34 -33.89 57.90
CA SER G 7 51.37 -33.77 58.92
C SER G 7 50.75 -33.31 60.22
N GLY G 8 51.49 -33.49 61.31
CA GLY G 8 51.03 -33.08 62.62
C GLY G 8 50.43 -34.21 63.43
N GLY G 9 51.09 -35.37 63.44
CA GLY G 9 50.61 -36.52 64.16
C GLY G 9 50.51 -36.30 65.65
N GLY G 10 51.65 -36.13 66.31
CA GLY G 10 51.68 -35.86 67.74
C GLY G 10 51.29 -37.04 68.60
N LEU G 11 51.56 -36.95 69.90
CA LEU G 11 51.21 -38.00 70.84
C LEU G 11 51.05 -37.37 72.22
N VAL G 12 49.80 -37.23 72.67
CA VAL G 12 49.48 -36.64 73.95
C VAL G 12 48.22 -37.31 74.50
N GLN G 13 47.92 -37.05 75.77
CA GLN G 13 46.75 -37.62 76.42
C GLN G 13 45.52 -36.76 76.10
N ALA G 14 44.42 -37.03 76.79
CA ALA G 14 43.20 -36.26 76.57
C ALA G 14 43.34 -34.85 77.12
N GLY G 15 42.69 -33.91 76.45
CA GLY G 15 42.75 -32.51 76.84
C GLY G 15 43.89 -31.72 76.24
N GLY G 16 44.67 -32.32 75.33
CA GLY G 16 45.78 -31.62 74.70
C GLY G 16 45.39 -30.96 73.40
N SER G 17 46.36 -30.30 72.79
CA SER G 17 46.18 -29.58 71.53
C SER G 17 46.97 -30.26 70.43
N LEU G 18 46.38 -30.33 69.24
CA LEU G 18 47.03 -30.92 68.08
C LEU G 18 46.75 -30.06 66.87
N ARG G 19 47.67 -30.10 65.90
CA ARG G 19 47.61 -29.28 64.69
C ARG G 19 47.70 -30.21 63.48
N LEU G 20 46.55 -30.61 62.94
CA LEU G 20 46.49 -31.47 61.77
C LEU G 20 46.58 -30.59 60.52
N SER G 21 47.72 -30.61 59.85
CA SER G 21 47.92 -29.84 58.63
C SER G 21 47.80 -30.76 57.42
N CYS G 22 47.15 -30.27 56.37
CA CYS G 22 46.99 -31.05 55.14
C CYS G 22 47.14 -30.12 53.95
N ALA G 23 48.17 -30.37 53.14
CA ALA G 23 48.47 -29.55 51.97
C ALA G 23 48.20 -30.33 50.70
N ALA G 24 48.16 -29.60 49.59
CA ALA G 24 47.89 -30.19 48.29
C ALA G 24 48.62 -29.40 47.22
N SER G 25 48.55 -29.89 45.99
CA SER G 25 49.14 -29.24 44.83
C SER G 25 48.03 -28.69 43.93
N VAL G 26 48.19 -27.45 43.49
CA VAL G 26 47.13 -26.78 42.75
C VAL G 26 46.96 -27.39 41.37
N ARG G 27 48.01 -27.38 40.55
CA ARG G 27 47.97 -27.86 39.17
C ARG G 27 46.78 -27.27 38.42
N PHE G 28 46.66 -25.93 38.49
CA PHE G 28 45.58 -25.14 37.90
C PHE G 28 44.21 -25.75 38.11
N PHE G 29 44.00 -26.42 39.25
CA PHE G 29 42.72 -27.01 39.61
C PHE G 29 42.06 -26.15 40.67
N SER G 30 40.78 -25.84 40.47
CA SER G 30 40.03 -25.00 41.40
C SER G 30 39.36 -25.90 42.42
N ILE G 31 40.05 -26.13 43.54
CA ILE G 31 39.50 -26.92 44.64
C ILE G 31 38.41 -26.08 45.30
N ASN G 32 37.15 -26.44 45.09
CA ASN G 32 36.04 -25.65 45.58
C ASN G 32 35.67 -25.96 47.02
N THR G 33 36.05 -27.13 47.53
CA THR G 33 35.69 -27.53 48.88
C THR G 33 36.81 -28.42 49.43
N MET G 34 37.08 -28.27 50.72
CA MET G 34 38.15 -29.02 51.36
C MET G 34 37.78 -29.27 52.82
N GLY G 35 37.91 -30.52 53.25
CA GLY G 35 37.52 -30.88 54.60
C GLY G 35 38.20 -32.11 55.15
N TRP G 36 37.67 -32.63 56.26
CA TRP G 36 38.23 -33.78 56.95
C TRP G 36 37.15 -34.81 57.21
N TYR G 37 37.57 -36.07 57.27
CA TYR G 37 36.70 -37.18 57.64
C TYR G 37 37.44 -38.06 58.63
N ARG G 38 36.69 -38.78 59.46
CA ARG G 38 37.26 -39.72 60.41
C ARG G 38 36.56 -41.06 60.28
N GLN G 39 37.34 -42.13 60.30
CA GLN G 39 36.77 -43.47 60.19
C GLN G 39 37.80 -44.49 60.67
N ALA G 40 37.34 -45.74 60.78
CA ALA G 40 38.17 -46.87 61.14
C ALA G 40 38.21 -47.85 59.97
N PRO G 41 39.28 -48.66 59.87
CA PRO G 41 39.37 -49.63 58.76
C PRO G 41 38.20 -50.61 58.77
N GLY G 42 37.38 -50.54 57.73
CA GLY G 42 36.22 -51.41 57.62
C GLY G 42 34.91 -50.80 58.07
N LYS G 43 34.86 -49.50 58.31
CA LYS G 43 33.67 -48.82 58.77
C LYS G 43 33.29 -47.72 57.77
N GLN G 44 32.28 -46.93 58.11
CA GLN G 44 31.81 -45.85 57.28
C GLN G 44 32.46 -44.52 57.70
N ARG G 45 32.68 -43.65 56.72
CA ARG G 45 33.29 -42.37 56.97
C ARG G 45 32.29 -41.41 57.63
N GLU G 46 32.82 -40.45 58.39
CA GLU G 46 31.99 -39.47 59.08
C GLU G 46 32.68 -38.11 58.99
N LEU G 47 31.92 -37.10 58.57
CA LEU G 47 32.45 -35.76 58.41
C LEU G 47 32.54 -35.04 59.75
N VAL G 48 33.62 -34.29 59.94
CA VAL G 48 33.81 -33.50 61.15
C VAL G 48 34.08 -32.04 60.88
N ALA G 49 34.60 -31.66 59.72
CA ALA G 49 34.90 -30.26 59.42
C ALA G 49 35.03 -30.12 57.91
N ASP G 50 34.64 -28.95 57.40
CA ASP G 50 34.68 -28.72 55.96
C ASP G 50 34.53 -27.22 55.70
N ILE G 51 35.28 -26.72 54.71
CA ILE G 51 35.18 -25.34 54.26
C ILE G 51 35.09 -25.33 52.74
N THR G 52 34.13 -24.58 52.21
CA THR G 52 33.93 -24.45 50.77
C THR G 52 34.67 -23.25 50.17
N SER G 53 35.73 -22.78 50.84
CA SER G 53 36.59 -21.70 50.34
C SER G 53 35.81 -20.42 50.08
N SER G 54 34.68 -20.22 50.77
CA SER G 54 33.93 -18.98 50.61
C SER G 54 33.38 -18.48 51.95
N GLY G 55 34.02 -18.84 53.07
CA GLY G 55 33.59 -18.44 54.38
C GLY G 55 32.59 -19.37 55.02
N SER G 56 31.80 -20.09 54.23
CA SER G 56 30.82 -21.03 54.76
C SER G 56 31.53 -22.30 55.21
N THR G 57 31.33 -22.69 56.47
CA THR G 57 31.95 -23.87 57.03
C THR G 57 30.88 -24.80 57.58
N ASN G 58 31.21 -26.08 57.63
CA ASN G 58 30.33 -27.11 58.17
C ASN G 58 31.12 -27.98 59.14
N TYR G 59 30.41 -28.47 60.16
CA TYR G 59 31.03 -29.32 61.18
C TYR G 59 30.24 -30.61 61.36
N ALA G 60 30.60 -31.39 62.37
CA ALA G 60 29.91 -32.63 62.64
C ALA G 60 28.63 -32.37 63.44
N ASP G 61 27.83 -33.42 63.61
CA ASP G 61 26.60 -33.29 64.39
C ASP G 61 26.89 -33.14 65.87
N SER G 62 28.02 -33.68 66.34
CA SER G 62 28.41 -33.57 67.74
C SER G 62 29.72 -32.80 67.93
N GLY G 63 30.22 -32.16 66.88
CA GLY G 63 31.46 -31.41 66.97
C GLY G 63 31.34 -29.99 66.43
N LYS G 64 30.18 -29.37 66.65
CA LYS G 64 29.98 -28.00 66.16
C LYS G 64 30.88 -27.01 66.90
N GLY G 65 30.99 -27.15 68.22
CA GLY G 65 31.84 -26.28 69.01
C GLY G 65 33.30 -26.65 69.05
N ARG G 66 33.67 -27.78 68.44
CA ARG G 66 35.05 -28.24 68.40
C ARG G 66 35.50 -28.35 66.93
N PHE G 67 36.71 -28.87 66.75
CA PHE G 67 37.28 -29.12 65.42
C PHE G 67 37.34 -27.83 64.59
N THR G 68 38.10 -26.86 65.09
CA THR G 68 38.28 -25.59 64.40
C THR G 68 39.12 -25.81 63.15
N ILE G 69 38.49 -25.64 61.99
CA ILE G 69 39.15 -25.84 60.70
C ILE G 69 39.36 -24.49 60.03
N SER G 70 40.53 -24.32 59.42
CA SER G 70 40.86 -23.08 58.72
C SER G 70 41.63 -23.43 57.45
N ARG G 71 41.14 -22.97 56.31
CA ARG G 71 41.75 -23.26 55.02
C ARG G 71 42.33 -22.00 54.39
N ASP G 72 43.28 -22.20 53.49
CA ASP G 72 43.93 -21.12 52.76
C ASP G 72 43.79 -21.36 51.26
N ASN G 73 43.64 -20.28 50.51
CA ASN G 73 43.51 -20.36 49.05
C ASN G 73 44.82 -20.14 48.32
N ALA G 74 45.78 -19.46 48.94
CA ALA G 74 47.07 -19.23 48.28
C ALA G 74 47.94 -20.48 48.33
N LYS G 75 48.07 -21.08 49.52
CA LYS G 75 48.87 -22.29 49.69
C LYS G 75 48.07 -23.57 49.51
N ASN G 76 46.74 -23.48 49.44
CA ASN G 76 45.86 -24.63 49.24
C ASN G 76 46.08 -25.68 50.35
N THR G 77 45.94 -25.24 51.59
CA THR G 77 46.18 -26.10 52.73
C THR G 77 45.16 -25.83 53.82
N VAL G 78 44.84 -26.89 54.58
CA VAL G 78 43.88 -26.82 55.67
C VAL G 78 44.60 -27.14 56.98
N TYR G 79 44.10 -26.55 58.06
CA TYR G 79 44.62 -26.79 59.40
C TYR G 79 43.45 -27.02 60.35
N LEU G 80 43.49 -28.14 61.07
CA LEU G 80 42.46 -28.50 62.04
C LEU G 80 43.07 -28.54 63.42
N GLN G 81 42.32 -28.03 64.40
CA GLN G 81 42.77 -27.94 65.78
C GLN G 81 42.00 -28.92 66.66
N MET G 82 42.66 -29.37 67.74
CA MET G 82 42.07 -30.26 68.73
C MET G 82 42.03 -29.52 70.05
N ASN G 83 40.89 -28.88 70.33
CA ASN G 83 40.74 -28.13 71.58
C ASN G 83 40.69 -29.09 72.77
N ARG G 84 39.71 -29.99 72.78
CA ARG G 84 39.54 -30.97 73.85
C ARG G 84 39.51 -32.36 73.22
N LEU G 85 40.39 -33.24 73.67
CA LEU G 85 40.48 -34.59 73.15
C LEU G 85 39.53 -35.53 73.90
N LYS G 86 38.96 -36.48 73.18
CA LYS G 86 38.04 -37.45 73.74
C LYS G 86 38.53 -38.87 73.47
N PRO G 87 38.24 -39.82 74.36
CA PRO G 87 38.67 -41.20 74.13
C PRO G 87 38.03 -41.85 72.91
N GLU G 88 36.90 -41.34 72.45
CA GLU G 88 36.21 -41.88 71.27
C GLU G 88 36.79 -41.35 69.97
N ASP G 89 37.86 -40.56 70.02
CA ASP G 89 38.50 -40.01 68.83
C ASP G 89 39.68 -40.85 68.36
N THR G 90 39.63 -42.16 68.60
CA THR G 90 40.72 -43.05 68.19
C THR G 90 40.69 -43.39 66.70
N ALA G 91 39.65 -42.96 65.99
CA ALA G 91 39.58 -43.23 64.56
C ALA G 91 40.63 -42.42 63.81
N VAL G 92 40.97 -42.89 62.61
CA VAL G 92 41.98 -42.25 61.78
C VAL G 92 41.31 -41.22 60.88
N TYR G 93 42.05 -40.14 60.59
CA TYR G 93 41.53 -39.01 59.85
C TYR G 93 42.07 -39.00 58.43
N TYR G 94 41.31 -38.36 57.54
CA TYR G 94 41.67 -38.24 56.14
C TYR G 94 41.15 -36.91 55.62
N CYS G 95 42.04 -36.11 55.04
CA CYS G 95 41.64 -34.82 54.46
C CYS G 95 41.28 -35.01 53.00
N HIS G 96 40.16 -34.42 52.59
CA HIS G 96 39.66 -34.55 51.23
C HIS G 96 39.52 -33.17 50.59
N ALA G 97 39.67 -33.14 49.27
CA ALA G 97 39.53 -31.93 48.48
C ALA G 97 38.76 -32.27 47.22
N ASP G 98 37.73 -31.48 46.92
CA ASP G 98 36.87 -31.72 45.77
C ASP G 98 37.35 -30.91 44.57
N TYR G 99 37.56 -31.60 43.45
CA TYR G 99 37.94 -30.97 42.20
C TYR G 99 36.95 -31.40 41.12
N LYS G 100 36.55 -30.46 40.27
CA LYS G 100 35.54 -30.67 39.24
C LYS G 100 36.19 -30.51 37.87
N TYR G 101 36.64 -31.63 37.29
CA TYR G 101 37.14 -31.67 35.91
C TYR G 101 36.45 -32.83 35.21
N THR G 102 35.23 -32.57 34.72
CA THR G 102 34.42 -33.54 33.99
C THR G 102 34.06 -34.77 34.82
N THR G 103 34.47 -34.79 36.10
CA THR G 103 34.24 -35.95 36.94
C THR G 103 33.73 -35.64 38.34
N HIS G 104 33.90 -34.41 38.85
CA HIS G 104 33.47 -34.04 40.21
C HIS G 104 34.08 -34.95 41.27
N ASN G 105 35.27 -35.48 41.01
CA ASN G 105 35.87 -36.45 41.90
C ASN G 105 36.41 -35.77 43.15
N THR G 106 36.70 -36.58 44.16
CA THR G 106 37.25 -36.12 45.44
C THR G 106 38.53 -36.89 45.73
N ALA G 107 39.61 -36.16 46.02
CA ALA G 107 40.90 -36.76 46.30
C ALA G 107 41.16 -36.74 47.80
N TRP G 108 41.64 -37.86 48.32
CA TRP G 108 41.95 -38.03 49.74
C TRP G 108 43.47 -38.05 49.94
N GLY G 109 43.87 -38.26 51.19
CA GLY G 109 45.26 -38.31 51.57
C GLY G 109 45.58 -39.57 52.34
N GLN G 110 46.62 -39.48 53.15
CA GLN G 110 47.04 -40.58 54.01
C GLN G 110 46.46 -40.41 55.41
N GLY G 111 46.47 -41.51 56.17
CA GLY G 111 45.88 -41.52 57.50
C GLY G 111 46.90 -41.16 58.57
N THR G 112 46.47 -40.30 59.49
CA THR G 112 47.27 -39.89 60.65
C THR G 112 46.54 -40.36 61.90
N GLN G 113 46.89 -41.56 62.36
CA GLN G 113 46.26 -42.13 63.54
C GLN G 113 46.64 -41.34 64.78
N VAL G 114 45.65 -40.93 65.55
CA VAL G 114 45.87 -40.20 66.79
C VAL G 114 45.49 -41.11 67.96
N THR G 115 46.08 -40.83 69.12
CA THR G 115 45.85 -41.62 70.33
C THR G 115 45.60 -40.67 71.49
N VAL G 116 44.48 -40.87 72.18
CA VAL G 116 44.11 -40.08 73.34
C VAL G 116 44.00 -41.02 74.53
N SER G 117 44.81 -40.78 75.56
CA SER G 117 44.83 -41.60 76.77
C SER G 117 44.12 -40.87 77.91
N SER G 118 44.14 -41.49 79.08
CA SER G 118 43.50 -40.93 80.26
C SER G 118 44.49 -40.07 81.05
N VAL H 2 26.34 -55.52 16.17
CA VAL H 2 25.62 -56.58 15.49
C VAL H 2 26.60 -57.65 15.00
N GLN H 3 26.10 -58.85 14.77
CA GLN H 3 26.90 -59.96 14.28
C GLN H 3 26.65 -60.17 12.79
N LEU H 4 27.72 -60.43 12.05
CA LEU H 4 27.65 -60.60 10.61
C LEU H 4 27.99 -62.05 10.27
N VAL H 5 27.02 -62.78 9.73
CA VAL H 5 27.22 -64.15 9.30
C VAL H 5 27.38 -64.16 7.79
N GLN H 6 28.21 -65.09 7.30
CA GLN H 6 28.52 -65.18 5.88
C GLN H 6 28.36 -66.61 5.40
N SER H 7 28.01 -66.75 4.12
CA SER H 7 27.83 -68.06 3.51
C SER H 7 28.16 -67.96 2.03
N GLY H 8 28.47 -69.11 1.43
CA GLY H 8 28.74 -69.18 0.01
C GLY H 8 30.20 -68.97 -0.34
N GLY H 9 31.08 -69.74 0.28
CA GLY H 9 32.50 -69.65 -0.01
C GLY H 9 32.82 -70.08 -1.43
N GLY H 10 32.64 -71.37 -1.72
CA GLY H 10 32.81 -71.88 -3.06
C GLY H 10 34.24 -72.00 -3.52
N LEU H 11 34.50 -73.01 -4.36
CA LEU H 11 35.82 -73.23 -4.98
C LEU H 11 35.58 -73.41 -6.48
N VAL H 12 35.62 -72.30 -7.21
CA VAL H 12 35.35 -72.30 -8.65
C VAL H 12 36.60 -71.83 -9.39
N GLN H 13 36.63 -72.12 -10.68
CA GLN H 13 37.75 -71.74 -11.52
C GLN H 13 37.50 -70.36 -12.12
N ALA H 14 38.34 -69.95 -13.07
CA ALA H 14 38.19 -68.65 -13.70
C ALA H 14 37.00 -68.64 -14.65
N GLY H 15 36.23 -67.56 -14.60
CA GLY H 15 35.08 -67.40 -15.47
C GLY H 15 33.81 -68.05 -14.97
N GLY H 16 33.79 -68.54 -13.72
CA GLY H 16 32.62 -69.19 -13.18
C GLY H 16 31.73 -68.23 -12.41
N SER H 17 30.61 -68.77 -11.94
CA SER H 17 29.63 -68.01 -11.16
C SER H 17 29.71 -68.41 -9.69
N LEU H 18 29.44 -67.44 -8.82
CA LEU H 18 29.53 -67.66 -7.39
C LEU H 18 28.64 -66.64 -6.67
N ARG H 19 28.06 -67.07 -5.55
CA ARG H 19 27.15 -66.24 -4.77
C ARG H 19 27.63 -66.21 -3.33
N LEU H 20 27.96 -65.02 -2.83
CA LEU H 20 28.40 -64.83 -1.45
C LEU H 20 27.34 -64.00 -0.72
N SER H 21 26.72 -64.60 0.29
CA SER H 21 25.68 -63.95 1.06
C SER H 21 26.21 -63.54 2.43
N CYS H 22 25.75 -62.38 2.90
CA CYS H 22 26.14 -61.86 4.21
C CYS H 22 24.90 -61.31 4.89
N ALA H 23 24.53 -61.91 6.02
CA ALA H 23 23.35 -61.52 6.77
C ALA H 23 23.77 -60.98 8.13
N ALA H 24 22.82 -60.34 8.81
CA ALA H 24 23.07 -59.74 10.10
C ALA H 24 21.81 -59.79 10.95
N SER H 25 21.94 -59.39 12.21
CA SER H 25 20.81 -59.30 13.13
C SER H 25 20.38 -57.84 13.25
N VAL H 26 19.06 -57.63 13.24
CA VAL H 26 18.53 -56.27 13.30
C VAL H 26 18.80 -55.65 14.67
N ARG H 27 18.24 -56.23 15.72
CA ARG H 27 18.39 -55.73 17.08
C ARG H 27 18.01 -54.26 17.18
N PHE H 28 16.88 -53.91 16.53
CA PHE H 28 16.36 -52.55 16.43
C PHE H 28 17.45 -51.51 16.15
N PHE H 29 18.47 -51.91 15.39
CA PHE H 29 19.54 -51.02 15.00
C PHE H 29 19.40 -50.65 13.53
N SER H 30 19.66 -49.37 13.23
CA SER H 30 19.53 -48.87 11.86
C SER H 30 20.89 -48.98 11.18
N ILE H 31 21.15 -50.14 10.57
CA ILE H 31 22.38 -50.35 9.81
C ILE H 31 22.29 -49.51 8.55
N ASN H 32 23.10 -48.45 8.48
CA ASN H 32 22.99 -47.48 7.39
C ASN H 32 23.89 -47.80 6.20
N THR H 33 24.86 -48.70 6.36
CA THR H 33 25.75 -49.04 5.26
C THR H 33 26.23 -50.47 5.44
N MET H 34 26.27 -51.23 4.34
CA MET H 34 26.73 -52.61 4.37
C MET H 34 27.45 -52.91 3.07
N GLY H 35 28.66 -53.46 3.17
CA GLY H 35 29.46 -53.74 2.00
C GLY H 35 30.38 -54.94 2.17
N TRP H 36 31.34 -55.09 1.27
CA TRP H 36 32.28 -56.21 1.29
C TRP H 36 33.71 -55.70 1.26
N TYR H 37 34.63 -56.55 1.72
CA TYR H 37 36.04 -56.22 1.77
C TYR H 37 36.84 -57.48 1.44
N ARG H 38 38.08 -57.28 0.98
CA ARG H 38 39.00 -58.38 0.74
C ARG H 38 40.38 -58.00 1.27
N GLN H 39 41.09 -58.99 1.81
CA GLN H 39 42.43 -58.77 2.33
C GLN H 39 43.10 -60.13 2.53
N ALA H 40 44.42 -60.08 2.67
CA ALA H 40 45.25 -61.24 2.96
C ALA H 40 45.72 -61.20 4.40
N PRO H 41 46.00 -62.36 5.01
CA PRO H 41 46.48 -62.36 6.40
C PRO H 41 47.77 -61.58 6.58
N GLY H 42 47.70 -60.49 7.34
CA GLY H 42 48.85 -59.65 7.57
C GLY H 42 49.02 -58.49 6.62
N LYS H 43 47.96 -58.10 5.91
CA LYS H 43 48.01 -57.02 4.93
C LYS H 43 46.84 -56.07 5.17
N GLN H 44 46.77 -55.03 4.34
CA GLN H 44 45.70 -54.05 4.42
C GLN H 44 44.45 -54.57 3.71
N ARG H 45 43.31 -53.96 4.05
CA ARG H 45 42.03 -54.35 3.48
C ARG H 45 41.66 -53.41 2.33
N GLU H 46 40.95 -53.97 1.35
CA GLU H 46 40.49 -53.22 0.19
C GLU H 46 39.00 -53.40 0.01
N LEU H 47 38.31 -52.30 -0.25
CA LEU H 47 36.89 -52.33 -0.55
C LEU H 47 36.65 -52.83 -1.97
N VAL H 48 35.61 -53.63 -2.15
CA VAL H 48 35.30 -54.19 -3.47
C VAL H 48 33.89 -53.80 -3.89
N ALA H 49 33.03 -53.53 -2.92
CA ALA H 49 31.63 -53.23 -3.19
C ALA H 49 30.98 -52.70 -1.92
N ASP H 50 30.08 -51.73 -2.09
CA ASP H 50 29.38 -51.18 -0.94
C ASP H 50 28.07 -50.54 -1.38
N ILE H 51 27.08 -50.60 -0.50
CA ILE H 51 25.78 -49.96 -0.70
C ILE H 51 25.40 -49.24 0.58
N THR H 52 24.98 -47.98 0.46
CA THR H 52 24.58 -47.18 1.61
C THR H 52 23.10 -47.31 1.93
N SER H 53 22.44 -48.36 1.44
CA SER H 53 21.01 -48.60 1.65
C SER H 53 20.13 -47.48 1.12
N SER H 54 20.66 -46.67 0.19
CA SER H 54 19.88 -45.60 -0.40
C SER H 54 20.08 -45.46 -1.90
N GLY H 55 20.85 -46.34 -2.53
CA GLY H 55 21.09 -46.30 -3.96
C GLY H 55 22.52 -46.01 -4.35
N SER H 56 23.27 -45.30 -3.51
CA SER H 56 24.67 -44.98 -3.80
C SER H 56 25.51 -46.24 -3.65
N THR H 57 26.04 -46.75 -4.76
CA THR H 57 26.82 -47.97 -4.78
C THR H 57 28.18 -47.70 -5.40
N ASN H 58 29.24 -48.09 -4.72
CA ASN H 58 30.60 -47.91 -5.21
C ASN H 58 31.36 -49.23 -5.14
N TYR H 59 32.38 -49.33 -6.00
CA TYR H 59 33.20 -50.53 -6.13
C TYR H 59 34.67 -50.18 -6.06
N ALA H 60 35.54 -51.15 -6.36
CA ALA H 60 36.96 -50.89 -6.41
C ALA H 60 37.36 -50.33 -7.77
N ASP H 61 38.62 -49.89 -7.87
CA ASP H 61 39.11 -49.32 -9.12
C ASP H 61 39.23 -50.37 -10.23
N SER H 62 39.37 -51.64 -9.87
CA SER H 62 39.47 -52.71 -10.84
C SER H 62 38.22 -53.58 -10.91
N GLY H 63 37.17 -53.21 -10.18
CA GLY H 63 35.94 -53.98 -10.19
C GLY H 63 34.71 -53.14 -10.45
N LYS H 64 34.84 -52.14 -11.32
CA LYS H 64 33.72 -51.28 -11.65
C LYS H 64 32.60 -52.05 -12.34
N GLY H 65 32.94 -52.80 -13.37
CA GLY H 65 31.98 -53.62 -14.09
C GLY H 65 31.73 -54.99 -13.51
N ARG H 66 32.40 -55.32 -12.41
CA ARG H 66 32.26 -56.62 -11.75
C ARG H 66 31.67 -56.44 -10.36
N PHE H 67 31.55 -57.55 -9.63
CA PHE H 67 31.07 -57.57 -8.25
C PHE H 67 29.67 -56.96 -8.14
N THR H 68 28.72 -57.61 -8.81
CA THR H 68 27.33 -57.19 -8.73
C THR H 68 26.76 -57.52 -7.35
N ILE H 69 26.17 -56.52 -6.70
CA ILE H 69 25.67 -56.67 -5.34
C ILE H 69 24.21 -56.29 -5.29
N SER H 70 23.48 -56.91 -4.35
CA SER H 70 22.07 -56.64 -4.15
C SER H 70 21.75 -56.77 -2.67
N ARG H 71 21.06 -55.77 -2.12
CA ARG H 71 20.68 -55.80 -0.72
C ARG H 71 19.25 -55.30 -0.56
N ASP H 72 18.69 -55.54 0.63
CA ASP H 72 17.34 -55.11 0.95
C ASP H 72 17.31 -54.69 2.41
N ASN H 73 16.52 -53.66 2.71
CA ASN H 73 16.43 -53.13 4.06
C ASN H 73 15.51 -53.96 4.96
N ALA H 74 14.89 -55.01 4.44
CA ALA H 74 14.00 -55.84 5.25
C ALA H 74 14.78 -56.84 6.08
N LYS H 75 15.58 -57.69 5.42
CA LYS H 75 16.35 -58.72 6.10
C LYS H 75 17.79 -58.29 6.39
N ASN H 76 18.22 -57.14 5.86
CA ASN H 76 19.59 -56.65 6.06
C ASN H 76 20.63 -57.66 5.58
N THR H 77 20.44 -58.15 4.35
CA THR H 77 21.31 -59.13 3.75
C THR H 77 21.87 -58.59 2.45
N VAL H 78 23.15 -58.85 2.21
CA VAL H 78 23.84 -58.40 0.99
C VAL H 78 24.33 -59.63 0.25
N TYR H 79 24.01 -59.70 -1.04
CA TYR H 79 24.44 -60.81 -1.90
C TYR H 79 25.36 -60.27 -2.99
N LEU H 80 26.53 -60.88 -3.11
CA LEU H 80 27.51 -60.52 -4.12
C LEU H 80 27.67 -61.67 -5.11
N GLN H 81 27.83 -61.33 -6.39
CA GLN H 81 28.00 -62.32 -7.44
C GLN H 81 29.35 -62.16 -8.10
N MET H 82 30.01 -63.30 -8.36
CA MET H 82 31.29 -63.31 -9.07
C MET H 82 31.01 -63.21 -10.57
N ASN H 83 31.11 -61.99 -11.12
CA ASN H 83 30.85 -61.80 -12.53
C ASN H 83 31.93 -62.44 -13.38
N ARG H 84 33.17 -61.96 -13.24
CA ARG H 84 34.31 -62.52 -13.95
C ARG H 84 35.40 -62.85 -12.93
N LEU H 85 35.82 -64.10 -12.90
CA LEU H 85 36.84 -64.55 -11.97
C LEU H 85 38.23 -64.39 -12.57
N LYS H 86 39.23 -64.36 -11.70
CA LYS H 86 40.62 -64.22 -12.09
C LYS H 86 41.49 -64.82 -11.00
N PRO H 87 42.72 -65.23 -11.33
CA PRO H 87 43.62 -65.77 -10.31
C PRO H 87 44.22 -64.74 -9.37
N GLU H 88 43.73 -63.50 -9.39
CA GLU H 88 44.28 -62.44 -8.56
C GLU H 88 43.48 -62.19 -7.29
N ASP H 89 42.26 -62.72 -7.18
CA ASP H 89 41.40 -62.51 -6.02
C ASP H 89 41.45 -63.68 -5.05
N THR H 90 42.62 -64.29 -4.88
CA THR H 90 42.77 -65.42 -3.97
C THR H 90 42.64 -65.03 -2.51
N ALA H 91 42.53 -63.74 -2.20
CA ALA H 91 42.41 -63.31 -0.82
C ALA H 91 41.05 -63.69 -0.24
N VAL H 92 40.98 -63.71 1.08
CA VAL H 92 39.76 -64.04 1.80
C VAL H 92 38.90 -62.77 1.90
N TYR H 93 37.60 -62.96 1.81
CA TYR H 93 36.64 -61.86 1.75
C TYR H 93 35.93 -61.69 3.09
N TYR H 94 35.47 -60.46 3.33
CA TYR H 94 34.71 -60.13 4.53
C TYR H 94 33.63 -59.14 4.16
N CYS H 95 32.58 -59.09 4.98
CA CYS H 95 31.50 -58.14 4.82
C CYS H 95 31.37 -57.31 6.09
N HIS H 96 31.08 -56.02 5.92
CA HIS H 96 31.01 -55.09 7.03
C HIS H 96 29.64 -54.43 7.05
N ALA H 97 29.23 -54.03 8.25
CA ALA H 97 27.97 -53.33 8.46
C ALA H 97 28.20 -52.11 9.33
N ASP H 98 27.67 -50.97 8.91
CA ASP H 98 27.83 -49.71 9.62
C ASP H 98 26.57 -49.43 10.44
N TYR H 99 26.75 -49.31 11.76
CA TYR H 99 25.68 -48.93 12.67
C TYR H 99 26.14 -47.74 13.48
N LYS H 100 25.26 -46.76 13.64
CA LYS H 100 25.58 -45.51 14.32
C LYS H 100 24.79 -45.47 15.63
N TYR H 101 25.41 -45.96 16.71
CA TYR H 101 24.87 -45.86 18.06
C TYR H 101 25.98 -45.34 18.97
N THR H 102 26.16 -44.02 18.99
CA THR H 102 27.11 -43.33 19.86
C THR H 102 28.57 -43.75 19.62
N THR H 103 28.81 -44.63 18.65
CA THR H 103 30.16 -45.11 18.40
C THR H 103 30.53 -45.02 16.92
N HIS H 104 29.53 -45.07 16.03
CA HIS H 104 29.75 -45.12 14.59
C HIS H 104 30.63 -46.30 14.19
N ASN H 105 30.55 -47.39 14.96
CA ASN H 105 31.44 -48.52 14.75
C ASN H 105 31.01 -49.36 13.56
N THR H 106 31.95 -50.13 13.03
CA THR H 106 31.72 -51.06 11.94
C THR H 106 31.85 -52.49 12.46
N ALA H 107 30.85 -53.32 12.18
CA ALA H 107 30.84 -54.71 12.59
C ALA H 107 31.21 -55.59 11.41
N TRP H 108 32.21 -56.45 11.59
CA TRP H 108 32.70 -57.32 10.54
C TRP H 108 32.17 -58.73 10.73
N GLY H 109 32.48 -59.60 9.77
CA GLY H 109 32.04 -60.98 9.84
C GLY H 109 33.17 -61.98 9.76
N GLN H 110 32.82 -63.26 9.63
CA GLN H 110 33.82 -64.31 9.54
C GLN H 110 34.47 -64.31 8.16
N GLY H 111 35.38 -65.26 7.95
CA GLY H 111 36.09 -65.36 6.69
C GLY H 111 35.44 -66.33 5.73
N THR H 112 35.46 -65.98 4.45
CA THR H 112 34.96 -66.83 3.38
C THR H 112 36.04 -66.97 2.32
N GLN H 113 36.47 -68.20 2.07
CA GLN H 113 37.60 -68.47 1.18
C GLN H 113 37.09 -68.49 -0.26
N VAL H 114 37.49 -67.48 -1.03
CA VAL H 114 37.13 -67.36 -2.44
C VAL H 114 38.44 -67.39 -3.23
N THR H 115 38.74 -68.53 -3.85
CA THR H 115 39.96 -68.69 -4.63
C THR H 115 39.61 -69.21 -6.01
N VAL H 116 40.32 -68.70 -7.02
CA VAL H 116 40.13 -69.11 -8.40
C VAL H 116 41.48 -69.57 -8.95
N SER H 117 41.53 -70.79 -9.45
CA SER H 117 42.75 -71.38 -9.99
C SER H 117 42.65 -71.47 -11.51
N SER H 118 43.67 -72.07 -12.11
CA SER H 118 43.73 -72.21 -13.57
C SER H 118 42.68 -73.20 -14.06
#